data_8FOH
#
_entry.id   8FOH
#
loop_
_entity.id
_entity.type
_entity.pdbx_description
1 polymer 'DNA polymerase'
2 polymer 'DNA primase'
3 polymer 'DNA primase large subunit'
4 polymer 'DNA polymerase alpha subunit B'
5 polymer 'template DNA'
6 polymer 'Primer RNA'
7 non-polymer 'IRON/SULFUR CLUSTER'
#
loop_
_entity_poly.entity_id
_entity_poly.type
_entity_poly.pdbx_seq_one_letter_code
_entity_poly.pdbx_strand_id
1 'polypeptide(L)'
;MSSKSEKLEKLRKLQAARNGTSIDDYEGDESDGDRIYDEIDEKEYRARKRQELLHDDFVVDDDGVGYVDRGVEEDWREVD
NSSSDEDTGNLASKDSKRKKNIKREKDHQITDMLRTQHSKSTLLAHAKKSQKKSIPIDNFDDILGEFESGEVEKPNILLP
SKLRENLNSSPTSEFKSSIKRVNGNDESSHDAGISKKVKIDPDSSTDKYLEIESSPLKLQSRKLRYANDVQDLLDDVENS
PVVATKRQNVLQDTLLANPPSAQSLADEEDDEDSDEDIILKRRTMRSVTTTRRVNIDSRSNPSTSPFVTAPGTPIGIKGL
TPSKSLQSNTDVATLAVNVKKEDVVDPETDTFQMFWLDYCEVNNTLILFGKVKLKDDNCVSAMVQINGLCRELFFLPREG
KTPTDIHEEIIPLLMDKYGLDNIRAKPQKMKYSFELPDIPSESDYLKVLLPYQTPKSSRDTIPSDLSSDTFYHVFGGNSN
IFESFVIQNRIMGPCWLDIKGADFNSIRNASHCAVEVSVDKPQNITPTTTKTMPNLRCLSLSIQTLMNPKENKQEIVSIT
LSAYRNISLDSPIPENIKPDDLCTLVRPPQSTSFPLGLAALAKQKLPGRVRLFNNEKAMLSCFCAMLKVEDPDVIIGHRL
QNVYLDVLAHRMHDLNIPTFSSIGRRLRRTWPEKFGRGNSNMNHFFISDICSGRLICDIANEMGQSLTPKCQSWDLSEMY
QVTCEKEHKPLDIDYQNPQYQNDVNSMTMALQENITNCMISAEVSYRIQLLTLTKQLTNLAGNAWAQTLGGTRAGRNEYI
LLHEFSRNGFIVPDKEGNRSRAQKQRQNEENADAPVNSKKAKYQGGLVFEPEKGLHKNYVLVMDFNSLYPSIIQEFNICF
TTVDRNKEDIDELPSVPPSEVDQGVLPRLLANLVDRRREVKKVMKTETDPHKRVQCDIRQQALKLTANSMYGCLGYVNSR
FYAKPLAMLVTNKGREILMNTRQLAESMNLLVVYGDTDSVMIDTGCDNYADAIKIGLGFKRLVNERYRLLEIDIDNVFKK
LLLHAKKKYAALTVNLDKNGNGTTVLEVKGLDMKRREFCPLSRDVSIHVLNTILSDKDPEEALQEVYDYLEDIRIKVETN
NIRIDKYKINMKLSKDPKAYPGGKNMPAVQVALRMRKAGRVVKAGSVITFVITKQDEIDNAADTPALSVAERAHALNEVM
IKSNNLIPDPQYYLEKQIFAPVERLLERIDSFNVVRLSEALGLDSKKYFRREGGNNNGEDINNLQPLETTITDVERFKDT
VTLELSCPSCDKRFPFGGIVSSNYYRVSYNGLQCKHCEQLFTPLQLTSQIEHSIRAHISLYYAGWLQCDDSTCGIVTRQV
SVFGKRCLNDGCTGVMRYKYSDKQLYNQLLYFDSLFDCEKNKKQELKPIYLPDDLDYPKEQLTESSIKALTEQNRELMET
GRSVVQKYLNDCGRRYVDMTSIFDFMLN
;
1
2 'polypeptide(L)'
;MTNSVKTNGPSSSDMEYYYKSLYPFKHIFNWLNHSPKPSRDMINREFAMAFRSGAYKRYNSFNSVQDFKAQIEKANPDRF
EIGAIYNKPPRERDTLLKSELKALEKELVFDIDMDDYDAFRTCCSGAQVCSKCWKFISLAMKITNTALREDFGYKDFIWV
FSGRRGAHCWVSDKRARALTDVQRRNVLDYVNVIRDRNTDKRLALKRPYHPHLARSLEQLKPFFVSIMLEEQNPWEDDQH
AIQTLLPALYDKQLIDSLKKYWLDNPRRSSKEKWNDIDQIATSLFKGPKQDSHIIKLRECKEDLVLMTLYPKLDVEVTKQ
TIHLLKAPFCIHPATGNVCVPIDESFAPEKAPKLIDLQTEMEKNNDVSLTALQPFINQFQAYVSSLLKNELGSVKRERED
DDEPASLDF
;
A
3 'polypeptide(L)'
;MFRQSKRRIASRKNFSSYDDIVKSELDVGNTNAANQIILSSSSSEEEKKLYARLYESKLSFYDLPPQGEITLEQFEIWAI
DRLKILLEIESCLSRNKSIKEIETIIKPQFQKLLPFNTESLEDRKKDYYSHFILRLCFCRSKELREKFVRAETFLFKIRF
NMLTSTDQTKFVQSLDLPLLQFISNEEKAELSHQLYQTVSASLQFQLNLNEEHQRKQYFQQEKFIKLPFENVIELVGNRL
VFLKDGYAYLPQFQQLNLLSNEFASKLNQELIKTYQYLPRLNEDDRLLPILNHLSSGYTIADFNQQKANQFSENVDDEIN
AQSVWSEEISSNYPLCIKNLMEGLKKNHHLRYYGRQQLSLFLKGIGLSADEALKFWSEAFTRNGNMTMEKFNKEYRYSFR
HNYGLEGNRINYKPWDCHTILSKPRPGRGDYHGCPFRDWSHERLSAELRSMKLTQAQIISVLDSCQKGEYTIACTKVFEM
THNSASADLEIGEQTHIAHPNLYFERSRQLQKKQQKLEKEKLFNNGNH
;
B
4 'polypeptide(L)'
;MSGSIDVITHFGPDADKPEIITALENLTKLHALSVEDLYIKWEQFSNQRRQTHTDLTSKNIDEFKQFLQLQMEKRANQIS
SSSKVNTSTKKPVIKKSLNSSPLFGLSIPKTPTLKKRKLHGPFSLSDSKQTYNVGSEAETNEKGNSSLKLEFTPGMAEDA
VGDSAPLSHAKSSDAKTPGSSTFQTPTTNTPTTSRQNVPAGEILDSLNPENIEISSGNPNVGLLSTEEPSYNQVKVEPFY
DAKKYKFRTMRQNLQEASDVLDDQIESFTKIIQNHYKLSPNDFADPTIQSQSEIYAVGRIVPDSPTYDKFLNPESLSLET
SRMGGVGRRVRLDLSQVNELSFFLGQIVAFKGKNANGDYFTVNSILPLPYPNSPVSTSQELQEFQANLEGSSLKVIVTCG
PYFANDNFSLELLQEFIDSINNEVKPHVLIMFGPFIDITHPLIASGKLPNFPQFKTQPKTLDELFLKLFTPILKTISPHI
QTVLIPSTKDAISNHAAYPQASLIRKALQLPKRNFKCMANPSSFQINEIYFGCSNVDTFKDLKEVIKGGTTSSRYRLDRV
SEHILQQRRYYPIFPGSIRTRIKPKDVSTKKETNDMESKEEKVYEHISGADLDVSYLGLTEFVGGFSPDIMIIPSELQHF
ARVVQNVVVINPGRFIRATGNRGSYAQITVQCPDLEDGKLTLVEGEEPVYLHNVWKRARVDLIAS
;
C
5 'polydeoxyribonucleotide' (DG)(DC)(DT)(DG)(DC)(DC)(DG)(DC)(DC)(DG)(DC)(DC) T
6 'polyribonucleotide' AGGCGGGC P
#
# COMPACT_ATOMS: atom_id res chain seq x y z
N THR A 351 64.85 8.78 53.00
CA THR A 351 63.77 9.56 52.40
C THR A 351 63.37 9.01 51.04
N PHE A 352 62.10 9.20 50.70
CA PHE A 352 61.53 8.66 49.46
C PHE A 352 60.76 9.77 48.76
N GLN A 353 61.09 10.02 47.49
CA GLN A 353 60.48 11.11 46.74
C GLN A 353 59.58 10.63 45.61
N MET A 354 58.30 10.98 45.69
CA MET A 354 57.34 10.55 44.68
C MET A 354 56.42 11.69 44.26
N PHE A 355 56.28 11.86 42.95
CA PHE A 355 55.30 12.79 42.39
C PHE A 355 53.99 12.05 42.22
N TRP A 356 53.03 12.33 43.10
CA TRP A 356 51.78 11.56 43.11
C TRP A 356 50.79 12.06 42.05
N LEU A 357 50.09 11.12 41.45
CA LEU A 357 49.17 11.37 40.35
C LEU A 357 47.73 11.00 40.72
N ASP A 358 47.55 9.82 41.31
CA ASP A 358 46.21 9.31 41.60
C ASP A 358 46.21 8.46 42.86
N TYR A 359 45.02 8.04 43.29
CA TYR A 359 44.89 7.26 44.53
C TYR A 359 43.75 6.26 44.42
N CYS A 360 43.60 5.44 45.46
CA CYS A 360 42.43 4.58 45.59
C CYS A 360 42.27 4.13 47.04
N GLU A 361 41.04 3.85 47.45
CA GLU A 361 40.74 3.41 48.80
C GLU A 361 40.50 1.92 48.83
N VAL A 362 41.09 1.22 49.80
CA VAL A 362 40.90 -0.21 49.95
C VAL A 362 41.18 -0.71 51.37
N ASN A 363 40.21 -1.36 51.98
CA ASN A 363 40.38 -1.92 53.32
C ASN A 363 40.81 -0.87 54.35
N ASN A 364 40.11 0.24 54.38
CA ASN A 364 40.41 1.35 55.28
C ASN A 364 41.85 1.83 55.24
N THR A 365 42.51 1.62 54.10
CA THR A 365 43.82 2.21 53.85
C THR A 365 43.69 3.13 52.64
N LEU A 366 44.75 3.88 52.36
CA LEU A 366 44.77 4.78 51.23
C LEU A 366 46.01 4.54 50.39
N ILE A 367 45.83 4.27 49.09
CA ILE A 367 46.97 4.01 48.23
C ILE A 367 47.19 5.15 47.27
N LEU A 368 48.45 5.59 47.16
CA LEU A 368 48.82 6.65 46.24
C LEU A 368 49.66 6.04 45.13
N PHE A 369 49.31 6.36 43.90
CA PHE A 369 50.10 5.91 42.75
C PHE A 369 50.80 7.13 42.22
N GLY A 370 52.07 6.99 41.84
CA GLY A 370 52.84 8.11 41.33
C GLY A 370 54.15 7.67 40.69
N LYS A 371 55.05 8.62 40.50
CA LYS A 371 56.33 8.34 39.86
C LYS A 371 57.46 8.63 40.84
N VAL A 372 58.51 7.80 40.78
CA VAL A 372 59.67 8.00 41.62
C VAL A 372 60.91 8.10 40.73
N CYS A 379 62.45 7.65 35.81
CA CYS A 379 61.21 7.63 36.57
C CYS A 379 60.44 6.34 36.33
N VAL A 380 60.00 5.72 37.42
CA VAL A 380 59.20 4.50 37.34
C VAL A 380 57.93 4.67 38.15
N SER A 381 56.94 3.80 37.92
CA SER A 381 55.71 3.89 38.67
C SER A 381 55.91 3.33 40.07
N ALA A 382 55.11 3.81 41.02
CA ALA A 382 55.24 3.37 42.40
C ALA A 382 53.92 3.55 43.14
N MET A 383 53.69 2.72 44.17
CA MET A 383 52.52 2.90 45.01
C MET A 383 52.93 2.94 46.48
N VAL A 384 52.22 3.77 47.25
CA VAL A 384 52.49 3.92 48.66
C VAL A 384 51.21 3.66 49.44
N GLN A 385 51.21 2.61 50.24
CA GLN A 385 50.06 2.31 51.08
C GLN A 385 50.21 3.11 52.37
N ILE A 386 49.15 3.83 52.76
CA ILE A 386 49.22 4.71 53.91
C ILE A 386 48.36 4.17 55.03
N ASN A 387 49.02 3.76 56.10
CA ASN A 387 48.34 3.30 57.30
C ASN A 387 48.36 4.39 58.35
N GLY A 388 47.62 4.20 59.43
CA GLY A 388 47.68 5.12 60.55
C GLY A 388 46.86 6.38 60.34
N LEU A 389 46.10 6.43 59.26
CA LEU A 389 45.21 7.57 59.03
C LEU A 389 44.04 7.53 59.98
N CYS A 390 43.67 8.70 60.51
CA CYS A 390 42.52 8.81 61.40
C CYS A 390 41.57 9.91 60.94
N ARG A 391 40.30 9.74 61.29
CA ARG A 391 39.33 10.81 61.15
C ARG A 391 39.52 11.79 62.28
N GLU A 392 39.48 13.08 61.97
CA GLU A 392 39.53 14.12 63.00
C GLU A 392 38.10 14.43 63.38
N LEU A 393 37.72 14.04 64.60
CA LEU A 393 36.38 14.28 65.10
C LEU A 393 36.43 15.44 66.07
N PHE A 394 35.42 16.29 66.03
CA PHE A 394 35.40 17.45 66.92
C PHE A 394 34.13 17.47 67.78
N PHE A 395 34.32 17.24 69.06
CA PHE A 395 33.22 17.16 70.02
C PHE A 395 32.97 18.54 70.62
N LEU A 396 31.74 19.03 70.39
CA LEU A 396 31.30 20.35 70.79
C LEU A 396 30.73 20.31 72.21
N PRO A 397 31.44 20.91 73.18
CA PRO A 397 30.98 20.88 74.57
C PRO A 397 29.68 21.64 74.80
N ARG A 398 28.89 21.19 75.76
CA ARG A 398 27.63 21.85 76.11
C ARG A 398 27.92 23.07 76.97
N GLU A 399 26.92 23.94 77.12
CA GLU A 399 27.07 25.13 77.95
C GLU A 399 27.60 24.78 79.32
N GLY A 400 28.84 25.16 79.59
CA GLY A 400 29.45 24.92 80.89
C GLY A 400 30.31 23.67 80.96
N LYS A 401 30.87 23.27 79.83
CA LYS A 401 31.70 22.06 79.77
C LYS A 401 33.01 22.34 79.06
N THR A 402 33.96 21.41 79.22
CA THR A 402 35.28 21.55 78.63
C THR A 402 35.64 20.31 77.81
N PRO A 403 36.71 20.40 77.01
CA PRO A 403 37.19 19.25 76.22
C PRO A 403 37.59 18.07 77.11
N THR A 404 38.09 18.36 78.31
CA THR A 404 38.44 17.30 79.26
C THR A 404 37.22 16.55 79.79
N ASP A 405 36.10 17.26 79.95
CA ASP A 405 34.86 16.62 80.39
C ASP A 405 34.44 15.57 79.39
N ILE A 406 34.59 15.90 78.11
CA ILE A 406 34.30 14.97 77.03
C ILE A 406 35.33 13.85 77.03
N HIS A 407 36.60 14.23 77.18
CA HIS A 407 37.71 13.30 77.12
C HIS A 407 37.49 12.12 78.05
N GLU A 408 37.07 12.43 79.27
CA GLU A 408 36.84 11.41 80.28
C GLU A 408 35.67 10.51 79.91
N GLU A 409 34.62 11.11 79.37
CA GLU A 409 33.39 10.38 79.05
C GLU A 409 33.54 9.43 77.86
N ILE A 410 33.71 9.98 76.68
CA ILE A 410 33.69 9.18 75.44
C ILE A 410 34.91 8.30 75.19
N ILE A 411 36.11 8.77 75.55
CA ILE A 411 37.33 8.04 75.23
C ILE A 411 37.34 6.61 75.74
N PRO A 412 37.01 6.40 77.02
CA PRO A 412 36.91 5.03 77.51
C PRO A 412 35.85 4.24 76.75
N LEU A 413 34.78 4.92 76.35
CA LEU A 413 33.71 4.28 75.60
C LEU A 413 34.15 3.94 74.17
N LEU A 414 35.00 4.78 73.60
CA LEU A 414 35.50 4.56 72.24
C LEU A 414 36.52 3.43 72.22
N MET A 415 37.37 3.38 73.24
CA MET A 415 38.37 2.32 73.36
C MET A 415 37.69 0.95 73.36
N ASP A 416 36.51 0.88 73.97
CA ASP A 416 35.79 -0.38 74.09
C ASP A 416 35.19 -0.81 72.75
N LYS A 417 34.39 0.07 72.15
CA LYS A 417 33.72 -0.24 70.90
C LYS A 417 34.72 -0.61 69.79
N TYR A 418 35.72 0.23 69.59
CA TYR A 418 36.69 0.02 68.53
C TYR A 418 37.86 -0.86 68.97
N GLY A 419 38.03 -1.03 70.29
CA GLY A 419 39.05 -1.91 70.81
C GLY A 419 40.46 -1.37 70.68
N LEU A 420 40.66 -0.11 71.05
CA LEU A 420 42.00 0.50 71.02
C LEU A 420 42.57 0.61 72.42
N ASP A 421 43.88 0.43 72.52
CA ASP A 421 44.59 0.57 73.79
C ASP A 421 44.65 2.04 74.19
N ASN A 422 45.11 2.89 73.26
CA ASN A 422 45.15 4.33 73.50
C ASN A 422 44.65 5.10 72.28
N ILE A 423 43.94 6.20 72.54
CA ILE A 423 43.42 7.05 71.46
C ILE A 423 43.89 8.49 71.65
N ARG A 424 44.62 9.01 70.68
CA ARG A 424 45.09 10.39 70.75
C ARG A 424 43.92 11.37 70.71
N ALA A 425 43.90 12.27 71.69
CA ALA A 425 42.89 13.31 71.73
C ALA A 425 43.49 14.53 72.41
N LYS A 426 43.01 15.71 72.03
CA LYS A 426 43.53 16.96 72.57
C LYS A 426 42.50 18.07 72.36
N PRO A 427 42.52 19.08 73.24
CA PRO A 427 41.66 20.25 73.03
C PRO A 427 42.13 21.09 71.86
N GLN A 428 41.18 21.65 71.10
CA GLN A 428 41.53 22.58 70.03
C GLN A 428 40.42 23.59 69.78
N LYS A 429 40.79 24.86 69.72
CA LYS A 429 39.83 25.94 69.51
C LYS A 429 39.51 26.03 68.02
N MET A 430 38.23 25.89 67.69
CA MET A 430 37.80 25.91 66.29
C MET A 430 36.62 26.86 66.09
N LYS A 431 36.51 27.38 64.88
CA LYS A 431 35.41 28.27 64.51
C LYS A 431 34.40 27.50 63.67
N TYR A 432 33.13 27.88 63.80
CA TYR A 432 32.06 27.31 62.97
C TYR A 432 31.14 28.41 62.47
N SER A 433 30.88 28.41 61.17
CA SER A 433 30.11 29.49 60.56
C SER A 433 29.17 29.00 59.47
N PHE A 434 28.74 27.74 59.55
CA PHE A 434 27.89 27.17 58.50
C PHE A 434 26.44 27.00 58.95
N GLU A 435 25.67 26.21 58.20
CA GLU A 435 24.22 26.24 58.28
C GLU A 435 23.57 25.52 59.46
N LEU A 436 24.35 24.82 60.26
CA LEU A 436 23.78 24.12 61.42
C LEU A 436 23.42 25.10 62.53
N PRO A 437 22.14 25.12 62.94
CA PRO A 437 21.66 26.03 63.98
C PRO A 437 22.11 25.63 65.38
N ASP A 438 22.17 26.61 66.29
CA ASP A 438 22.51 26.38 67.70
C ASP A 438 24.00 26.10 67.96
N ILE A 439 24.79 25.88 66.92
CA ILE A 439 26.22 25.71 67.08
C ILE A 439 26.92 27.08 67.05
N PRO A 440 27.82 27.34 68.01
CA PRO A 440 28.39 28.68 68.18
C PRO A 440 29.48 29.04 67.16
N SER A 441 29.70 30.33 66.99
CA SER A 441 30.73 30.85 66.06
C SER A 441 32.12 30.31 66.38
N GLU A 442 32.42 30.17 67.66
CA GLU A 442 33.72 29.67 68.08
C GLU A 442 33.60 28.94 69.41
N SER A 443 34.34 27.85 69.57
CA SER A 443 34.29 27.07 70.80
C SER A 443 35.55 26.24 70.98
N ASP A 444 35.72 25.70 72.18
CA ASP A 444 36.77 24.74 72.44
C ASP A 444 36.17 23.37 72.17
N TYR A 445 36.82 22.60 71.30
CA TYR A 445 36.32 21.29 70.94
C TYR A 445 37.28 20.25 71.46
N LEU A 446 36.83 19.00 71.52
CA LEU A 446 37.74 17.90 71.77
C LEU A 446 38.04 17.20 70.46
N LYS A 447 39.28 17.34 70.00
CA LYS A 447 39.76 16.70 68.79
C LYS A 447 40.18 15.27 69.09
N VAL A 448 39.46 14.31 68.53
CA VAL A 448 39.75 12.90 68.72
C VAL A 448 40.23 12.31 67.41
N LEU A 449 41.44 11.73 67.43
CA LEU A 449 41.97 11.08 66.24
C LEU A 449 41.57 9.61 66.26
N LEU A 450 40.52 9.28 65.50
CA LEU A 450 40.01 7.92 65.48
C LEU A 450 40.45 7.22 64.20
N PRO A 451 41.37 6.25 64.33
CA PRO A 451 41.91 5.58 63.13
C PRO A 451 40.82 4.93 62.28
N TYR A 452 41.06 4.85 60.98
CA TYR A 452 40.14 4.18 60.06
C TYR A 452 40.23 2.67 60.24
N ARG A 459 33.70 -0.47 60.46
CA ARG A 459 32.73 0.01 59.47
C ARG A 459 31.56 0.77 60.11
N ASP A 460 31.58 0.91 61.43
CA ASP A 460 30.53 1.61 62.15
C ASP A 460 30.96 3.06 62.42
N THR A 461 30.22 4.00 61.87
CA THR A 461 30.55 5.42 62.02
C THR A 461 29.79 6.05 63.18
N ILE A 462 30.38 7.10 63.75
CA ILE A 462 29.81 7.83 64.86
C ILE A 462 28.85 8.89 64.35
N PRO A 463 27.56 8.77 64.71
CA PRO A 463 26.58 9.75 64.24
C PRO A 463 26.88 11.16 64.75
N SER A 464 26.51 12.15 63.95
CA SER A 464 26.75 13.55 64.27
C SER A 464 25.89 14.06 65.43
N ASP A 465 24.74 13.44 65.64
CA ASP A 465 23.88 13.87 66.73
C ASP A 465 24.19 13.17 68.04
N LEU A 466 25.46 12.83 68.28
CA LEU A 466 25.76 12.20 69.55
C LEU A 466 25.64 13.23 70.68
N SER A 467 24.51 13.17 71.37
CA SER A 467 24.17 14.09 72.44
C SER A 467 24.54 13.45 73.77
N SER A 468 25.38 14.11 74.55
CA SER A 468 25.81 13.61 75.85
C SER A 468 25.75 14.79 76.80
N ASP A 469 26.08 14.57 78.07
CA ASP A 469 26.04 15.65 79.03
C ASP A 469 27.30 16.51 78.91
N THR A 470 28.27 16.05 78.13
CA THR A 470 29.49 16.82 77.97
C THR A 470 29.37 17.61 76.66
N PHE A 471 29.24 16.90 75.54
CA PHE A 471 29.07 17.55 74.23
C PHE A 471 27.67 17.33 73.67
N TYR A 472 27.32 18.07 72.61
CA TYR A 472 26.03 17.89 71.94
C TYR A 472 26.16 17.59 70.43
N HIS A 473 27.34 17.80 69.86
CA HIS A 473 27.55 17.61 68.42
C HIS A 473 28.96 17.07 68.14
N VAL A 474 29.11 16.40 66.99
CA VAL A 474 30.41 15.88 66.58
C VAL A 474 30.63 16.07 65.09
N PHE A 475 31.77 16.64 64.72
CA PHE A 475 32.11 16.83 63.31
C PHE A 475 33.15 15.80 62.88
N GLY A 476 33.14 15.45 61.59
CA GLY A 476 34.13 14.55 61.04
C GLY A 476 33.85 13.08 61.29
N GLY A 477 32.58 12.75 61.52
CA GLY A 477 32.21 11.38 61.80
C GLY A 477 32.28 10.50 60.57
N ASN A 478 31.80 11.00 59.44
CA ASN A 478 31.78 10.23 58.19
C ASN A 478 32.90 10.62 57.23
N SER A 479 33.94 11.25 57.76
CA SER A 479 35.08 11.68 56.93
C SER A 479 35.56 10.59 55.96
N ASN A 480 35.85 11.00 54.74
CA ASN A 480 36.44 10.11 53.74
C ASN A 480 37.96 10.06 53.91
N ILE A 481 38.55 8.89 53.72
CA ILE A 481 39.97 8.69 53.98
C ILE A 481 40.90 9.54 53.10
N PHE A 482 40.59 9.66 51.81
CA PHE A 482 41.42 10.47 50.93
C PHE A 482 41.32 11.94 51.31
N GLU A 483 40.10 12.36 51.63
CA GLU A 483 39.86 13.74 52.01
C GLU A 483 40.64 14.07 53.28
N SER A 484 40.63 13.14 54.23
CA SER A 484 41.35 13.31 55.49
C SER A 484 42.85 13.47 55.27
N PHE A 485 43.44 12.59 54.47
CA PHE A 485 44.87 12.66 54.19
C PHE A 485 45.24 14.00 53.56
N VAL A 486 44.49 14.39 52.54
CA VAL A 486 44.80 15.58 51.75
C VAL A 486 44.64 16.88 52.56
N ILE A 487 43.61 16.93 53.40
CA ILE A 487 43.35 18.11 54.23
C ILE A 487 44.35 18.26 55.38
N GLN A 488 44.61 17.15 56.06
CA GLN A 488 45.49 17.13 57.22
C GLN A 488 46.94 17.42 56.85
N ASN A 489 47.36 16.90 55.69
CA ASN A 489 48.73 17.09 55.23
C ASN A 489 48.85 18.26 54.26
N ARG A 490 47.74 18.96 54.04
CA ARG A 490 47.73 20.14 53.20
C ARG A 490 48.28 19.86 51.80
N ILE A 491 47.84 18.74 51.23
CA ILE A 491 48.23 18.39 49.87
C ILE A 491 47.28 19.05 48.88
N MET A 492 47.84 19.79 47.93
CA MET A 492 47.04 20.51 46.95
C MET A 492 47.26 19.96 45.55
N GLY A 493 46.55 18.88 45.22
CA GLY A 493 46.67 18.25 43.91
C GLY A 493 47.99 17.56 43.65
N PRO A 494 48.23 17.15 42.39
CA PRO A 494 49.43 16.40 42.01
C PRO A 494 50.71 17.19 42.24
N CYS A 495 51.64 16.59 42.98
CA CYS A 495 52.87 17.26 43.37
C CYS A 495 53.93 16.28 43.84
N TRP A 496 55.12 16.80 44.12
CA TRP A 496 56.20 16.02 44.71
C TRP A 496 55.95 15.85 46.20
N LEU A 497 56.22 14.65 46.70
CA LEU A 497 56.04 14.35 48.12
C LEU A 497 57.33 13.76 48.66
N ASP A 498 57.78 14.27 49.80
CA ASP A 498 58.86 13.64 50.54
C ASP A 498 58.25 12.64 51.51
N ILE A 499 58.63 11.37 51.34
CA ILE A 499 58.07 10.27 52.11
C ILE A 499 59.18 9.59 52.92
N ARG A 508 54.02 -6.80 48.90
CA ARG A 508 54.42 -7.69 47.83
C ARG A 508 53.24 -8.04 46.91
N ASN A 509 53.43 -7.79 45.61
CA ASN A 509 52.42 -8.11 44.61
C ASN A 509 51.07 -7.46 44.91
N ALA A 510 51.11 -6.17 45.24
CA ALA A 510 49.90 -5.40 45.53
C ALA A 510 49.46 -4.59 44.32
N SER A 511 50.38 -4.30 43.41
CA SER A 511 50.11 -3.38 42.32
C SER A 511 50.80 -3.79 41.04
N HIS A 512 50.57 -3.02 39.97
CA HIS A 512 51.23 -3.21 38.70
C HIS A 512 52.40 -2.24 38.54
N CYS A 513 52.84 -1.67 39.66
CA CYS A 513 53.90 -0.67 39.65
C CYS A 513 55.26 -1.32 39.85
N ALA A 514 56.31 -0.60 39.47
CA ALA A 514 57.68 -1.09 39.60
C ALA A 514 58.12 -1.08 41.07
N VAL A 515 57.60 -0.14 41.84
CA VAL A 515 57.95 0.00 43.25
C VAL A 515 56.71 -0.06 44.14
N GLU A 516 56.77 -0.88 45.19
CA GLU A 516 55.68 -1.00 46.15
C GLU A 516 56.19 -0.80 47.57
N VAL A 517 55.73 0.24 48.24
CA VAL A 517 56.14 0.52 49.61
C VAL A 517 54.92 0.87 50.48
N SER A 518 55.14 0.87 51.79
CA SER A 518 54.10 1.30 52.73
C SER A 518 54.67 2.20 53.81
N VAL A 519 53.80 2.93 54.50
CA VAL A 519 54.19 3.77 55.61
C VAL A 519 53.24 3.54 56.79
N ASP A 520 53.80 3.58 57.99
CA ASP A 520 53.04 3.27 59.20
C ASP A 520 52.17 4.44 59.65
N LYS A 521 52.52 5.65 59.22
CA LYS A 521 51.77 6.85 59.60
C LYS A 521 51.76 7.88 58.48
N PRO A 522 50.64 8.61 58.34
CA PRO A 522 50.51 9.60 57.27
C PRO A 522 51.43 10.80 57.46
N GLN A 523 51.85 11.05 58.69
CA GLN A 523 52.71 12.18 59.00
C GLN A 523 54.08 12.04 58.34
N ASN A 524 54.38 10.83 57.89
CA ASN A 524 55.63 10.58 57.19
C ASN A 524 55.66 11.23 55.81
N ILE A 525 54.50 11.65 55.33
CA ILE A 525 54.39 12.26 54.01
C ILE A 525 54.16 13.76 54.10
N THR A 526 55.09 14.54 53.51
CA THR A 526 54.99 15.99 53.49
C THR A 526 55.16 16.50 52.06
N PRO A 527 54.36 17.50 51.67
CA PRO A 527 54.49 18.06 50.32
C PRO A 527 55.72 18.96 50.14
N THR A 528 56.20 19.06 48.91
CA THR A 528 57.37 19.88 48.58
C THR A 528 56.91 21.12 47.80
N THR A 529 57.80 22.11 47.70
CA THR A 529 57.48 23.35 46.98
C THR A 529 57.81 23.27 45.48
N THR A 530 58.54 22.23 45.08
CA THR A 530 58.95 22.05 43.68
C THR A 530 57.80 22.27 42.71
N LYS A 531 58.02 23.15 41.74
CA LYS A 531 57.00 23.48 40.74
C LYS A 531 57.05 22.54 39.55
N THR A 532 58.22 21.94 39.30
CA THR A 532 58.39 21.03 38.18
C THR A 532 57.77 19.66 38.48
N MET A 533 57.65 18.85 37.44
CA MET A 533 57.09 17.51 37.55
C MET A 533 57.85 16.57 36.62
N PRO A 534 57.80 15.27 36.90
CA PRO A 534 58.48 14.27 36.06
C PRO A 534 57.79 14.09 34.72
N ASN A 535 58.47 13.43 33.78
CA ASN A 535 57.85 13.09 32.51
C ASN A 535 56.76 12.05 32.71
N LEU A 536 55.72 12.12 31.90
CA LEU A 536 54.62 11.17 31.99
C LEU A 536 54.68 10.15 30.86
N ARG A 537 54.16 8.96 31.13
CA ARG A 537 54.04 7.92 30.12
C ARG A 537 52.59 7.91 29.65
N CYS A 538 52.37 8.38 28.43
CA CYS A 538 51.03 8.45 27.86
C CYS A 538 50.83 7.32 26.88
N LEU A 539 49.61 6.77 26.84
CA LEU A 539 49.28 5.74 25.87
C LEU A 539 47.93 6.07 25.24
N SER A 540 47.96 6.39 23.95
CA SER A 540 46.73 6.67 23.21
C SER A 540 46.10 5.35 22.76
N LEU A 541 44.82 5.22 23.05
CA LEU A 541 44.07 4.02 22.72
C LEU A 541 43.03 4.35 21.67
N SER A 542 42.92 3.48 20.67
CA SER A 542 41.81 3.58 19.72
C SER A 542 41.18 2.21 19.54
N ILE A 543 39.87 2.12 19.76
CA ILE A 543 39.23 0.82 19.75
C ILE A 543 38.20 0.76 18.64
N GLN A 544 38.28 -0.32 17.87
CA GLN A 544 37.28 -0.61 16.85
C GLN A 544 36.48 -1.81 17.33
N THR A 545 35.17 -1.65 17.28
CA THR A 545 34.22 -2.61 17.79
C THR A 545 33.32 -3.20 16.71
N LEU A 546 32.53 -4.18 17.12
CA LEU A 546 31.55 -4.81 16.27
C LEU A 546 30.30 -5.13 17.06
N MET A 547 29.14 -5.01 16.43
CA MET A 547 27.90 -5.24 17.14
C MET A 547 27.30 -6.58 16.75
N ASN A 548 27.11 -7.43 17.75
CA ASN A 548 26.46 -8.71 17.59
C ASN A 548 24.99 -8.53 17.89
N PRO A 549 24.11 -8.79 16.90
CA PRO A 549 22.70 -8.46 17.08
C PRO A 549 22.04 -9.48 17.98
N LYS A 550 22.62 -10.66 18.10
CA LYS A 550 22.06 -11.70 18.96
C LYS A 550 21.95 -11.22 20.39
N GLU A 551 23.08 -10.80 20.97
CA GLU A 551 23.10 -10.40 22.36
C GLU A 551 23.16 -8.88 22.54
N ASN A 552 23.20 -8.15 21.44
CA ASN A 552 23.26 -6.70 21.54
C ASN A 552 24.51 -6.35 22.31
N LYS A 553 25.65 -6.85 21.84
CA LYS A 553 26.90 -6.65 22.57
C LYS A 553 27.93 -6.15 21.59
N GLN A 554 28.54 -5.02 21.95
CA GLN A 554 29.62 -4.45 21.20
C GLN A 554 30.94 -5.16 21.51
N GLU A 555 31.42 -5.97 20.57
CA GLU A 555 32.64 -6.73 20.78
C GLU A 555 33.83 -5.97 20.18
N ILE A 556 35.03 -6.28 20.66
CA ILE A 556 36.23 -5.58 20.18
C ILE A 556 36.91 -6.34 19.05
N VAL A 557 37.12 -5.64 17.94
CA VAL A 557 37.78 -6.22 16.78
C VAL A 557 39.25 -5.85 16.77
N SER A 558 39.56 -4.59 17.05
CA SER A 558 40.96 -4.16 17.07
C SER A 558 41.24 -3.08 18.10
N ILE A 559 42.52 -2.95 18.45
CA ILE A 559 42.97 -1.96 19.40
C ILE A 559 44.30 -1.38 18.93
N THR A 560 44.42 -0.06 18.92
CA THR A 560 45.67 0.57 18.58
C THR A 560 46.25 1.24 19.82
N LEU A 561 47.55 1.03 20.01
CA LEU A 561 48.29 1.51 21.17
C LEU A 561 49.45 2.36 20.66
N SER A 562 49.43 3.65 20.97
CA SER A 562 50.50 4.55 20.56
C SER A 562 51.17 5.13 21.80
N ALA A 563 52.46 4.88 21.96
CA ALA A 563 53.15 5.22 23.20
C ALA A 563 54.00 6.49 23.06
N TYR A 564 53.82 7.40 24.01
CA TYR A 564 54.60 8.62 24.11
C TYR A 564 55.16 8.67 25.51
N ARG A 565 56.36 8.12 25.68
CA ARG A 565 56.91 7.83 27.00
C ARG A 565 57.51 9.02 27.74
N ASN A 566 57.63 10.16 27.06
CA ASN A 566 58.24 11.34 27.67
C ASN A 566 57.48 12.64 27.41
N ILE A 567 56.21 12.69 27.79
CA ILE A 567 55.43 13.92 27.70
C ILE A 567 55.68 14.81 28.91
N SER A 568 56.38 15.93 28.68
CA SER A 568 56.66 16.89 29.74
C SER A 568 55.69 18.06 29.69
N LEU A 569 54.93 18.25 30.77
CA LEU A 569 54.03 19.40 30.88
C LEU A 569 54.74 20.66 31.33
N ASP A 570 56.02 20.54 31.70
CA ASP A 570 56.79 21.68 32.12
C ASP A 570 57.28 22.47 30.90
N SER A 571 57.19 21.85 29.74
CA SER A 571 57.55 22.49 28.49
C SER A 571 56.49 22.18 27.45
N PRO A 572 56.32 23.05 26.46
CA PRO A 572 55.30 22.80 25.44
C PRO A 572 55.57 21.53 24.66
N ILE A 573 54.50 20.79 24.34
CA ILE A 573 54.63 19.57 23.58
C ILE A 573 54.72 19.89 22.10
N PRO A 574 55.78 19.42 21.43
CA PRO A 574 55.96 19.72 20.00
C PRO A 574 54.80 19.25 19.14
N GLU A 575 54.38 20.08 18.20
CA GLU A 575 53.27 19.74 17.32
C GLU A 575 53.60 18.53 16.46
N ASN A 576 52.58 17.72 16.18
CA ASN A 576 52.76 16.47 15.44
C ASN A 576 53.86 15.60 16.05
N ILE A 577 53.89 15.55 17.38
CA ILE A 577 54.89 14.75 18.09
C ILE A 577 54.86 13.30 17.64
N LYS A 578 56.04 12.71 17.48
CA LYS A 578 56.15 11.34 16.98
C LYS A 578 56.16 10.34 18.14
N PRO A 579 55.42 9.23 17.99
CA PRO A 579 55.30 8.20 19.02
C PRO A 579 56.57 7.36 19.15
N ASP A 580 56.85 6.88 20.36
CA ASP A 580 58.01 6.03 20.60
C ASP A 580 57.73 4.61 20.12
N ASP A 581 56.47 4.21 20.15
CA ASP A 581 56.08 2.88 19.72
C ASP A 581 54.63 2.85 19.26
N LEU A 582 54.37 2.10 18.20
CA LEU A 582 53.03 1.97 17.66
C LEU A 582 52.74 0.50 17.36
N CYS A 583 51.67 -0.02 17.94
CA CYS A 583 51.31 -1.42 17.76
C CYS A 583 49.80 -1.59 17.67
N THR A 584 49.36 -2.50 16.80
CA THR A 584 47.93 -2.74 16.63
C THR A 584 47.63 -4.23 16.83
N LEU A 585 46.64 -4.53 17.65
CA LEU A 585 46.23 -5.91 17.88
C LEU A 585 44.88 -6.12 17.19
N VAL A 586 44.71 -7.24 16.52
CA VAL A 586 43.45 -7.48 15.82
C VAL A 586 43.02 -8.95 15.76
N ARG A 587 41.71 -9.16 15.91
CA ARG A 587 41.12 -10.48 15.78
C ARG A 587 40.12 -10.49 14.61
N PRO A 588 39.83 -11.66 14.04
CA PRO A 588 38.94 -11.75 12.89
C PRO A 588 37.48 -11.50 13.27
N PRO A 589 36.83 -10.55 12.59
CA PRO A 589 35.46 -10.17 12.91
C PRO A 589 34.42 -11.23 12.55
N GLN A 590 34.68 -12.03 11.52
CA GLN A 590 33.71 -13.02 11.06
C GLN A 590 34.15 -14.46 11.30
N PRO A 607 52.00 1.17 9.44
CA PRO A 607 53.09 1.59 10.33
C PRO A 607 53.03 0.91 11.69
N GLY A 608 54.18 0.76 12.33
CA GLY A 608 54.25 0.11 13.62
C GLY A 608 54.08 -1.39 13.52
N ARG A 609 54.05 -2.06 14.66
CA ARG A 609 53.88 -3.51 14.69
C ARG A 609 52.42 -3.87 14.51
N VAL A 610 52.16 -5.03 13.92
CA VAL A 610 50.80 -5.54 13.81
C VAL A 610 50.76 -7.00 14.23
N ARG A 611 49.90 -7.31 15.20
CA ARG A 611 49.77 -8.63 15.76
C ARG A 611 48.37 -9.19 15.54
N LEU A 612 48.31 -10.38 14.96
CA LEU A 612 47.05 -11.03 14.61
C LEU A 612 46.75 -12.15 15.59
N PHE A 613 45.48 -12.27 15.96
CA PHE A 613 45.05 -13.25 16.95
C PHE A 613 43.89 -14.06 16.40
N ASN A 614 43.71 -15.27 16.94
CA ASN A 614 42.67 -16.17 16.44
C ASN A 614 41.30 -15.88 17.05
N ASN A 615 41.28 -15.15 18.15
CA ASN A 615 40.02 -14.76 18.78
C ASN A 615 40.19 -13.51 19.62
N GLU A 616 39.08 -13.02 20.16
CA GLU A 616 39.07 -11.79 20.96
C GLU A 616 39.73 -11.98 22.33
N LYS A 617 39.58 -13.16 22.92
CA LYS A 617 40.12 -13.43 24.25
C LYS A 617 41.64 -13.35 24.26
N ALA A 618 42.28 -13.98 23.28
CA ALA A 618 43.74 -13.96 23.19
C ALA A 618 44.24 -12.55 22.96
N MET A 619 43.48 -11.78 22.19
CA MET A 619 43.86 -10.40 21.88
C MET A 619 43.87 -9.57 23.15
N LEU A 620 42.78 -9.65 23.91
CA LEU A 620 42.64 -8.87 25.14
C LEU A 620 43.62 -9.29 26.23
N SER A 621 44.00 -10.56 26.25
CA SER A 621 45.01 -11.04 27.21
C SER A 621 46.34 -10.40 26.88
N CYS A 622 46.64 -10.37 25.58
CA CYS A 622 47.87 -9.77 25.09
C CYS A 622 47.84 -8.27 25.38
N PHE A 623 46.66 -7.68 25.26
CA PHE A 623 46.49 -6.26 25.49
C PHE A 623 46.87 -5.90 26.92
N CYS A 624 46.27 -6.62 27.88
CA CYS A 624 46.57 -6.44 29.28
C CYS A 624 48.05 -6.62 29.61
N ALA A 625 48.69 -7.61 28.99
CA ALA A 625 50.11 -7.84 29.25
C ALA A 625 50.96 -6.68 28.73
N MET A 626 50.64 -6.20 27.54
CA MET A 626 51.37 -5.10 26.92
C MET A 626 51.18 -3.84 27.74
N LEU A 627 49.98 -3.69 28.28
CA LEU A 627 49.64 -2.53 29.08
C LEU A 627 50.47 -2.51 30.35
N LYS A 628 50.56 -3.66 31.00
CA LYS A 628 51.35 -3.78 32.23
C LYS A 628 52.80 -3.42 31.99
N VAL A 629 53.37 -3.93 30.89
CA VAL A 629 54.76 -3.67 30.56
C VAL A 629 55.02 -2.21 30.22
N GLU A 630 54.12 -1.62 29.45
CA GLU A 630 54.21 -0.22 29.06
C GLU A 630 54.08 0.65 30.30
N ASP A 631 53.11 0.31 31.14
CA ASP A 631 52.90 0.98 32.41
C ASP A 631 52.75 2.50 32.28
N PRO A 632 51.75 2.94 31.49
CA PRO A 632 51.54 4.37 31.26
C PRO A 632 50.98 5.10 32.47
N ASP A 633 51.29 6.39 32.58
CA ASP A 633 50.73 7.24 33.63
C ASP A 633 49.39 7.79 33.16
N VAL A 634 49.25 7.95 31.86
CA VAL A 634 48.04 8.52 31.27
C VAL A 634 47.54 7.66 30.10
N ILE A 635 46.25 7.38 30.10
CA ILE A 635 45.62 6.72 28.96
C ILE A 635 44.79 7.72 28.19
N ILE A 636 45.25 8.06 26.99
CA ILE A 636 44.58 9.04 26.16
C ILE A 636 43.63 8.34 25.19
N GLY A 637 42.49 8.96 24.93
CA GLY A 637 41.57 8.44 23.94
C GLY A 637 40.44 9.41 23.64
N HIS A 638 39.48 8.94 22.84
CA HIS A 638 38.35 9.74 22.42
C HIS A 638 37.07 9.00 22.76
N ARG A 639 36.30 9.56 23.68
CA ARG A 639 35.08 8.91 24.18
C ARG A 639 35.39 7.58 24.89
N LEU A 640 36.49 7.56 25.64
CA LEU A 640 36.80 6.42 26.48
C LEU A 640 35.86 6.34 27.68
N GLN A 641 35.76 7.45 28.40
CA GLN A 641 35.03 7.49 29.66
C GLN A 641 33.67 6.79 29.65
N ASN A 642 32.82 7.15 28.70
CA ASN A 642 31.46 6.61 28.65
C ASN A 642 31.12 5.73 27.45
N VAL A 643 32.11 5.39 26.62
CA VAL A 643 31.86 4.50 25.50
C VAL A 643 32.83 3.33 25.44
N TYR A 644 34.05 3.58 24.98
CA TYR A 644 34.99 2.50 24.69
C TYR A 644 35.62 1.86 25.93
N LEU A 645 35.82 2.64 26.99
CA LEU A 645 36.37 2.08 28.23
C LEU A 645 35.38 1.13 28.90
N ASP A 646 34.09 1.47 28.84
CA ASP A 646 33.06 0.60 29.38
C ASP A 646 33.02 -0.71 28.61
N VAL A 647 33.06 -0.62 27.28
CA VAL A 647 33.08 -1.80 26.44
C VAL A 647 34.26 -2.70 26.76
N LEU A 648 35.45 -2.11 26.80
CA LEU A 648 36.68 -2.84 27.07
C LEU A 648 36.60 -3.61 28.37
N ALA A 649 36.13 -2.95 29.42
CA ALA A 649 36.01 -3.58 30.72
C ALA A 649 35.06 -4.77 30.63
N HIS A 650 33.88 -4.52 30.05
CA HIS A 650 32.84 -5.54 29.92
C HIS A 650 33.25 -6.73 29.06
N ARG A 651 34.13 -6.52 28.08
CA ARG A 651 34.63 -7.62 27.27
C ARG A 651 35.64 -8.46 28.04
N MET A 652 36.49 -7.78 28.82
CA MET A 652 37.45 -8.45 29.67
C MET A 652 36.72 -9.26 30.73
N HIS A 653 35.56 -8.77 31.15
CA HIS A 653 34.72 -9.46 32.13
C HIS A 653 34.11 -10.70 31.49
N ASP A 654 33.45 -10.48 30.36
CA ASP A 654 32.78 -11.53 29.59
C ASP A 654 33.73 -12.67 29.23
N LEU A 655 34.90 -12.32 28.73
CA LEU A 655 35.87 -13.31 28.28
C LEU A 655 36.78 -13.77 29.41
N ASN A 656 36.40 -13.43 30.65
CA ASN A 656 37.11 -13.90 31.82
C ASN A 656 38.63 -13.70 31.73
N ILE A 657 39.03 -12.50 31.35
CA ILE A 657 40.45 -12.16 31.29
C ILE A 657 40.98 -11.98 32.71
N PRO A 658 41.94 -12.83 33.11
CA PRO A 658 42.45 -12.79 34.50
C PRO A 658 43.30 -11.56 34.79
N THR A 659 43.99 -11.04 33.79
CA THR A 659 44.90 -9.91 33.97
C THR A 659 44.26 -8.53 33.67
N PHE A 660 42.95 -8.44 33.85
CA PHE A 660 42.20 -7.24 33.53
C PHE A 660 42.64 -6.00 34.33
N SER A 661 43.15 -6.23 35.53
CA SER A 661 43.42 -5.15 36.47
C SER A 661 44.58 -4.26 36.04
N SER A 662 45.31 -4.67 35.01
CA SER A 662 46.40 -3.86 34.50
C SER A 662 45.88 -2.63 33.75
N ILE A 663 44.57 -2.53 33.61
CA ILE A 663 43.98 -1.32 33.06
C ILE A 663 44.19 -0.17 34.04
N GLY A 664 44.36 -0.52 35.32
CA GLY A 664 44.76 0.43 36.35
C GLY A 664 46.11 0.05 36.90
N ARG A 665 46.44 0.56 38.09
CA ARG A 665 47.74 0.24 38.69
C ARG A 665 47.60 -0.60 39.96
N ARG A 666 46.38 -0.83 40.40
CA ARG A 666 46.13 -1.75 41.51
C ARG A 666 45.87 -3.15 40.99
N LEU A 667 46.39 -4.15 41.71
CA LEU A 667 46.22 -5.55 41.33
C LEU A 667 45.01 -6.17 42.02
N ARG A 668 44.14 -6.79 41.22
CA ARG A 668 42.98 -7.49 41.74
C ARG A 668 42.86 -8.85 41.07
N ARG A 669 42.51 -9.86 41.86
CA ARG A 669 42.27 -11.20 41.33
C ARG A 669 40.85 -11.32 40.79
N THR A 670 39.92 -10.64 41.43
CA THR A 670 38.51 -10.75 41.06
C THR A 670 37.88 -9.38 40.79
N TRP A 671 36.81 -9.38 39.99
CA TRP A 671 36.05 -8.17 39.75
C TRP A 671 35.20 -7.89 41.00
N PRO A 672 34.68 -6.66 41.12
CA PRO A 672 33.76 -6.37 42.22
C PRO A 672 32.52 -7.27 42.14
N GLU A 673 31.96 -7.62 43.29
CA GLU A 673 30.86 -8.59 43.33
C GLU A 673 29.69 -8.13 42.48
N LYS A 674 29.28 -6.89 42.64
CA LYS A 674 28.16 -6.33 41.89
C LYS A 674 28.59 -5.76 40.54
N PHE A 675 29.49 -6.42 39.84
CA PHE A 675 29.94 -5.94 38.54
C PHE A 675 29.22 -6.68 37.44
N GLY A 676 28.36 -5.96 36.72
CA GLY A 676 27.60 -6.53 35.63
C GLY A 676 26.21 -6.88 36.11
N ARG A 677 25.71 -6.11 37.08
CA ARG A 677 24.38 -6.32 37.63
C ARG A 677 23.34 -5.57 36.79
N GLY A 678 23.77 -5.05 35.64
CA GLY A 678 22.90 -4.30 34.77
C GLY A 678 22.71 -2.87 35.23
N ASN A 679 23.51 -2.44 36.21
CA ASN A 679 23.45 -1.08 36.71
C ASN A 679 24.47 -0.19 36.00
N SER A 680 24.08 0.34 34.84
CA SER A 680 24.95 1.18 34.03
C SER A 680 25.55 2.33 34.85
N ASN A 681 24.88 2.68 35.94
CA ASN A 681 25.34 3.79 36.78
C ASN A 681 26.46 3.36 37.73
N MET A 682 26.28 2.22 38.38
CA MET A 682 27.25 1.70 39.34
C MET A 682 28.47 1.10 38.64
N ASN A 683 28.23 0.49 37.48
CA ASN A 683 29.30 -0.10 36.69
C ASN A 683 30.37 0.93 36.35
N HIS A 684 29.93 2.15 36.03
CA HIS A 684 30.85 3.23 35.72
C HIS A 684 31.81 3.45 36.89
N PHE A 685 31.27 3.45 38.11
CA PHE A 685 32.09 3.64 39.29
C PHE A 685 33.13 2.54 39.38
N PHE A 686 32.71 1.29 39.21
CA PHE A 686 33.65 0.17 39.27
C PHE A 686 34.81 0.31 38.29
N ILE A 687 34.52 0.71 37.07
CA ILE A 687 35.55 0.86 36.05
C ILE A 687 36.56 1.94 36.43
N SER A 688 36.03 3.09 36.84
CA SER A 688 36.88 4.22 37.24
C SER A 688 37.79 3.81 38.39
N ASP A 689 37.25 3.00 39.30
CA ASP A 689 37.97 2.53 40.47
C ASP A 689 39.10 1.59 40.05
N ILE A 690 38.79 0.69 39.13
CA ILE A 690 39.75 -0.31 38.66
C ILE A 690 40.90 0.37 37.92
N CYS A 691 40.59 1.49 37.27
CA CYS A 691 41.60 2.24 36.53
C CYS A 691 42.51 3.06 37.46
N SER A 692 42.08 3.28 38.70
CA SER A 692 42.85 4.05 39.66
C SER A 692 44.35 3.80 39.51
N GLY A 693 45.11 4.89 39.38
CA GLY A 693 46.55 4.81 39.22
C GLY A 693 46.97 5.30 37.85
N ARG A 694 46.08 5.17 36.89
CA ARG A 694 46.31 5.65 35.53
C ARG A 694 45.29 6.73 35.20
N LEU A 695 45.78 7.89 34.75
CA LEU A 695 44.90 9.01 34.48
C LEU A 695 44.21 8.84 33.13
N ILE A 696 42.89 8.99 33.12
CA ILE A 696 42.12 8.87 31.90
C ILE A 696 41.97 10.22 31.21
N CYS A 697 42.71 10.40 30.12
CA CYS A 697 42.71 11.65 29.37
C CYS A 697 41.76 11.59 28.18
N ASP A 698 40.48 11.81 28.42
CA ASP A 698 39.47 11.79 27.36
C ASP A 698 39.22 13.18 26.77
N ILE A 699 39.58 13.38 25.51
CA ILE A 699 39.43 14.68 24.86
C ILE A 699 37.98 15.02 24.50
N ALA A 700 37.10 14.04 24.50
CA ALA A 700 35.71 14.25 24.09
C ALA A 700 34.73 14.09 25.24
N ASN A 701 35.22 14.16 26.47
CA ASN A 701 34.36 14.14 27.65
C ASN A 701 33.96 15.55 28.04
N GLU A 702 33.16 15.66 29.10
CA GLU A 702 32.65 16.96 29.52
C GLU A 702 33.77 17.97 29.67
N MET A 703 34.90 17.55 30.22
CA MET A 703 36.05 18.44 30.39
C MET A 703 36.64 18.83 29.03
N GLY A 704 36.92 17.82 28.21
CA GLY A 704 37.51 18.03 26.90
C GLY A 704 36.70 18.94 26.00
N GLN A 705 35.37 18.78 26.03
CA GLN A 705 34.49 19.59 25.20
C GLN A 705 34.60 21.06 25.55
N SER A 706 34.75 21.34 26.84
CA SER A 706 34.84 22.71 27.32
C SER A 706 36.01 23.49 26.72
N LEU A 707 37.07 22.77 26.33
CA LEU A 707 38.25 23.41 25.75
C LEU A 707 38.16 23.51 24.24
N THR A 708 37.14 22.88 23.66
CA THR A 708 36.93 22.92 22.22
C THR A 708 35.51 23.36 21.89
N PRO A 709 35.16 24.59 22.31
CA PRO A 709 33.83 25.17 22.10
C PRO A 709 33.51 25.44 20.64
N LYS A 710 34.55 25.54 19.81
CA LYS A 710 34.37 25.74 18.38
C LYS A 710 33.93 24.45 17.68
N CYS A 711 33.88 23.36 18.42
CA CYS A 711 33.38 22.10 17.91
C CYS A 711 31.87 22.06 18.11
N GLN A 712 31.19 21.26 17.30
CA GLN A 712 29.73 21.18 17.37
C GLN A 712 29.26 19.75 17.63
N SER A 713 29.93 18.79 17.02
CA SER A 713 29.63 17.38 17.23
C SER A 713 30.65 16.72 18.16
N TRP A 714 31.88 17.23 18.10
CA TRP A 714 33.01 16.65 18.82
C TRP A 714 33.37 15.25 18.34
N ASP A 715 33.12 15.00 17.05
CA ASP A 715 33.55 13.77 16.40
C ASP A 715 35.05 13.88 16.19
N LEU A 716 35.76 12.75 16.25
CA LEU A 716 37.21 12.77 16.22
C LEU A 716 37.76 13.59 15.06
N SER A 717 37.23 13.35 13.87
CA SER A 717 37.68 14.06 12.68
C SER A 717 37.41 15.55 12.82
N GLU A 718 36.26 15.88 13.39
CA GLU A 718 35.88 17.27 13.56
C GLU A 718 36.84 17.95 14.52
N MET A 719 37.11 17.31 15.66
CA MET A 719 38.03 17.88 16.63
C MET A 719 39.41 18.11 16.04
N TYR A 720 39.87 17.17 15.23
CA TYR A 720 41.20 17.27 14.63
C TYR A 720 41.28 18.46 13.69
N GLN A 721 40.21 18.66 12.92
CA GLN A 721 40.16 19.79 11.99
C GLN A 721 40.14 21.13 12.73
N VAL A 722 39.22 21.27 13.66
CA VAL A 722 39.03 22.49 14.45
C VAL A 722 40.29 22.90 15.20
N THR A 723 40.94 21.93 15.83
CA THR A 723 42.06 22.21 16.74
C THR A 723 43.40 22.29 16.04
N CYS A 724 43.59 21.48 15.00
CA CYS A 724 44.88 21.41 14.31
C CYS A 724 44.82 21.97 12.89
N GLU A 725 43.61 22.30 12.44
CA GLU A 725 43.43 22.81 11.08
C GLU A 725 44.03 21.86 10.06
N LYS A 726 43.67 20.58 10.17
CA LYS A 726 44.11 19.55 9.26
C LYS A 726 42.92 18.66 8.91
N GLU A 727 42.89 18.15 7.69
CA GLU A 727 41.71 17.43 7.21
C GLU A 727 41.87 15.92 7.28
N HIS A 728 40.83 15.26 7.78
CA HIS A 728 40.76 13.81 7.79
C HIS A 728 39.35 13.36 7.42
N LYS A 729 39.26 12.49 6.42
CA LYS A 729 37.97 11.96 6.00
C LYS A 729 37.70 10.67 6.76
N PRO A 730 36.69 10.69 7.65
CA PRO A 730 36.44 9.52 8.48
C PRO A 730 35.90 8.35 7.66
N LEU A 731 36.46 7.18 7.85
CA LEU A 731 35.99 5.97 7.19
C LEU A 731 34.99 5.27 8.09
N ASP A 732 33.83 4.95 7.55
CA ASP A 732 32.80 4.25 8.30
C ASP A 732 33.08 2.75 8.22
N ILE A 733 33.67 2.21 9.28
CA ILE A 733 34.02 0.79 9.30
C ILE A 733 32.92 -0.02 9.97
N ASP A 734 32.35 -0.95 9.22
CA ASP A 734 31.35 -1.86 9.77
C ASP A 734 31.83 -3.28 9.51
N TYR A 735 32.35 -3.91 10.56
CA TYR A 735 32.95 -5.24 10.42
C TYR A 735 31.95 -6.36 10.16
N GLN A 736 30.65 -6.06 10.26
CA GLN A 736 29.63 -7.04 9.91
C GLN A 736 29.63 -7.26 8.40
N ASN A 737 30.13 -6.26 7.67
CA ASN A 737 30.22 -6.36 6.22
C ASN A 737 31.08 -7.57 5.84
N PRO A 738 30.61 -8.37 4.87
CA PRO A 738 31.33 -9.60 4.53
C PRO A 738 32.69 -9.38 3.87
N GLN A 739 32.93 -8.19 3.33
CA GLN A 739 34.18 -7.92 2.63
C GLN A 739 35.37 -8.14 3.55
N TYR A 740 35.16 -7.87 4.84
CA TYR A 740 36.25 -7.90 5.81
C TYR A 740 36.75 -9.32 6.13
N GLN A 741 36.00 -10.34 5.78
CA GLN A 741 36.41 -11.70 6.12
C GLN A 741 37.47 -12.22 5.14
N ASN A 742 37.31 -11.92 3.85
CA ASN A 742 38.23 -12.41 2.83
C ASN A 742 39.02 -11.34 2.09
N ASP A 743 38.65 -10.07 2.26
CA ASP A 743 39.32 -8.99 1.56
C ASP A 743 40.44 -8.39 2.41
N VAL A 744 41.66 -8.84 2.14
CA VAL A 744 42.84 -8.41 2.89
C VAL A 744 43.05 -6.89 2.79
N ASN A 745 42.70 -6.31 1.65
CA ASN A 745 42.87 -4.87 1.46
C ASN A 745 41.81 -4.05 2.21
N SER A 746 40.63 -4.63 2.39
CA SER A 746 39.57 -3.98 3.15
C SER A 746 39.96 -3.95 4.62
N MET A 747 40.35 -5.11 5.13
CA MET A 747 40.81 -5.24 6.50
C MET A 747 41.98 -4.28 6.74
N THR A 748 42.89 -4.20 5.78
CA THR A 748 44.04 -3.31 5.90
C THR A 748 43.64 -1.84 5.96
N MET A 749 42.64 -1.47 5.16
CA MET A 749 42.16 -0.10 5.15
C MET A 749 41.50 0.27 6.49
N ALA A 750 40.80 -0.69 7.08
CA ALA A 750 40.13 -0.45 8.35
C ALA A 750 41.15 -0.30 9.48
N LEU A 751 42.18 -1.13 9.45
CA LEU A 751 43.23 -1.07 10.46
C LEU A 751 44.01 0.25 10.34
N GLN A 752 44.19 0.71 9.10
CA GLN A 752 44.85 1.99 8.88
C GLN A 752 44.00 3.12 9.44
N GLU A 753 42.67 3.01 9.29
CA GLU A 753 41.76 4.00 9.85
C GLU A 753 41.89 4.06 11.37
N ASN A 754 41.97 2.90 12.00
CA ASN A 754 42.09 2.84 13.46
C ASN A 754 43.39 3.48 13.95
N ILE A 755 44.49 3.16 13.27
CA ILE A 755 45.79 3.74 13.61
C ILE A 755 45.77 5.25 13.53
N THR A 756 45.23 5.76 12.43
CA THR A 756 45.14 7.20 12.21
C THR A 756 44.37 7.87 13.35
N ASN A 757 43.21 7.31 13.68
CA ASN A 757 42.38 7.82 14.76
C ASN A 757 43.12 7.89 16.09
N CYS A 758 43.89 6.87 16.40
CA CYS A 758 44.68 6.83 17.63
C CYS A 758 45.69 8.00 17.67
N MET A 759 46.37 8.20 16.55
CA MET A 759 47.39 9.22 16.45
C MET A 759 46.75 10.61 16.56
N ILE A 760 45.53 10.71 16.03
CA ILE A 760 44.79 11.95 16.05
C ILE A 760 44.38 12.31 17.47
N SER A 761 43.89 11.32 18.20
CA SER A 761 43.41 11.53 19.56
C SER A 761 44.55 12.10 20.40
N ALA A 762 45.72 11.48 20.30
CA ALA A 762 46.86 11.97 21.07
C ALA A 762 47.22 13.41 20.70
N GLU A 763 47.37 13.68 19.41
CA GLU A 763 47.82 15.01 18.98
C GLU A 763 46.85 16.10 19.44
N VAL A 764 45.55 15.81 19.38
CA VAL A 764 44.54 16.75 19.81
C VAL A 764 44.66 17.01 21.31
N SER A 765 44.81 15.94 22.08
CA SER A 765 44.90 16.07 23.54
C SER A 765 46.07 16.97 23.93
N TYR A 766 47.16 16.87 23.17
CA TYR A 766 48.33 17.71 23.45
C TYR A 766 48.09 19.14 22.98
N ARG A 767 47.42 19.29 21.85
CA ARG A 767 47.20 20.61 21.27
C ARG A 767 46.26 21.44 22.13
N ILE A 768 45.19 20.83 22.64
CA ILE A 768 44.24 21.53 23.50
C ILE A 768 44.77 21.60 24.93
N GLN A 769 45.88 20.93 25.18
CA GLN A 769 46.56 21.04 26.47
C GLN A 769 45.65 20.65 27.63
N LEU A 770 44.97 19.53 27.48
CA LEU A 770 44.01 19.05 28.47
C LEU A 770 44.70 18.68 29.79
N LEU A 771 45.89 18.11 29.69
CA LEU A 771 46.62 17.67 30.87
C LEU A 771 47.04 18.86 31.73
N THR A 772 47.69 19.84 31.11
CA THR A 772 48.16 21.01 31.85
C THR A 772 47.02 21.75 32.55
N LEU A 773 45.94 22.02 31.83
CA LEU A 773 44.84 22.78 32.43
C LEU A 773 44.18 22.06 33.60
N THR A 774 43.92 20.77 33.43
CA THR A 774 43.29 20.00 34.50
C THR A 774 44.21 19.88 35.71
N LYS A 775 45.51 19.80 35.45
CA LYS A 775 46.49 19.72 36.53
C LYS A 775 46.47 21.00 37.34
N GLN A 776 46.44 22.13 36.64
CA GLN A 776 46.41 23.44 37.28
C GLN A 776 45.16 23.57 38.14
N LEU A 777 44.03 23.12 37.58
CA LEU A 777 42.74 23.22 38.27
C LEU A 777 42.74 22.37 39.53
N THR A 778 43.44 21.23 39.47
CA THR A 778 43.54 20.33 40.60
C THR A 778 44.37 20.95 41.71
N ASN A 779 45.49 21.58 41.34
CA ASN A 779 46.35 22.25 42.31
C ASN A 779 45.66 23.44 42.97
N LEU A 780 44.80 24.12 42.20
CA LEU A 780 44.06 25.26 42.73
C LEU A 780 42.98 24.82 43.71
N ALA A 781 42.27 23.75 43.38
CA ALA A 781 41.19 23.27 44.23
C ALA A 781 41.68 22.30 45.30
N GLY A 782 42.80 21.64 45.04
CA GLY A 782 43.36 20.68 45.97
C GLY A 782 42.64 19.35 46.00
N ASN A 783 42.00 18.99 44.90
CA ASN A 783 41.31 17.70 44.81
C ASN A 783 42.19 16.68 44.11
N ALA A 784 41.59 15.61 43.60
CA ALA A 784 42.34 14.59 42.86
C ALA A 784 42.32 14.90 41.37
N TRP A 785 43.48 14.75 40.73
CA TRP A 785 43.59 14.96 39.29
C TRP A 785 42.56 14.13 38.54
N ALA A 786 42.39 12.87 38.97
CA ALA A 786 41.43 11.99 38.32
C ALA A 786 40.06 12.65 38.24
N GLN A 787 39.61 13.24 39.35
CA GLN A 787 38.32 13.89 39.40
C GLN A 787 38.20 14.99 38.34
N THR A 788 39.20 15.86 38.28
CA THR A 788 39.18 16.96 37.32
C THR A 788 39.07 16.46 35.88
N LEU A 789 39.88 15.48 35.54
CA LEU A 789 39.87 14.92 34.19
C LEU A 789 38.52 14.29 33.85
N GLY A 790 37.71 14.04 34.87
CA GLY A 790 36.40 13.44 34.69
C GLY A 790 35.27 14.39 34.31
N GLY A 791 35.17 15.52 34.99
CA GLY A 791 34.14 16.49 34.67
C GLY A 791 33.03 16.49 35.72
N THR A 792 33.41 16.73 36.96
CA THR A 792 32.47 16.78 38.07
C THR A 792 32.16 18.23 38.40
N ARG A 793 31.07 18.46 39.13
CA ARG A 793 30.73 19.83 39.51
C ARG A 793 30.92 20.06 41.00
N ALA A 794 30.60 19.08 41.83
CA ALA A 794 30.82 19.19 43.27
C ALA A 794 32.21 18.69 43.64
N GLY A 795 33.15 18.66 42.68
CA GLY A 795 34.51 18.25 42.99
C GLY A 795 35.58 19.28 43.30
N ARG A 796 35.81 20.25 42.40
CA ARG A 796 36.84 21.24 42.65
C ARG A 796 36.22 22.38 43.42
N ASN A 797 34.90 22.34 43.54
CA ASN A 797 34.16 23.38 44.25
C ASN A 797 34.00 23.05 45.72
N GLU A 798 34.23 21.79 46.10
CA GLU A 798 34.09 21.39 47.49
C GLU A 798 35.46 21.39 48.18
N TYR A 799 36.48 20.97 47.44
CA TYR A 799 37.82 20.86 47.99
C TYR A 799 38.40 22.25 48.20
N ILE A 800 38.35 23.08 47.17
CA ILE A 800 38.87 24.43 47.26
C ILE A 800 38.40 25.10 48.56
N LEU A 801 37.18 24.78 48.98
CA LEU A 801 36.63 25.38 50.19
C LEU A 801 37.08 24.68 51.47
N LEU A 802 37.19 23.35 51.42
CA LEU A 802 37.69 22.60 52.57
C LEU A 802 39.13 22.95 52.95
N HIS A 803 39.94 23.28 51.96
CA HIS A 803 41.35 23.59 52.18
C HIS A 803 41.51 25.00 52.72
N GLU A 804 40.69 25.93 52.22
CA GLU A 804 40.78 27.32 52.63
C GLU A 804 40.32 27.43 54.08
N PHE A 805 39.15 26.85 54.37
CA PHE A 805 38.55 26.92 55.69
C PHE A 805 39.33 26.11 56.72
N SER A 806 39.80 24.92 56.35
CA SER A 806 40.57 24.10 57.27
C SER A 806 41.88 24.80 57.62
N ARG A 807 42.50 25.46 56.66
CA ARG A 807 43.73 26.20 56.92
C ARG A 807 43.50 27.38 57.84
N ASN A 808 42.29 27.94 57.82
CA ASN A 808 41.96 29.08 58.67
C ASN A 808 41.19 28.68 59.93
N GLY A 809 41.34 27.43 60.35
CA GLY A 809 40.84 26.99 61.63
C GLY A 809 39.33 26.85 61.73
N PHE A 810 38.67 26.61 60.60
CA PHE A 810 37.22 26.42 60.61
C PHE A 810 36.85 24.95 60.55
N ILE A 811 35.74 24.61 61.18
CA ILE A 811 35.16 23.28 61.04
C ILE A 811 34.26 23.28 59.82
N VAL A 812 34.46 22.30 58.95
CA VAL A 812 33.71 22.21 57.70
C VAL A 812 32.50 21.29 57.84
N PRO A 813 31.48 21.51 57.00
CA PRO A 813 30.27 20.66 57.07
C PRO A 813 30.59 19.21 56.71
N ASP A 814 29.85 18.27 57.28
CA ASP A 814 29.97 16.87 56.91
C ASP A 814 29.21 16.64 55.61
N LYS A 815 29.57 15.59 54.87
CA LYS A 815 28.91 15.29 53.60
C LYS A 815 27.98 14.09 53.75
N VAL A 848 16.74 37.23 33.89
CA VAL A 848 16.49 36.48 32.67
C VAL A 848 15.57 37.26 31.73
N PHE A 849 15.95 37.35 30.46
CA PHE A 849 15.20 38.12 29.48
C PHE A 849 14.59 37.23 28.41
N GLU A 850 13.28 37.28 28.26
CA GLU A 850 12.60 36.51 27.23
C GLU A 850 13.26 36.80 25.88
N PRO A 851 13.51 35.73 25.10
CA PRO A 851 14.22 35.85 23.82
C PRO A 851 13.41 36.54 22.73
N GLU A 852 14.10 37.28 21.85
CA GLU A 852 13.47 37.90 20.70
C GLU A 852 13.49 36.90 19.55
N LYS A 853 12.45 36.09 19.45
CA LYS A 853 12.43 35.00 18.49
C LYS A 853 12.33 35.54 17.07
N GLY A 854 13.23 35.07 16.21
CA GLY A 854 13.21 35.46 14.80
C GLY A 854 14.61 35.51 14.22
N LEU A 855 14.70 35.87 12.95
CA LEU A 855 15.99 36.02 12.30
C LEU A 855 16.58 37.40 12.60
N HIS A 856 17.87 37.43 12.92
CA HIS A 856 18.57 38.67 13.22
C HIS A 856 19.66 38.89 12.19
N LYS A 857 19.47 39.89 11.33
CA LYS A 857 20.34 40.12 10.19
C LYS A 857 21.64 40.81 10.57
N ASN A 858 21.61 41.60 11.64
CA ASN A 858 22.79 42.32 12.09
C ASN A 858 23.63 41.48 13.03
N TYR A 859 24.93 41.75 13.07
CA TYR A 859 25.85 41.02 13.95
C TYR A 859 25.36 41.03 15.40
N VAL A 860 25.24 39.83 15.97
CA VAL A 860 24.89 39.69 17.38
C VAL A 860 26.10 39.20 18.16
N LEU A 861 26.41 39.87 19.26
CA LEU A 861 27.55 39.48 20.09
C LEU A 861 27.08 38.83 21.37
N VAL A 862 27.59 37.63 21.65
CA VAL A 862 27.33 36.99 22.93
C VAL A 862 28.33 37.52 23.95
N MET A 863 27.84 38.13 25.02
CA MET A 863 28.67 38.69 26.07
C MET A 863 28.65 37.75 27.26
N ASP A 864 29.82 37.32 27.75
CA ASP A 864 29.77 36.35 28.84
C ASP A 864 29.81 36.93 30.25
N PHE A 865 28.73 36.74 31.02
CA PHE A 865 28.78 37.20 32.40
C PHE A 865 29.09 36.06 33.37
N ASN A 866 29.96 35.13 33.00
CA ASN A 866 30.28 34.04 33.91
C ASN A 866 30.72 34.63 35.22
N SER A 867 31.63 35.59 35.13
CA SER A 867 32.13 36.15 36.37
C SER A 867 31.20 37.16 37.02
N LEU A 868 29.90 36.96 36.88
CA LEU A 868 28.95 37.86 37.50
C LEU A 868 28.92 37.69 39.02
N TYR A 869 28.70 36.44 39.41
CA TYR A 869 28.56 36.05 40.81
C TYR A 869 29.85 36.20 41.62
N PRO A 870 30.97 35.72 41.08
CA PRO A 870 32.18 35.92 41.88
C PRO A 870 32.40 37.40 42.18
N SER A 871 32.24 38.26 41.18
CA SER A 871 32.41 39.70 41.39
C SER A 871 31.43 40.21 42.45
N ILE A 872 30.21 39.67 42.44
CA ILE A 872 29.19 40.06 43.41
C ILE A 872 29.58 39.63 44.82
N ILE A 873 30.10 38.42 44.94
CA ILE A 873 30.51 37.90 46.23
C ILE A 873 31.70 38.68 46.78
N GLN A 874 32.55 39.17 45.88
CA GLN A 874 33.74 39.91 46.28
C GLN A 874 33.44 41.37 46.59
N GLU A 875 32.51 41.96 45.84
CA GLU A 875 32.18 43.38 45.99
C GLU A 875 31.43 43.61 47.30
N PHE A 876 30.39 42.81 47.51
CA PHE A 876 29.55 42.96 48.70
C PHE A 876 30.07 42.19 49.90
N ASN A 877 31.17 41.47 49.71
CA ASN A 877 31.82 40.73 50.79
C ASN A 877 30.89 39.66 51.36
N ILE A 878 30.38 38.82 50.48
CA ILE A 878 29.47 37.75 50.87
C ILE A 878 30.24 36.50 51.27
N CYS A 879 30.01 36.02 52.50
CA CYS A 879 30.68 34.84 52.99
C CYS A 879 29.85 34.15 54.06
N PHE A 880 30.21 32.92 54.39
CA PHE A 880 29.58 32.19 55.47
C PHE A 880 29.94 32.87 56.80
N THR A 881 31.07 33.56 56.81
CA THR A 881 31.58 34.19 58.01
C THR A 881 31.09 35.64 58.19
N THR A 882 30.52 36.22 57.14
CA THR A 882 30.18 37.63 57.16
C THR A 882 28.68 37.91 57.12
N VAL A 883 27.91 37.00 56.52
CA VAL A 883 26.49 37.23 56.33
C VAL A 883 25.65 36.66 57.48
N ASP A 884 25.12 37.55 58.31
CA ASP A 884 24.21 37.15 59.37
C ASP A 884 22.93 36.63 58.75
N ARG A 885 22.63 35.35 58.97
CA ARG A 885 21.48 34.72 58.36
C ARG A 885 20.73 33.84 59.35
N ASN A 886 19.46 33.62 59.09
CA ASN A 886 18.63 32.77 59.94
C ASN A 886 18.79 31.31 59.54
N LYS A 887 19.52 30.55 60.35
CA LYS A 887 19.82 29.16 60.03
C LYS A 887 18.65 28.23 60.33
N GLU A 888 17.63 28.77 60.99
CA GLU A 888 16.37 28.04 61.18
C GLU A 888 15.54 28.13 59.91
N ASP A 889 15.38 29.35 59.39
CA ASP A 889 14.64 29.59 58.16
C ASP A 889 15.59 29.94 57.02
N ILE A 890 15.88 28.97 56.16
CA ILE A 890 16.78 29.19 55.02
C ILE A 890 16.12 30.00 53.91
N ASP A 891 14.79 30.09 53.94
CA ASP A 891 14.05 30.84 52.94
C ASP A 891 13.99 32.33 53.29
N GLU A 892 14.49 32.69 54.46
CA GLU A 892 14.56 34.09 54.86
C GLU A 892 15.72 34.77 54.16
N LEU A 893 15.43 35.89 53.50
CA LEU A 893 16.46 36.64 52.79
C LEU A 893 17.27 37.44 53.81
N PRO A 894 18.60 37.26 53.81
CA PRO A 894 19.44 38.01 54.74
C PRO A 894 19.88 39.33 54.12
N SER A 895 20.67 40.11 54.84
CA SER A 895 21.16 41.38 54.33
C SER A 895 22.67 41.31 54.10
N VAL A 896 23.14 42.19 53.22
CA VAL A 896 24.58 42.29 52.97
C VAL A 896 25.25 42.83 54.23
N VAL A 905 36.18 35.01 54.37
CA VAL A 905 37.06 33.96 53.86
C VAL A 905 36.87 33.77 52.36
N LEU A 906 35.62 33.57 51.96
CA LEU A 906 35.28 33.28 50.58
C LEU A 906 35.70 34.42 49.65
N PRO A 907 35.29 35.66 49.97
CA PRO A 907 35.69 36.80 49.14
C PRO A 907 37.20 37.05 49.11
N ARG A 908 37.92 36.76 50.19
CA ARG A 908 39.37 36.94 50.19
C ARG A 908 40.00 35.96 49.21
N LEU A 909 39.55 34.71 49.24
CA LEU A 909 40.02 33.70 48.30
C LEU A 909 39.78 34.13 46.86
N LEU A 910 38.58 34.63 46.60
CA LEU A 910 38.22 35.10 45.27
C LEU A 910 39.17 36.21 44.83
N ALA A 911 39.43 37.15 45.74
CA ALA A 911 40.29 38.28 45.47
C ALA A 911 41.69 37.83 45.11
N ASN A 912 42.18 36.80 45.82
CA ASN A 912 43.50 36.26 45.56
C ASN A 912 43.58 35.69 44.15
N LEU A 913 42.54 34.96 43.75
CA LEU A 913 42.49 34.39 42.40
C LEU A 913 42.49 35.47 41.32
N VAL A 914 41.72 36.53 41.54
CA VAL A 914 41.62 37.63 40.58
C VAL A 914 42.96 38.34 40.41
N ASP A 915 43.63 38.60 41.54
CA ASP A 915 44.91 39.28 41.55
C ASP A 915 45.96 38.48 40.80
N ARG A 916 46.00 37.18 41.08
CA ARG A 916 46.96 36.29 40.44
C ARG A 916 46.73 36.34 38.93
N ARG A 917 45.46 36.32 38.52
CA ARG A 917 45.12 36.39 37.11
C ARG A 917 45.63 37.69 36.49
N ARG A 918 45.55 38.76 37.27
CA ARG A 918 46.06 40.05 36.80
C ARG A 918 47.56 39.97 36.55
N GLU A 919 48.30 39.43 37.51
CA GLU A 919 49.75 39.31 37.38
C GLU A 919 50.13 38.51 36.14
N VAL A 920 49.38 37.44 35.86
CA VAL A 920 49.68 36.63 34.68
C VAL A 920 49.49 37.44 33.39
N LYS A 921 48.38 38.17 33.29
CA LYS A 921 48.12 38.96 32.09
C LYS A 921 49.16 40.07 31.89
N LYS A 922 49.58 40.71 32.98
CA LYS A 922 50.58 41.77 32.91
C LYS A 922 51.86 41.18 32.34
N VAL A 923 52.20 39.99 32.81
CA VAL A 923 53.38 39.29 32.31
C VAL A 923 53.20 38.92 30.84
N MET A 924 51.97 38.61 30.44
CA MET A 924 51.69 38.26 29.05
C MET A 924 51.97 39.42 28.09
N LYS A 925 51.56 40.63 28.44
CA LYS A 925 51.82 41.78 27.56
C LYS A 925 53.31 41.88 27.21
N THR A 926 54.18 41.60 28.17
CA THR A 926 55.61 41.71 27.96
C THR A 926 56.19 40.41 27.37
N GLU A 927 55.82 39.29 27.97
CA GLU A 927 56.31 37.98 27.52
C GLU A 927 56.45 37.91 26.00
N THR A 928 57.61 37.43 25.54
CA THR A 928 57.87 37.31 24.11
C THR A 928 57.95 35.86 23.64
N ASP A 929 58.38 34.97 24.52
CA ASP A 929 58.50 33.54 24.18
C ASP A 929 57.14 32.91 23.93
N PRO A 930 56.87 32.49 22.69
CA PRO A 930 55.60 31.82 22.35
C PRO A 930 55.28 30.69 23.33
N HIS A 931 56.30 30.02 23.84
CA HIS A 931 56.11 28.91 24.76
C HIS A 931 55.59 29.44 26.09
N LYS A 932 56.37 30.31 26.71
CA LYS A 932 56.01 30.91 27.99
C LYS A 932 54.66 31.63 27.88
N ARG A 933 54.42 32.24 26.71
CA ARG A 933 53.17 32.95 26.47
C ARG A 933 51.97 32.02 26.58
N VAL A 934 51.98 30.96 25.78
CA VAL A 934 50.89 30.00 25.79
C VAL A 934 50.66 29.45 27.18
N GLN A 935 51.75 29.16 27.90
CA GLN A 935 51.63 28.64 29.25
C GLN A 935 50.88 29.64 30.13
N CYS A 936 51.20 30.92 30.00
CA CYS A 936 50.52 31.95 30.76
C CYS A 936 49.02 31.95 30.46
N ASP A 937 48.67 31.77 29.19
CA ASP A 937 47.27 31.72 28.78
C ASP A 937 46.53 30.59 29.49
N ILE A 938 47.17 29.43 29.60
CA ILE A 938 46.57 28.31 30.32
C ILE A 938 46.36 28.64 31.78
N ARG A 939 47.38 29.25 32.39
CA ARG A 939 47.35 29.61 33.79
C ARG A 939 46.16 30.51 34.13
N GLN A 940 45.96 31.54 33.32
CA GLN A 940 44.87 32.48 33.54
C GLN A 940 43.52 31.83 33.28
N GLN A 941 43.46 30.92 32.32
CA GLN A 941 42.21 30.21 32.04
C GLN A 941 41.82 29.39 33.26
N ALA A 942 42.79 28.74 33.88
CA ALA A 942 42.56 27.92 35.06
C ALA A 942 42.06 28.77 36.23
N LEU A 943 42.67 29.94 36.41
CA LEU A 943 42.25 30.85 37.47
C LEU A 943 40.82 31.35 37.26
N LYS A 944 40.49 31.62 36.00
CA LYS A 944 39.16 32.11 35.65
C LYS A 944 38.09 31.08 35.93
N LEU A 945 38.37 29.84 35.55
CA LEU A 945 37.43 28.75 35.72
C LEU A 945 37.24 28.43 37.19
N THR A 946 38.32 28.54 37.97
CA THR A 946 38.25 28.26 39.39
C THR A 946 37.38 29.29 40.09
N ALA A 947 37.55 30.56 39.72
CA ALA A 947 36.79 31.64 40.34
C ALA A 947 35.32 31.60 39.91
N ASN A 948 35.07 31.21 38.66
CA ASN A 948 33.72 31.19 38.13
C ASN A 948 32.93 29.97 38.57
N SER A 949 33.58 29.10 39.34
CA SER A 949 32.95 27.87 39.83
C SER A 949 32.69 27.96 41.33
N MET A 950 33.06 29.08 41.94
CA MET A 950 32.89 29.27 43.37
C MET A 950 31.42 29.37 43.78
N TYR A 951 30.58 29.94 42.93
CA TYR A 951 29.17 30.10 43.26
C TYR A 951 28.47 28.78 43.51
N GLY A 952 28.68 27.82 42.62
CA GLY A 952 28.05 26.52 42.75
C GLY A 952 28.22 25.96 44.14
N CYS A 953 29.28 26.40 44.82
CA CYS A 953 29.56 25.94 46.17
C CYS A 953 28.40 26.20 47.13
N LEU A 954 27.89 27.42 47.12
CA LEU A 954 26.79 27.79 48.01
C LEU A 954 25.43 27.82 47.32
N GLY A 955 25.42 27.77 46.00
CA GLY A 955 24.19 27.98 45.25
C GLY A 955 23.44 26.74 44.81
N TYR A 956 24.17 25.69 44.44
CA TYR A 956 23.53 24.45 43.99
C TYR A 956 23.11 23.60 45.20
N VAL A 957 21.87 23.13 45.15
CA VAL A 957 21.19 22.52 46.31
C VAL A 957 21.91 21.34 46.98
N SER A 959 25.08 20.80 47.17
CA SER A 959 26.46 21.14 47.50
C SER A 959 26.71 20.99 49.00
N ARG A 960 27.92 20.57 49.33
CA ARG A 960 28.34 20.42 50.72
C ARG A 960 28.30 21.76 51.46
N PHE A 961 28.48 22.85 50.73
CA PHE A 961 28.50 24.18 51.32
C PHE A 961 27.24 24.97 50.96
N TYR A 962 26.20 24.27 50.55
CA TYR A 962 24.96 24.91 50.16
C TYR A 962 24.42 25.82 51.27
N ALA A 963 24.03 27.02 50.87
CA ALA A 963 23.42 27.98 51.79
C ALA A 963 22.41 28.82 51.04
N LYS A 964 21.13 28.48 51.18
CA LYS A 964 20.08 29.13 50.41
C LYS A 964 20.01 30.64 50.63
N PRO A 965 20.21 31.10 51.87
CA PRO A 965 20.17 32.54 52.10
C PRO A 965 21.28 33.28 51.35
N LEU A 966 22.44 32.63 51.21
CA LEU A 966 23.57 33.24 50.50
C LEU A 966 23.34 33.21 49.00
N ALA A 967 22.79 32.12 48.50
CA ALA A 967 22.51 31.98 47.08
C ALA A 967 21.52 33.07 46.65
N MET A 968 20.45 33.20 47.42
CA MET A 968 19.41 34.18 47.14
C MET A 968 19.96 35.61 47.20
N LEU A 969 20.75 35.89 48.22
CA LEU A 969 21.36 37.21 48.37
C LEU A 969 22.16 37.57 47.13
N VAL A 970 22.97 36.63 46.65
CA VAL A 970 23.80 36.85 45.47
C VAL A 970 22.95 37.01 44.21
N THR A 971 21.89 36.21 44.11
CA THR A 971 21.03 36.20 42.93
C THR A 971 20.32 37.53 42.73
N ASN A 972 19.79 38.09 43.81
CA ASN A 972 19.06 39.33 43.74
C ASN A 972 19.95 40.47 43.28
N LYS A 973 21.18 40.50 43.80
CA LYS A 973 22.15 41.48 43.37
C LYS A 973 22.49 41.24 41.90
N GLY A 974 22.45 39.97 41.49
CA GLY A 974 22.63 39.62 40.10
C GLY A 974 21.50 40.14 39.22
N ARG A 975 20.30 40.18 39.78
CA ARG A 975 19.13 40.72 39.07
C ARG A 975 19.24 42.22 38.90
N GLU A 976 19.66 42.91 39.94
CA GLU A 976 19.82 44.35 39.86
C GLU A 976 20.85 44.66 38.79
N ILE A 977 22.01 44.03 38.88
CA ILE A 977 23.10 44.26 37.94
C ILE A 977 22.66 44.02 36.50
N LEU A 978 21.94 42.92 36.27
CA LEU A 978 21.44 42.62 34.93
C LEU A 978 20.42 43.63 34.43
N MET A 979 19.54 44.09 35.32
CA MET A 979 18.53 45.08 34.96
C MET A 979 19.20 46.36 34.48
N ASN A 980 20.19 46.82 35.23
CA ASN A 980 20.91 48.03 34.88
C ASN A 980 21.66 47.78 33.58
N THR A 981 22.13 46.55 33.40
CA THR A 981 22.83 46.16 32.19
C THR A 981 21.93 46.28 30.97
N ARG A 982 20.69 45.84 31.11
CA ARG A 982 19.72 45.94 30.04
C ARG A 982 19.53 47.40 29.69
N GLN A 983 19.38 48.21 30.73
CA GLN A 983 19.23 49.65 30.55
C GLN A 983 20.42 50.26 29.82
N LEU A 984 21.62 49.78 30.11
CA LEU A 984 22.85 50.28 29.48
C LEU A 984 22.87 49.94 27.99
N ALA A 985 22.47 48.73 27.66
CA ALA A 985 22.44 48.30 26.27
C ALA A 985 21.46 49.18 25.50
N GLU A 986 20.26 49.31 26.04
CA GLU A 986 19.23 50.14 25.44
C GLU A 986 19.73 51.58 25.37
N SER A 987 20.51 51.98 26.37
CA SER A 987 21.08 53.32 26.42
C SER A 987 22.03 53.50 25.25
N MET A 988 22.62 52.40 24.82
CA MET A 988 23.48 52.40 23.63
C MET A 988 22.69 52.11 22.36
N ASN A 989 21.37 52.19 22.44
CA ASN A 989 20.49 51.93 21.31
C ASN A 989 20.59 50.49 20.81
N LEU A 990 21.12 49.61 21.65
CA LEU A 990 21.21 48.20 21.33
C LEU A 990 19.97 47.47 21.83
N LEU A 991 19.68 46.31 21.23
CA LEU A 991 18.56 45.51 21.69
C LEU A 991 19.08 44.18 22.22
N VAL A 992 18.62 43.81 23.42
CA VAL A 992 18.98 42.54 24.01
C VAL A 992 18.11 41.43 23.43
N VAL A 993 18.71 40.62 22.58
CA VAL A 993 18.02 39.53 21.91
C VAL A 993 17.69 38.40 22.89
N TYR A 994 18.58 38.17 23.84
CA TYR A 994 18.36 37.20 24.91
C TYR A 994 19.31 37.49 26.04
N GLY A 995 19.01 37.01 27.24
CA GLY A 995 19.93 37.15 28.36
C GLY A 995 19.61 36.26 29.55
N ASP A 996 20.65 35.93 30.31
CA ASP A 996 20.50 35.19 31.55
C ASP A 996 21.70 35.46 32.44
N THR A 997 21.83 34.71 33.54
CA THR A 997 22.90 34.95 34.50
C THR A 997 24.28 34.62 33.94
N ASP A 998 24.33 33.81 32.89
CA ASP A 998 25.60 33.38 32.31
C ASP A 998 26.05 34.30 31.17
N SER A 999 25.10 34.76 30.36
CA SER A 999 25.45 35.58 29.20
C SER A 999 24.29 36.49 28.76
N VAL A 1000 24.64 37.53 28.00
CA VAL A 1000 23.66 38.43 27.43
C VAL A 1000 24.02 38.68 25.96
N MET A 1001 23.11 38.33 25.06
CA MET A 1001 23.33 38.51 23.64
C MET A 1001 22.73 39.83 23.17
N ILE A 1002 23.54 40.63 22.48
CA ILE A 1002 23.14 41.97 22.07
C ILE A 1002 23.26 42.18 20.56
N ASP A 1003 22.20 42.68 19.95
CA ASP A 1003 22.23 43.04 18.54
C ASP A 1003 22.95 44.37 18.40
N THR A 1004 24.07 44.36 17.67
CA THR A 1004 24.89 45.55 17.51
C THR A 1004 24.28 46.52 16.50
N GLY A 1005 23.41 46.01 15.64
CA GLY A 1005 22.79 46.83 14.62
C GLY A 1005 23.70 47.07 13.43
N CYS A 1006 24.80 46.33 13.39
CA CYS A 1006 25.78 46.49 12.32
C CYS A 1006 25.76 45.31 11.37
N ASP A 1007 26.33 45.50 10.18
CA ASP A 1007 26.43 44.44 9.19
C ASP A 1007 27.90 44.25 8.86
N ASN A 1008 28.75 44.69 9.78
CA ASN A 1008 30.20 44.64 9.59
C ASN A 1008 30.85 44.07 10.83
N TYR A 1009 31.84 43.22 10.64
CA TYR A 1009 32.53 42.62 11.77
C TYR A 1009 33.20 43.70 12.61
N ALA A 1010 33.91 44.60 11.95
CA ALA A 1010 34.61 45.69 12.62
C ALA A 1010 33.66 46.58 13.43
N ASP A 1011 32.61 47.09 12.79
CA ASP A 1011 31.68 47.99 13.45
C ASP A 1011 31.03 47.30 14.65
N ALA A 1012 30.81 46.00 14.51
CA ALA A 1012 30.15 45.22 15.55
C ALA A 1012 31.07 45.09 16.74
N ILE A 1013 32.35 44.85 16.47
CA ILE A 1013 33.33 44.69 17.54
C ILE A 1013 33.51 45.98 18.32
N LYS A 1014 33.54 47.11 17.63
CA LYS A 1014 33.62 48.40 18.29
C LYS A 1014 32.44 48.61 19.22
N ILE A 1015 31.25 48.25 18.75
CA ILE A 1015 30.07 48.32 19.59
C ILE A 1015 30.22 47.46 20.85
N GLY A 1016 30.70 46.24 20.66
CA GLY A 1016 30.86 45.28 21.74
C GLY A 1016 31.84 45.73 22.80
N LEU A 1017 32.93 46.37 22.36
CA LEU A 1017 33.95 46.84 23.26
C LEU A 1017 33.44 48.03 24.04
N GLY A 1018 32.67 48.89 23.38
CA GLY A 1018 32.06 50.02 24.05
C GLY A 1018 31.11 49.57 25.13
N PHE A 1019 30.39 48.48 24.87
CA PHE A 1019 29.45 47.93 25.84
C PHE A 1019 30.17 47.33 27.04
N LYS A 1020 31.26 46.62 26.76
CA LYS A 1020 32.08 46.01 27.80
C LYS A 1020 32.62 47.08 28.77
N ARG A 1021 33.19 48.12 28.19
CA ARG A 1021 33.76 49.24 28.94
C ARG A 1021 32.68 49.90 29.78
N LEU A 1022 31.53 50.13 29.16
CA LEU A 1022 30.41 50.80 29.82
C LEU A 1022 30.00 50.04 31.07
N VAL A 1023 29.89 48.72 30.96
CA VAL A 1023 29.48 47.86 32.07
C VAL A 1023 30.51 47.88 33.19
N ASN A 1024 31.80 47.86 32.83
CA ASN A 1024 32.84 47.85 33.84
C ASN A 1024 32.90 49.16 34.62
N GLU A 1025 32.60 50.27 33.96
CA GLU A 1025 32.56 51.56 34.65
C GLU A 1025 31.46 51.58 35.71
N ARG A 1026 30.38 50.85 35.45
CA ARG A 1026 29.26 50.78 36.38
C ARG A 1026 29.54 49.75 37.48
N TYR A 1027 30.24 48.69 37.09
CA TYR A 1027 30.60 47.60 37.99
C TYR A 1027 32.06 47.26 37.82
N ARG A 1028 32.91 48.01 38.50
CA ARG A 1028 34.37 47.93 38.32
C ARG A 1028 34.97 46.56 38.59
N LEU A 1029 34.32 45.75 39.42
CA LEU A 1029 34.82 44.39 39.67
C LEU A 1029 34.19 43.35 38.74
N LEU A 1030 33.23 43.80 37.92
CA LEU A 1030 32.59 42.92 36.95
C LEU A 1030 33.20 43.13 35.56
N GLU A 1031 33.98 42.14 35.11
CA GLU A 1031 34.65 42.23 33.82
C GLU A 1031 34.02 41.26 32.81
N ILE A 1032 33.20 41.80 31.92
CA ILE A 1032 32.60 40.99 30.85
C ILE A 1032 33.44 41.09 29.59
N ASP A 1033 33.29 40.12 28.69
CA ASP A 1033 34.04 40.14 27.44
C ASP A 1033 33.23 39.53 26.30
N ILE A 1034 33.69 39.77 25.08
CA ILE A 1034 33.05 39.24 23.88
C ILE A 1034 33.44 37.78 23.71
N ASP A 1035 32.45 36.91 23.84
CA ASP A 1035 32.65 35.47 23.80
C ASP A 1035 32.34 34.86 22.43
N ASN A 1036 31.28 35.36 21.79
CA ASN A 1036 30.82 34.79 20.51
C ASN A 1036 30.27 35.84 19.56
N VAL A 1037 30.72 35.79 18.31
CA VAL A 1037 30.26 36.71 17.28
C VAL A 1037 29.39 35.98 16.26
N PHE A 1038 28.10 36.36 16.19
CA PHE A 1038 27.19 35.77 15.23
C PHE A 1038 26.90 36.73 14.08
N LYS A 1039 27.46 36.45 12.90
CA LYS A 1039 27.17 37.25 11.71
C LYS A 1039 25.66 37.31 11.50
N LYS A 1040 25.00 36.16 11.64
CA LYS A 1040 23.55 36.10 11.58
C LYS A 1040 23.06 35.21 12.72
N LEU A 1041 21.82 35.44 13.18
CA LEU A 1041 21.28 34.65 14.28
C LEU A 1041 19.78 34.42 14.14
N LEU A 1042 19.43 33.15 13.97
CA LEU A 1042 18.03 32.73 14.02
C LEU A 1042 17.74 32.18 15.41
N LEU A 1043 17.08 32.98 16.24
CA LEU A 1043 16.79 32.60 17.62
C LEU A 1043 15.38 32.04 17.70
N HIS A 1044 15.23 30.94 18.42
CA HIS A 1044 13.96 30.22 18.44
C HIS A 1044 13.42 30.06 19.87
N ALA A 1045 14.33 29.85 20.83
CA ALA A 1045 13.97 29.77 22.25
C ALA A 1045 15.19 30.05 23.11
N LYS A 1046 15.03 29.97 24.43
CA LYS A 1046 16.10 30.27 25.37
C LYS A 1046 17.44 29.72 24.91
N LYS A 1047 17.49 28.41 24.73
CA LYS A 1047 18.72 27.72 24.39
C LYS A 1047 18.56 26.95 23.09
N LYS A 1048 17.77 27.53 22.18
CA LYS A 1048 17.49 26.90 20.91
C LYS A 1048 17.65 27.92 19.77
N TYR A 1049 18.75 27.80 19.02
CA TYR A 1049 19.01 28.74 17.94
C TYR A 1049 20.02 28.18 16.93
N ALA A 1050 20.06 28.79 15.75
CA ALA A 1050 21.09 28.50 14.77
C ALA A 1050 21.76 29.84 14.46
N ALA A 1051 23.05 29.82 14.13
CA ALA A 1051 23.76 31.07 13.91
C ALA A 1051 25.04 30.90 13.10
N LEU A 1052 25.55 31.99 12.55
CA LEU A 1052 26.81 31.94 11.81
C LEU A 1052 27.90 32.60 12.63
N THR A 1053 28.70 31.77 13.29
CA THR A 1053 29.80 32.27 14.11
C THR A 1053 30.97 32.66 13.24
N VAL A 1054 31.67 33.71 13.64
CA VAL A 1054 32.81 34.19 12.88
C VAL A 1054 34.05 33.85 13.70
N ASN A 1055 34.94 33.10 13.07
CA ASN A 1055 36.18 32.68 13.66
C ASN A 1055 37.32 33.33 12.91
N LEU A 1056 38.11 34.11 13.62
CA LEU A 1056 39.24 34.80 13.03
C LEU A 1056 40.43 33.86 12.96
N ASP A 1057 41.21 33.98 11.89
CA ASP A 1057 42.38 33.15 11.72
C ASP A 1057 43.62 33.88 12.24
N LYS A 1058 44.80 33.31 11.99
CA LYS A 1058 46.03 33.90 12.46
C LYS A 1058 46.32 35.23 11.78
N ASN A 1059 46.09 35.29 10.47
CA ASN A 1059 46.38 36.49 9.70
C ASN A 1059 45.19 37.43 9.63
N GLY A 1060 44.42 37.51 10.71
CA GLY A 1060 43.25 38.36 10.78
C GLY A 1060 42.07 37.85 9.96
N ASN A 1061 42.35 36.98 8.98
CA ASN A 1061 41.31 36.45 8.09
C ASN A 1061 40.11 35.92 8.85
N GLY A 1062 38.92 36.33 8.42
CA GLY A 1062 37.68 35.92 9.07
C GLY A 1062 36.93 34.87 8.28
N THR A 1063 36.35 33.90 8.99
CA THR A 1063 35.64 32.79 8.36
C THR A 1063 34.30 32.49 9.04
N THR A 1064 33.28 32.19 8.26
CA THR A 1064 31.95 31.90 8.81
C THR A 1064 31.75 30.41 9.03
N VAL A 1065 31.00 30.06 10.09
CA VAL A 1065 30.72 28.67 10.40
C VAL A 1065 29.34 28.54 11.05
N LEU A 1066 28.61 27.47 10.71
CA LEU A 1066 27.29 27.23 11.27
C LEU A 1066 27.36 26.61 12.67
N GLU A 1067 26.52 27.12 13.58
CA GLU A 1067 26.47 26.65 14.96
C GLU A 1067 25.01 26.46 15.36
N VAL A 1068 24.69 25.30 15.92
CA VAL A 1068 23.32 24.98 16.31
C VAL A 1068 23.24 24.44 17.73
N LYS A 1069 22.27 24.96 18.48
CA LYS A 1069 22.01 24.50 19.83
C LYS A 1069 20.50 24.26 20.01
N GLY A 1070 20.13 23.07 20.47
CA GLY A 1070 18.77 22.85 20.92
C GLY A 1070 17.69 22.57 19.89
N LEU A 1071 18.02 22.70 18.61
CA LEU A 1071 17.03 22.47 17.56
C LEU A 1071 16.76 20.99 17.35
N ASP A 1072 15.66 20.66 16.67
CA ASP A 1072 15.29 19.28 16.39
C ASP A 1072 16.44 18.54 15.74
N MET A 1073 17.26 19.30 15.01
CA MET A 1073 18.37 18.75 14.26
C MET A 1073 19.45 18.17 15.18
N LYS A 1074 19.30 18.42 16.49
CA LYS A 1074 20.31 17.94 17.46
C LYS A 1074 19.81 16.65 18.14
N ARG A 1075 18.58 16.23 17.83
CA ARG A 1075 18.05 14.96 18.39
C ARG A 1075 18.74 13.78 17.71
N ARG A 1076 18.84 12.63 18.40
CA ARG A 1076 19.56 11.45 17.85
C ARG A 1076 18.89 11.01 16.55
N GLU A 1077 19.69 10.61 15.55
CA GLU A 1077 19.14 10.15 14.25
C GLU A 1077 20.28 9.67 13.34
N CYS A 1079 21.49 7.14 9.78
CA CYS A 1079 21.64 5.67 9.60
C CYS A 1079 22.76 5.41 8.59
N PRO A 1080 23.47 4.26 8.63
CA PRO A 1080 24.60 4.01 7.73
C PRO A 1080 24.37 4.54 6.31
N LEU A 1081 23.48 3.90 5.55
CA LEU A 1081 23.23 4.31 4.17
C LEU A 1081 22.93 5.79 4.12
N SER A 1082 22.04 6.24 5.00
CA SER A 1082 21.70 7.65 5.07
C SER A 1082 22.93 8.50 5.39
N ARG A 1083 23.79 8.00 6.27
CA ARG A 1083 25.03 8.70 6.61
C ARG A 1083 25.99 8.73 5.44
N ASP A 1084 26.00 7.68 4.64
CA ASP A 1084 26.89 7.58 3.49
C ASP A 1084 26.48 8.55 2.40
N VAL A 1085 25.17 8.68 2.23
CA VAL A 1085 24.60 9.60 1.26
C VAL A 1085 24.89 11.03 1.67
N SER A 1086 24.67 11.31 2.95
CA SER A 1086 24.89 12.63 3.51
C SER A 1086 26.34 13.04 3.33
N ILE A 1087 27.24 12.11 3.62
CA ILE A 1087 28.68 12.36 3.54
C ILE A 1087 29.10 12.69 2.13
N HIS A 1088 28.69 11.87 1.16
CA HIS A 1088 29.08 12.10 -0.22
C HIS A 1088 28.53 13.43 -0.75
N VAL A 1089 27.26 13.68 -0.46
CA VAL A 1089 26.58 14.90 -0.91
C VAL A 1089 27.34 16.12 -0.43
N LEU A 1090 27.64 16.16 0.86
CA LEU A 1090 28.39 17.26 1.44
C LEU A 1090 29.74 17.41 0.73
N ASN A 1091 30.48 16.31 0.65
CA ASN A 1091 31.77 16.31 -0.02
C ASN A 1091 31.75 17.00 -1.38
N THR A 1092 30.72 16.71 -2.16
CA THR A 1092 30.61 17.32 -3.50
C THR A 1092 30.20 18.79 -3.44
N ILE A 1093 29.30 19.12 -2.55
CA ILE A 1093 28.83 20.49 -2.37
C ILE A 1093 29.92 21.42 -1.86
N LEU A 1094 30.70 20.96 -0.90
CA LEU A 1094 31.78 21.76 -0.33
C LEU A 1094 33.02 21.69 -1.22
N GLU A 1101 27.68 21.99 -11.69
CA GLU A 1101 28.26 20.68 -11.87
C GLU A 1101 28.16 19.87 -10.58
N ALA A 1102 28.30 20.55 -9.45
CA ALA A 1102 28.20 19.91 -8.15
C ALA A 1102 26.79 19.42 -7.85
N LEU A 1103 25.80 20.27 -8.12
CA LEU A 1103 24.40 19.91 -7.86
C LEU A 1103 23.93 18.84 -8.86
N GLN A 1104 24.51 18.87 -10.05
CA GLN A 1104 24.16 17.88 -11.07
C GLN A 1104 24.78 16.53 -10.70
N GLU A 1105 25.98 16.58 -10.14
CA GLU A 1105 26.65 15.39 -9.64
C GLU A 1105 25.85 14.79 -8.50
N VAL A 1106 25.26 15.67 -7.69
CA VAL A 1106 24.41 15.23 -6.59
C VAL A 1106 23.17 14.49 -7.09
N TYR A 1107 22.46 15.07 -8.03
CA TYR A 1107 21.27 14.41 -8.57
C TYR A 1107 21.64 13.10 -9.27
N ASP A 1108 22.77 13.08 -9.96
CA ASP A 1108 23.22 11.88 -10.66
C ASP A 1108 23.59 10.78 -9.67
N TYR A 1109 24.07 11.20 -8.50
CA TYR A 1109 24.41 10.26 -7.44
C TYR A 1109 23.15 9.63 -6.88
N LEU A 1110 22.19 10.48 -6.56
CA LEU A 1110 20.94 10.03 -5.95
C LEU A 1110 20.16 9.07 -6.85
N GLU A 1111 20.06 9.38 -8.14
CA GLU A 1111 19.40 8.47 -9.08
C GLU A 1111 19.99 7.05 -8.98
N ASP A 1112 21.31 6.96 -8.98
CA ASP A 1112 21.99 5.67 -8.92
C ASP A 1112 21.68 4.97 -7.60
N ILE A 1113 21.69 5.72 -6.50
CA ILE A 1113 21.39 5.17 -5.19
C ILE A 1113 19.95 4.66 -5.17
N ARG A 1114 19.07 5.40 -5.82
CA ARG A 1114 17.66 5.06 -5.88
C ARG A 1114 17.45 3.72 -6.54
N ILE A 1115 18.15 3.51 -7.64
CA ILE A 1115 18.09 2.24 -8.35
C ILE A 1115 18.63 1.12 -7.47
N LYS A 1116 19.75 1.38 -6.81
CA LYS A 1116 20.35 0.38 -5.93
C LYS A 1116 19.43 -0.01 -4.77
N VAL A 1117 18.63 0.93 -4.29
CA VAL A 1117 17.71 0.65 -3.19
C VAL A 1117 16.48 -0.15 -3.63
N GLU A 1118 15.86 0.26 -4.73
CA GLU A 1118 14.68 -0.43 -5.24
C GLU A 1118 14.97 -1.87 -5.63
N THR A 1119 16.14 -2.11 -6.23
CA THR A 1119 16.52 -3.46 -6.61
C THR A 1119 17.12 -4.23 -5.44
N ASN A 1120 17.20 -3.57 -4.28
CA ASN A 1120 17.73 -4.20 -3.07
C ASN A 1120 19.13 -4.75 -3.28
N ASN A 1121 20.03 -3.92 -3.81
CA ASN A 1121 21.40 -4.33 -4.07
C ASN A 1121 22.39 -3.72 -3.07
N PRO A 1210 11.69 0.15 0.19
CA PRO A 1210 12.33 1.22 -0.60
C PRO A 1210 11.67 2.58 -0.43
N GLN A 1211 10.34 2.59 -0.39
CA GLN A 1211 9.59 3.84 -0.24
C GLN A 1211 10.09 4.62 0.98
N TYR A 1212 10.18 3.93 2.11
CA TYR A 1212 10.57 4.55 3.36
C TYR A 1212 12.00 5.06 3.35
N TYR A 1213 12.93 4.22 2.94
CA TYR A 1213 14.34 4.57 2.99
C TYR A 1213 14.72 5.67 1.99
N LEU A 1214 13.99 5.74 0.88
CA LEU A 1214 14.24 6.76 -0.12
C LEU A 1214 13.58 8.07 0.28
N GLU A 1215 12.44 7.96 0.96
CA GLU A 1215 11.71 9.14 1.41
C GLU A 1215 12.28 9.68 2.73
N LYS A 1216 12.09 8.94 3.82
CA LYS A 1216 12.45 9.43 5.15
C LYS A 1216 13.95 9.36 5.48
N GLN A 1217 14.69 8.49 4.81
CA GLN A 1217 16.11 8.28 5.15
C GLN A 1217 17.07 8.91 4.14
N ILE A 1218 16.61 9.10 2.90
CA ILE A 1218 17.47 9.69 1.87
C ILE A 1218 16.96 11.05 1.40
N PHE A 1219 15.66 11.16 1.14
CA PHE A 1219 15.13 12.42 0.64
C PHE A 1219 15.15 13.51 1.70
N ALA A 1220 14.35 13.37 2.75
CA ALA A 1220 14.22 14.41 3.77
C ALA A 1220 15.56 14.98 4.22
N PRO A 1221 16.52 14.11 4.57
CA PRO A 1221 17.81 14.60 5.07
C PRO A 1221 18.54 15.46 4.06
N VAL A 1222 18.48 15.08 2.79
CA VAL A 1222 19.12 15.85 1.72
C VAL A 1222 18.40 17.17 1.48
N GLU A 1223 17.07 17.14 1.56
CA GLU A 1223 16.25 18.33 1.40
C GLU A 1223 16.64 19.37 2.44
N ARG A 1224 17.06 18.91 3.62
CA ARG A 1224 17.52 19.84 4.63
C ARG A 1224 18.98 20.27 4.41
N LEU A 1225 19.82 19.36 3.96
CA LEU A 1225 21.22 19.68 3.68
C LEU A 1225 21.38 20.73 2.58
N LEU A 1226 20.51 20.69 1.57
CA LEU A 1226 20.63 21.57 0.42
C LEU A 1226 19.51 22.59 0.38
N PHE A 1232 19.20 25.17 -6.05
CA PHE A 1232 18.66 23.92 -5.54
C PHE A 1232 17.19 23.81 -5.90
N ASN A 1233 16.80 22.61 -6.31
CA ASN A 1233 15.41 22.38 -6.71
C ASN A 1233 14.90 21.06 -6.13
N VAL A 1234 13.95 21.17 -5.21
CA VAL A 1234 13.36 19.99 -4.59
C VAL A 1234 12.69 19.09 -5.63
N VAL A 1235 12.19 19.68 -6.71
CA VAL A 1235 11.55 18.90 -7.77
C VAL A 1235 12.55 17.92 -8.39
N ARG A 1236 13.73 18.42 -8.72
CA ARG A 1236 14.78 17.57 -9.29
C ARG A 1236 15.07 16.38 -8.39
N LEU A 1237 15.17 16.64 -7.09
CA LEU A 1237 15.51 15.62 -6.12
C LEU A 1237 14.42 14.54 -6.01
N SER A 1238 13.20 14.98 -5.73
CA SER A 1238 12.05 14.09 -5.59
C SER A 1238 11.83 13.27 -6.87
N GLU A 1239 12.15 13.85 -8.02
CA GLU A 1239 11.99 13.13 -9.28
C GLU A 1239 13.10 12.11 -9.42
N ALA A 1240 14.29 12.48 -8.96
CA ALA A 1240 15.41 11.56 -8.93
C ALA A 1240 15.20 10.49 -7.85
N LEU A 1241 14.09 10.62 -7.13
CA LEU A 1241 13.79 9.66 -6.03
C LEU A 1241 12.33 9.21 -6.14
N GLY A 1242 11.44 9.83 -5.35
CA GLY A 1242 10.01 9.47 -5.40
C GLY A 1242 9.13 10.70 -5.20
N GLU A 1275 -2.16 8.43 -39.18
CA GLU A 1275 -1.30 7.25 -39.20
C GLU A 1275 -2.03 6.10 -39.84
N ARG A 1276 -3.35 6.08 -39.70
CA ARG A 1276 -4.16 4.96 -40.20
C ARG A 1276 -4.05 4.80 -41.71
N PHE A 1277 -3.93 5.92 -42.43
CA PHE A 1277 -3.90 5.87 -43.90
C PHE A 1277 -2.51 6.02 -44.49
N LYS A 1278 -1.50 6.09 -43.63
CA LYS A 1278 -0.12 6.33 -44.07
C LYS A 1278 0.35 5.35 -45.18
N ASP A 1279 -0.09 4.09 -45.17
CA ASP A 1279 0.30 3.13 -46.21
C ASP A 1279 -0.76 2.75 -47.23
N THR A 1280 -1.92 3.38 -47.18
CA THR A 1280 -2.96 3.14 -48.17
C THR A 1280 -2.46 3.67 -49.52
N VAL A 1281 -3.13 3.29 -50.60
CA VAL A 1281 -2.76 3.79 -51.92
C VAL A 1281 -3.89 4.65 -52.44
N THR A 1282 -3.55 5.56 -53.37
CA THR A 1282 -4.53 6.52 -53.88
C THR A 1282 -5.59 5.87 -54.74
N LEU A 1283 -6.76 6.51 -54.84
CA LEU A 1283 -7.82 6.11 -55.79
C LEU A 1283 -7.49 6.81 -57.10
N GLU A 1284 -7.28 6.03 -58.16
CA GLU A 1284 -6.86 6.56 -59.45
C GLU A 1284 -8.07 6.54 -60.35
N LEU A 1285 -8.40 7.69 -60.95
CA LEU A 1285 -9.55 7.78 -61.83
C LEU A 1285 -9.04 8.03 -63.22
N SER A 1286 -9.82 7.60 -64.20
CA SER A 1286 -9.50 7.83 -65.55
C SER A 1286 -10.63 8.65 -66.17
N CYS A 1287 -10.29 9.61 -67.02
CA CYS A 1287 -11.29 10.51 -67.60
C CYS A 1287 -12.01 9.83 -68.74
N PRO A 1288 -13.34 9.78 -68.69
CA PRO A 1288 -14.07 9.08 -69.75
C PRO A 1288 -13.84 9.63 -71.15
N SER A 1289 -13.66 10.95 -71.32
CA SER A 1289 -13.50 11.53 -72.67
C SER A 1289 -12.09 11.33 -73.17
N CYS A 1290 -11.10 11.75 -72.39
CA CYS A 1290 -9.75 11.89 -72.93
C CYS A 1290 -8.75 10.86 -72.39
N ASP A 1291 -9.13 10.12 -71.35
CA ASP A 1291 -8.36 8.98 -70.84
C ASP A 1291 -7.20 9.33 -69.94
N LYS A 1292 -7.02 10.62 -69.62
CA LYS A 1292 -5.98 11.00 -68.68
C LYS A 1292 -6.29 10.39 -67.30
N ARG A 1293 -5.25 9.85 -66.67
CA ARG A 1293 -5.38 9.17 -65.37
C ARG A 1293 -4.87 10.07 -64.28
N PHE A 1294 -5.52 10.07 -63.13
CA PHE A 1294 -5.10 10.92 -62.03
C PHE A 1294 -5.61 10.44 -60.69
N PRO A 1295 -4.89 10.74 -59.60
CA PRO A 1295 -5.40 10.42 -58.27
C PRO A 1295 -6.49 11.37 -57.83
N PHE A 1296 -7.51 10.85 -57.18
CA PHE A 1296 -8.58 11.67 -56.69
C PHE A 1296 -8.48 11.77 -55.20
N GLY A 1297 -8.28 13.00 -54.69
CA GLY A 1297 -8.06 13.22 -53.26
C GLY A 1297 -9.17 13.91 -52.52
N GLY A 1298 -10.38 13.89 -53.06
CA GLY A 1298 -11.50 14.67 -52.49
C GLY A 1298 -11.58 16.08 -53.06
N ILE A 1299 -12.32 16.97 -52.38
CA ILE A 1299 -12.45 18.35 -52.80
C ILE A 1299 -11.22 19.10 -52.31
N VAL A 1300 -10.14 18.89 -53.06
CA VAL A 1300 -8.83 19.41 -52.77
C VAL A 1300 -8.22 19.87 -54.06
N SER A 1301 -7.14 20.63 -53.96
CA SER A 1301 -6.42 21.10 -55.11
C SER A 1301 -5.80 20.02 -55.94
N SER A 1302 -5.77 20.23 -57.25
CA SER A 1302 -5.11 19.35 -58.14
C SER A 1302 -4.92 20.01 -59.50
N ASN A 1303 -3.79 19.73 -60.14
CA ASN A 1303 -3.55 20.15 -61.52
C ASN A 1303 -4.34 19.32 -62.55
N TYR A 1304 -5.01 18.26 -62.11
CA TYR A 1304 -5.71 17.35 -63.06
C TYR A 1304 -7.20 17.45 -63.07
N TYR A 1305 -7.78 17.81 -61.94
CA TYR A 1305 -9.20 17.84 -61.83
C TYR A 1305 -9.64 18.95 -60.90
N ARG A 1306 -10.93 19.23 -60.99
CA ARG A 1306 -11.55 20.32 -60.29
C ARG A 1306 -12.91 19.81 -59.89
N VAL A 1307 -13.33 20.08 -58.66
CA VAL A 1307 -14.72 19.84 -58.29
C VAL A 1307 -15.38 21.17 -58.43
N SER A 1308 -16.17 21.33 -59.46
CA SER A 1308 -16.84 22.59 -59.73
C SER A 1308 -18.24 22.51 -59.16
N TYR A 1309 -18.99 23.60 -59.36
CA TYR A 1309 -20.35 23.65 -58.85
C TYR A 1309 -21.27 22.64 -59.54
N ASN A 1310 -20.91 22.13 -60.70
CA ASN A 1310 -21.74 21.08 -61.34
C ASN A 1310 -21.10 19.70 -61.38
N GLY A 1311 -20.06 19.49 -60.58
CA GLY A 1311 -19.46 18.18 -60.47
C GLY A 1311 -17.98 18.12 -60.72
N LEU A 1312 -17.49 16.89 -60.76
CA LEU A 1312 -16.09 16.58 -60.97
C LEU A 1312 -15.71 16.85 -62.41
N GLN A 1313 -14.70 17.67 -62.60
CA GLN A 1313 -14.31 18.06 -63.94
C GLN A 1313 -12.85 17.81 -64.23
N CYS A 1314 -12.63 17.23 -65.39
CA CYS A 1314 -11.31 16.98 -65.89
C CYS A 1314 -10.64 18.24 -66.41
N LYS A 1315 -9.44 18.57 -65.91
CA LYS A 1315 -8.81 19.83 -66.34
C LYS A 1315 -8.16 19.76 -67.72
N HIS A 1316 -7.79 18.57 -68.18
CA HIS A 1316 -7.15 18.45 -69.49
C HIS A 1316 -8.11 18.71 -70.63
N CYS A 1317 -9.35 18.19 -70.53
CA CYS A 1317 -10.34 18.34 -71.60
C CYS A 1317 -11.66 19.04 -71.19
N GLU A 1318 -11.77 19.42 -69.92
CA GLU A 1318 -12.95 20.15 -69.42
C GLU A 1318 -14.25 19.33 -69.32
N GLN A 1319 -14.22 18.04 -69.63
CA GLN A 1319 -15.43 17.25 -69.56
C GLN A 1319 -15.77 16.85 -68.13
N LEU A 1320 -17.06 16.88 -67.84
CA LEU A 1320 -17.60 16.58 -66.52
C LEU A 1320 -17.83 15.10 -66.38
N PHE A 1321 -17.45 14.52 -65.25
CA PHE A 1321 -17.82 13.13 -64.98
C PHE A 1321 -19.29 13.10 -64.64
N THR A 1322 -19.99 12.07 -65.09
CA THR A 1322 -21.28 11.78 -64.50
C THR A 1322 -21.05 10.96 -63.25
N PRO A 1323 -22.07 10.90 -62.38
CA PRO A 1323 -21.97 10.04 -61.21
C PRO A 1323 -21.61 8.58 -61.52
N LEU A 1324 -22.25 7.95 -62.50
CA LEU A 1324 -21.92 6.56 -62.85
C LEU A 1324 -20.49 6.45 -63.34
N GLN A 1325 -20.01 7.44 -64.09
CA GLN A 1325 -18.59 7.43 -64.52
C GLN A 1325 -17.60 7.49 -63.36
N LEU A 1326 -18.03 8.05 -62.22
CA LEU A 1326 -17.16 8.11 -61.05
C LEU A 1326 -17.31 6.85 -60.23
N THR A 1327 -18.54 6.43 -59.98
CA THR A 1327 -18.80 5.36 -59.03
C THR A 1327 -18.41 4.00 -59.59
N SER A 1328 -18.54 3.79 -60.88
CA SER A 1328 -18.09 2.55 -61.49
C SER A 1328 -16.57 2.37 -61.26
N GLN A 1329 -15.83 3.47 -61.27
CA GLN A 1329 -14.40 3.42 -61.03
C GLN A 1329 -14.08 3.22 -59.54
N ILE A 1330 -14.85 3.85 -58.67
CA ILE A 1330 -14.64 3.61 -57.25
C ILE A 1330 -14.80 2.09 -57.01
N GLU A 1331 -15.90 1.55 -57.49
CA GLU A 1331 -16.25 0.20 -57.24
C GLU A 1331 -15.21 -0.75 -57.86
N HIS A 1332 -14.74 -0.43 -59.08
CA HIS A 1332 -13.72 -1.22 -59.73
C HIS A 1332 -12.41 -1.26 -58.92
N SER A 1333 -12.01 -0.14 -58.36
CA SER A 1333 -10.80 -0.16 -57.55
C SER A 1333 -10.99 -0.99 -56.31
N ILE A 1334 -12.13 -0.82 -55.64
CA ILE A 1334 -12.41 -1.55 -54.44
C ILE A 1334 -12.26 -3.03 -54.76
N ARG A 1335 -12.90 -3.48 -55.83
CA ARG A 1335 -12.93 -4.87 -56.14
C ARG A 1335 -11.56 -5.41 -56.54
N ALA A 1336 -10.70 -4.54 -57.10
CA ALA A 1336 -9.34 -4.94 -57.44
C ALA A 1336 -8.64 -5.19 -56.10
N HIS A 1337 -8.83 -4.30 -55.16
CA HIS A 1337 -8.20 -4.50 -53.86
C HIS A 1337 -8.72 -5.78 -53.20
N ILE A 1338 -10.01 -6.03 -53.24
CA ILE A 1338 -10.57 -7.14 -52.55
C ILE A 1338 -10.07 -8.44 -53.17
N SER A 1339 -9.90 -8.42 -54.48
CA SER A 1339 -9.39 -9.59 -55.23
C SER A 1339 -7.90 -9.83 -54.89
N LEU A 1340 -7.11 -8.78 -54.83
CA LEU A 1340 -5.72 -8.96 -54.46
C LEU A 1340 -5.67 -9.61 -53.08
N TYR A 1341 -6.49 -9.09 -52.18
CA TYR A 1341 -6.59 -9.57 -50.80
C TYR A 1341 -6.92 -11.08 -50.75
N TYR A 1342 -7.88 -11.51 -51.57
CA TYR A 1342 -8.21 -12.91 -51.67
C TYR A 1342 -7.20 -13.77 -52.47
N ALA A 1343 -6.19 -13.18 -53.09
CA ALA A 1343 -5.13 -13.96 -53.70
C ALA A 1343 -4.33 -14.70 -52.63
N GLY A 1344 -4.31 -14.14 -51.44
CA GLY A 1344 -3.79 -14.79 -50.26
C GLY A 1344 -2.31 -14.94 -50.21
N TRP A 1345 -1.59 -13.96 -50.70
CA TRP A 1345 -0.14 -13.96 -50.59
C TRP A 1345 0.26 -13.91 -49.10
N LEU A 1346 1.34 -14.60 -48.77
CA LEU A 1346 1.84 -14.62 -47.41
C LEU A 1346 3.28 -14.19 -47.45
N GLN A 1347 3.72 -13.63 -46.35
CA GLN A 1347 5.10 -13.20 -46.20
C GLN A 1347 5.72 -13.66 -44.87
N CYS A 1348 7.00 -13.95 -44.92
CA CYS A 1348 7.73 -14.33 -43.72
C CYS A 1348 8.40 -13.14 -43.00
N ASP A 1349 8.10 -13.03 -41.70
CA ASP A 1349 8.81 -12.21 -40.69
C ASP A 1349 10.30 -12.06 -40.77
N ASP A 1350 10.98 -13.17 -40.99
CA ASP A 1350 12.41 -13.20 -40.74
C ASP A 1350 13.07 -12.40 -41.86
N SER A 1351 13.80 -11.34 -41.46
CA SER A 1351 14.41 -10.39 -42.39
C SER A 1351 15.46 -11.08 -43.28
N THR A 1352 16.12 -12.12 -42.75
CA THR A 1352 17.04 -12.94 -43.52
C THR A 1352 16.35 -14.05 -44.35
N CYS A 1353 15.06 -13.92 -44.65
CA CYS A 1353 14.34 -14.93 -45.42
C CYS A 1353 13.34 -14.19 -46.31
N GLY A 1354 12.25 -13.72 -45.72
CA GLY A 1354 11.33 -12.79 -46.38
C GLY A 1354 10.44 -13.34 -47.50
N ILE A 1355 10.47 -14.65 -47.73
CA ILE A 1355 9.80 -15.20 -48.91
C ILE A 1355 8.32 -14.85 -48.98
N VAL A 1356 7.84 -14.66 -50.19
CA VAL A 1356 6.42 -14.43 -50.39
C VAL A 1356 5.91 -15.57 -51.24
N THR A 1357 4.79 -16.14 -50.84
CA THR A 1357 4.28 -17.35 -51.45
C THR A 1357 2.79 -17.35 -51.20
N ARG A 1358 2.07 -18.15 -51.96
CA ARG A 1358 0.69 -18.38 -51.70
C ARG A 1358 0.48 -19.76 -51.07
N GLN A 1359 1.56 -20.55 -50.96
CA GLN A 1359 1.50 -21.87 -50.30
C GLN A 1359 1.23 -21.63 -48.81
N VAL A 1360 0.32 -22.44 -48.22
CA VAL A 1360 -0.02 -22.36 -46.80
C VAL A 1360 0.27 -23.74 -46.23
N SER A 1361 1.15 -23.81 -45.25
CA SER A 1361 1.36 -25.06 -44.55
C SER A 1361 0.17 -25.37 -43.66
N VAL A 1362 -0.11 -26.66 -43.51
CA VAL A 1362 -1.12 -27.13 -42.59
C VAL A 1362 -0.86 -26.63 -41.16
N PHE A 1363 0.37 -26.24 -40.81
CA PHE A 1363 0.63 -25.29 -39.68
C PHE A 1363 0.83 -23.89 -40.28
N GLY A 1364 -0.24 -23.11 -40.32
CA GLY A 1364 -0.31 -21.85 -41.10
C GLY A 1364 0.83 -20.88 -40.91
N LYS A 1365 1.20 -20.66 -39.65
CA LYS A 1365 2.18 -19.64 -39.29
C LYS A 1365 3.61 -20.08 -39.61
N ARG A 1366 3.78 -21.36 -39.91
CA ARG A 1366 5.11 -21.92 -40.12
C ARG A 1366 5.66 -21.66 -41.53
N CYS A 1367 6.90 -21.24 -41.59
CA CYS A 1367 7.55 -20.91 -42.85
C CYS A 1367 7.97 -22.15 -43.59
N LEU A 1368 7.80 -22.15 -44.91
CA LEU A 1368 8.12 -23.32 -45.73
C LEU A 1368 9.60 -23.46 -46.11
N ASN A 1369 10.45 -22.48 -45.83
CA ASN A 1369 11.93 -22.67 -45.95
C ASN A 1369 12.52 -23.63 -44.93
N ASP A 1370 13.14 -24.71 -45.40
CA ASP A 1370 13.74 -25.64 -44.48
C ASP A 1370 14.34 -24.89 -43.27
N GLY A 1371 13.74 -25.10 -42.10
CA GLY A 1371 14.36 -24.71 -40.82
C GLY A 1371 14.21 -23.25 -40.43
N CYS A 1372 13.50 -22.49 -41.24
CA CYS A 1372 13.34 -21.08 -40.96
C CYS A 1372 12.33 -20.92 -39.81
N THR A 1373 12.65 -20.07 -38.83
CA THR A 1373 11.82 -19.96 -37.62
C THR A 1373 10.90 -18.74 -37.64
N GLY A 1374 10.83 -18.06 -38.77
CA GLY A 1374 10.00 -16.88 -38.88
C GLY A 1374 8.54 -17.21 -38.92
N VAL A 1375 7.70 -16.20 -38.71
CA VAL A 1375 6.27 -16.38 -38.70
C VAL A 1375 5.66 -15.85 -40.01
N MET A 1376 4.70 -16.57 -40.56
CA MET A 1376 4.10 -16.21 -41.81
C MET A 1376 2.85 -15.38 -41.53
N ARG A 1377 2.64 -14.34 -42.34
CA ARG A 1377 1.48 -13.47 -42.21
C ARG A 1377 0.96 -13.13 -43.58
N TYR A 1378 -0.37 -13.07 -43.70
CA TYR A 1378 -1.00 -12.60 -44.91
C TYR A 1378 -0.40 -11.25 -45.26
N LYS A 1379 0.16 -11.11 -46.44
CA LYS A 1379 0.81 -9.89 -46.90
C LYS A 1379 -0.19 -8.69 -47.09
N TYR A 1380 -1.43 -8.94 -47.50
CA TYR A 1380 -2.49 -7.95 -47.46
C TYR A 1380 -3.35 -8.29 -46.28
N SER A 1381 -3.01 -7.76 -45.11
CA SER A 1381 -3.77 -8.08 -43.92
C SER A 1381 -5.16 -7.49 -43.96
N ASP A 1382 -6.07 -8.02 -43.16
CA ASP A 1382 -7.40 -7.48 -43.20
C ASP A 1382 -7.52 -6.11 -42.53
N LYS A 1383 -6.55 -5.78 -41.69
CA LYS A 1383 -6.40 -4.44 -41.18
C LYS A 1383 -6.08 -3.47 -42.35
N GLN A 1384 -5.17 -3.88 -43.25
CA GLN A 1384 -4.74 -3.02 -44.34
C GLN A 1384 -5.90 -2.78 -45.29
N LEU A 1385 -6.66 -3.83 -45.58
CA LEU A 1385 -7.81 -3.74 -46.47
C LEU A 1385 -8.86 -2.80 -45.92
N TYR A 1386 -9.15 -2.95 -44.64
CA TYR A 1386 -10.12 -2.16 -43.95
C TYR A 1386 -9.71 -0.67 -43.93
N ASN A 1387 -8.44 -0.39 -43.63
CA ASN A 1387 -7.89 0.92 -43.72
C ASN A 1387 -7.95 1.53 -45.12
N GLN A 1388 -7.77 0.69 -46.14
CA GLN A 1388 -7.81 1.15 -47.52
C GLN A 1388 -9.23 1.58 -47.86
N LEU A 1389 -10.21 0.82 -47.39
CA LEU A 1389 -11.60 1.14 -47.63
C LEU A 1389 -12.04 2.36 -46.81
N LEU A 1390 -11.50 2.51 -45.60
CA LEU A 1390 -11.84 3.64 -44.77
C LEU A 1390 -11.25 4.93 -45.37
N TYR A 1391 -10.13 4.79 -46.08
CA TYR A 1391 -9.52 5.90 -46.75
C TYR A 1391 -10.41 6.32 -47.91
N PHE A 1392 -10.79 5.36 -48.76
CA PHE A 1392 -11.71 5.67 -49.81
C PHE A 1392 -12.97 6.37 -49.30
N ASP A 1393 -13.49 5.88 -48.17
CA ASP A 1393 -14.69 6.44 -47.55
C ASP A 1393 -14.46 7.93 -47.16
N SER A 1394 -13.27 8.22 -46.63
CA SER A 1394 -12.95 9.54 -46.21
C SER A 1394 -12.99 10.54 -47.40
N LEU A 1395 -12.63 10.08 -48.59
CA LEU A 1395 -12.60 10.94 -49.77
C LEU A 1395 -13.95 11.55 -50.07
N PHE A 1396 -15.02 10.80 -49.78
CA PHE A 1396 -16.40 11.22 -50.10
C PHE A 1396 -17.19 11.61 -48.84
N ASP A 1397 -16.45 11.84 -47.76
CA ASP A 1397 -17.04 12.26 -46.49
C ASP A 1397 -17.08 13.79 -46.44
N CYS A 1398 -18.28 14.36 -46.47
CA CYS A 1398 -18.43 15.82 -46.52
C CYS A 1398 -17.83 16.53 -45.32
N GLU A 1399 -18.17 16.07 -44.13
CA GLU A 1399 -17.63 16.70 -42.93
C GLU A 1399 -16.09 16.69 -42.97
N LYS A 1400 -15.48 15.62 -43.41
CA LYS A 1400 -13.99 15.56 -43.46
C LYS A 1400 -13.39 16.44 -44.55
N ASN A 1401 -14.05 16.49 -45.69
CA ASN A 1401 -13.68 17.39 -46.77
C ASN A 1401 -13.70 18.86 -46.28
N LYS A 1402 -14.78 19.23 -45.58
CA LYS A 1402 -14.99 20.61 -45.14
C LYS A 1402 -13.97 21.00 -44.09
N LYS A 1403 -13.70 20.12 -43.13
CA LYS A 1403 -12.66 20.35 -42.11
C LYS A 1403 -11.25 20.18 -42.66
N GLN A 1404 -11.12 19.85 -43.94
CA GLN A 1404 -9.82 19.67 -44.59
C GLN A 1404 -8.92 18.63 -43.91
N GLU A 1405 -9.52 17.50 -43.53
CA GLU A 1405 -8.82 16.47 -42.79
C GLU A 1405 -8.39 15.29 -43.67
N LEU A 1406 -8.47 15.41 -44.98
CA LEU A 1406 -8.04 14.31 -45.83
C LEU A 1406 -6.53 14.27 -46.02
N LYS A 1407 -6.03 13.09 -46.30
CA LYS A 1407 -4.62 12.86 -46.56
C LYS A 1407 -4.20 13.42 -47.89
N PRO A 1408 -3.05 14.09 -47.93
CA PRO A 1408 -2.66 14.69 -49.18
C PRO A 1408 -2.33 13.67 -50.24
N ILE A 1409 -2.70 13.92 -51.48
CA ILE A 1409 -2.33 13.04 -52.54
C ILE A 1409 -0.96 13.22 -53.12
N TYR A 1410 -0.17 14.21 -52.67
CA TYR A 1410 1.08 14.62 -53.34
C TYR A 1410 2.08 15.07 -52.30
N LEU A 1411 3.35 14.69 -52.42
CA LEU A 1411 4.40 15.24 -51.57
C LEU A 1411 4.86 16.53 -52.21
N PRO A 1412 5.46 17.43 -51.43
CA PRO A 1412 5.83 18.76 -51.91
C PRO A 1412 6.83 18.77 -53.05
N ASP A 1413 7.69 17.77 -53.09
CA ASP A 1413 8.67 17.68 -54.17
C ASP A 1413 8.12 16.96 -55.41
N ASP A 1414 6.92 16.41 -55.34
N ASP A 1414 6.91 16.42 -55.34
CA ASP A 1414 6.30 15.80 -56.53
CA ASP A 1414 6.29 15.84 -56.54
C ASP A 1414 6.12 16.87 -57.64
C ASP A 1414 6.18 16.90 -57.64
N LEU A 1415 6.52 16.52 -58.87
CA LEU A 1415 6.37 17.40 -60.06
C LEU A 1415 4.93 17.81 -60.33
N ASP A 1416 3.98 17.02 -59.90
CA ASP A 1416 2.58 17.35 -60.01
C ASP A 1416 2.01 18.00 -58.75
N TYR A 1417 2.84 18.41 -57.80
CA TYR A 1417 2.26 19.15 -56.69
C TYR A 1417 1.37 20.31 -57.25
N PRO A 1418 0.14 20.44 -56.73
CA PRO A 1418 -0.81 21.45 -57.22
C PRO A 1418 -0.33 22.88 -57.17
N LYS A 1419 -0.61 23.60 -58.26
CA LYS A 1419 -0.15 24.98 -58.43
C LYS A 1419 -1.00 25.97 -57.68
N GLU A 1420 -2.28 25.75 -57.61
CA GLU A 1420 -3.21 26.61 -56.91
C GLU A 1420 -3.77 25.85 -55.71
N GLN A 1421 -3.82 26.51 -54.55
CA GLN A 1421 -4.46 25.92 -53.35
C GLN A 1421 -5.89 26.38 -53.28
N LEU A 1422 -6.85 25.50 -52.98
CA LEU A 1422 -8.22 25.96 -52.80
C LEU A 1422 -8.35 26.64 -51.44
N THR A 1423 -9.30 27.56 -51.32
CA THR A 1423 -9.59 28.22 -50.06
C THR A 1423 -10.55 27.36 -49.25
N GLU A 1424 -10.56 27.59 -47.94
CA GLU A 1424 -11.50 26.96 -47.05
C GLU A 1424 -12.92 27.24 -47.51
N SER A 1425 -13.21 28.45 -47.91
CA SER A 1425 -14.58 28.83 -48.13
C SER A 1425 -15.04 28.28 -49.46
N SER A 1426 -14.14 28.17 -50.43
CA SER A 1426 -14.45 27.40 -51.65
C SER A 1426 -14.77 25.93 -51.35
N ILE A 1427 -13.99 25.33 -50.46
CA ILE A 1427 -14.22 23.93 -50.16
C ILE A 1427 -15.59 23.75 -49.49
N LYS A 1428 -15.91 24.60 -48.50
CA LYS A 1428 -17.23 24.52 -47.86
C LYS A 1428 -18.33 24.59 -48.92
N ALA A 1429 -18.33 25.66 -49.71
CA ALA A 1429 -19.35 25.86 -50.74
C ALA A 1429 -19.39 24.68 -51.74
N LEU A 1430 -18.25 24.37 -52.35
CA LEU A 1430 -18.18 23.30 -53.33
C LEU A 1430 -18.67 21.93 -52.74
N THR A 1431 -18.34 21.67 -51.49
CA THR A 1431 -18.80 20.44 -50.83
C THR A 1431 -20.31 20.38 -50.68
N GLU A 1432 -20.96 21.50 -50.33
CA GLU A 1432 -22.42 21.48 -50.20
C GLU A 1432 -23.09 21.40 -51.56
N GLN A 1433 -22.50 22.07 -52.56
CA GLN A 1433 -23.01 22.01 -53.92
C GLN A 1433 -22.94 20.60 -54.45
N ASN A 1434 -21.90 19.84 -54.09
CA ASN A 1434 -21.75 18.45 -54.52
C ASN A 1434 -22.15 17.39 -53.50
N ARG A 1435 -22.92 17.77 -52.48
CA ARG A 1435 -23.30 16.80 -51.45
C ARG A 1435 -23.83 15.47 -52.02
N GLU A 1436 -24.73 15.58 -52.99
CA GLU A 1436 -25.41 14.44 -53.53
C GLU A 1436 -24.37 13.51 -54.19
N LEU A 1437 -23.49 14.07 -55.03
CA LEU A 1437 -22.44 13.31 -55.67
C LEU A 1437 -21.56 12.62 -54.62
N MET A 1438 -21.19 13.35 -53.58
CA MET A 1438 -20.33 12.79 -52.54
C MET A 1438 -20.98 11.60 -51.85
N GLU A 1439 -22.24 11.78 -51.45
CA GLU A 1439 -22.97 10.78 -50.71
C GLU A 1439 -23.17 9.57 -51.57
N THR A 1440 -23.30 9.77 -52.90
CA THR A 1440 -23.52 8.62 -53.72
C THR A 1440 -22.19 7.89 -53.91
N GLY A 1441 -21.12 8.63 -54.11
CA GLY A 1441 -19.80 8.02 -54.07
C GLY A 1441 -19.51 7.29 -52.76
N ARG A 1442 -19.92 7.89 -51.66
CA ARG A 1442 -19.71 7.26 -50.38
C ARG A 1442 -20.52 5.98 -50.18
N SER A 1443 -21.72 5.91 -50.75
CA SER A 1443 -22.55 4.75 -50.54
C SER A 1443 -21.95 3.49 -51.19
N VAL A 1444 -21.20 3.71 -52.28
CA VAL A 1444 -20.50 2.64 -52.99
C VAL A 1444 -19.37 2.06 -52.15
N VAL A 1445 -18.71 2.88 -51.33
CA VAL A 1445 -17.70 2.36 -50.43
C VAL A 1445 -18.38 1.60 -49.31
N GLN A 1446 -19.48 2.16 -48.81
CA GLN A 1446 -20.18 1.55 -47.69
C GLN A 1446 -20.76 0.20 -48.07
N LYS A 1447 -21.00 -0.04 -49.35
CA LYS A 1447 -21.51 -1.32 -49.78
C LYS A 1447 -20.57 -2.41 -49.29
N TYR A 1448 -19.28 -2.15 -49.34
CA TYR A 1448 -18.27 -3.08 -48.91
C TYR A 1448 -17.79 -2.90 -47.45
N LEU A 1449 -17.99 -1.73 -46.85
CA LEU A 1449 -17.55 -1.53 -45.48
C LEU A 1449 -18.45 -2.19 -44.45
N ASN A 1450 -19.77 -2.14 -44.63
CA ASN A 1450 -20.68 -2.91 -43.74
C ASN A 1450 -20.49 -4.43 -43.88
N ASP A 1451 -20.13 -4.85 -45.10
CA ASP A 1451 -19.80 -6.27 -45.42
C ASP A 1451 -18.37 -6.67 -44.89
N CYS A 1452 -17.78 -5.78 -44.08
CA CYS A 1452 -16.43 -5.96 -43.51
C CYS A 1452 -16.40 -5.45 -42.06
N PRO B 10 -0.07 -23.32 39.82
CA PRO B 10 0.70 -24.53 39.56
C PRO B 10 2.13 -24.25 39.07
N SER B 11 3.10 -25.01 39.57
CA SER B 11 4.47 -24.99 39.08
C SER B 11 4.58 -25.59 37.66
N SER B 12 5.73 -25.45 37.01
CA SER B 12 5.95 -26.08 35.70
C SER B 12 5.92 -27.60 35.79
N SER B 13 6.45 -28.18 36.87
CA SER B 13 6.39 -29.63 37.13
C SER B 13 4.97 -30.12 37.41
N ASP B 14 4.10 -29.29 38.02
CA ASP B 14 2.69 -29.66 38.20
C ASP B 14 1.97 -29.77 36.85
N MET B 15 2.27 -28.85 35.93
CA MET B 15 1.73 -28.91 34.56
C MET B 15 2.25 -30.11 33.77
N GLU B 16 3.53 -30.48 33.92
CA GLU B 16 4.09 -31.69 33.32
C GLU B 16 3.36 -32.93 33.82
N TYR B 17 3.14 -33.03 35.13
CA TYR B 17 2.40 -34.13 35.73
C TYR B 17 0.96 -34.18 35.20
N TYR B 18 0.30 -33.03 35.11
CA TYR B 18 -1.07 -32.93 34.62
C TYR B 18 -1.22 -33.45 33.19
N TYR B 19 -0.38 -32.99 32.27
CA TYR B 19 -0.41 -33.47 30.89
C TYR B 19 0.03 -34.93 30.78
N LYS B 20 0.95 -35.40 31.62
CA LYS B 20 1.38 -36.79 31.58
C LYS B 20 0.29 -37.77 31.97
N SER B 21 -0.45 -37.45 33.04
CA SER B 21 -1.24 -38.45 33.77
C SER B 21 -2.75 -38.15 33.83
N LEU B 22 -3.18 -36.91 33.64
CA LEU B 22 -4.56 -36.49 33.96
C LEU B 22 -5.34 -35.93 32.76
N TYR B 23 -4.70 -35.16 31.88
CA TYR B 23 -5.42 -34.50 30.78
C TYR B 23 -6.08 -35.50 29.81
N PRO B 24 -7.38 -35.38 29.50
CA PRO B 24 -8.13 -36.37 28.71
C PRO B 24 -7.91 -36.24 27.19
N PHE B 25 -6.66 -36.38 26.72
CA PHE B 25 -6.27 -36.20 25.30
C PHE B 25 -7.14 -36.97 24.31
N LYS B 26 -7.46 -38.22 24.61
CA LYS B 26 -8.29 -39.07 23.74
C LYS B 26 -9.69 -38.49 23.54
N HIS B 27 -10.32 -37.99 24.60
CA HIS B 27 -11.68 -37.45 24.53
C HIS B 27 -11.70 -36.12 23.79
N ILE B 28 -10.72 -35.24 24.05
CA ILE B 28 -10.59 -33.96 23.35
C ILE B 28 -10.28 -34.16 21.87
N PHE B 29 -9.41 -35.10 21.53
CA PHE B 29 -9.13 -35.46 20.14
C PHE B 29 -10.40 -35.96 19.44
N ASN B 30 -11.12 -36.92 20.04
CA ASN B 30 -12.33 -37.49 19.45
C ASN B 30 -13.43 -36.44 19.25
N TRP B 31 -13.57 -35.50 20.19
CA TRP B 31 -14.47 -34.36 20.07
C TRP B 31 -14.14 -33.52 18.83
N LEU B 32 -12.90 -33.04 18.72
CA LEU B 32 -12.48 -32.09 17.68
C LEU B 32 -12.30 -32.73 16.29
N ASN B 33 -12.10 -34.05 16.26
CA ASN B 33 -11.94 -34.82 15.03
C ASN B 33 -13.27 -35.24 14.40
N HIS B 34 -14.39 -35.15 15.15
CA HIS B 34 -15.75 -35.52 14.75
C HIS B 34 -15.90 -36.94 14.16
N SER B 35 -14.93 -37.82 14.42
CA SER B 35 -14.88 -39.18 13.91
C SER B 35 -14.00 -40.05 14.81
N PRO B 36 -14.22 -41.38 14.90
CA PRO B 36 -13.29 -42.29 15.56
C PRO B 36 -11.93 -42.41 14.87
N LYS B 37 -11.85 -42.19 13.55
CA LYS B 37 -10.61 -42.27 12.77
C LYS B 37 -10.04 -40.86 12.55
N PRO B 38 -8.74 -40.62 12.79
CA PRO B 38 -8.11 -39.33 12.51
C PRO B 38 -8.44 -38.81 11.10
N SER B 39 -8.81 -37.53 11.03
CA SER B 39 -9.28 -36.85 9.83
C SER B 39 -8.66 -35.45 9.71
N ARG B 40 -9.01 -34.75 8.63
CA ARG B 40 -8.57 -33.36 8.40
C ARG B 40 -9.16 -32.38 9.42
N ASP B 41 -10.26 -32.72 10.09
CA ASP B 41 -10.84 -31.92 11.17
C ASP B 41 -9.89 -31.78 12.36
N MET B 42 -8.91 -32.67 12.47
CA MET B 42 -7.86 -32.64 13.49
C MET B 42 -6.49 -32.25 12.90
N ILE B 43 -6.09 -32.90 11.80
CA ILE B 43 -4.79 -32.65 11.14
C ILE B 43 -4.65 -31.19 10.69
N ASN B 44 -5.75 -30.59 10.21
CA ASN B 44 -5.77 -29.21 9.74
C ASN B 44 -6.31 -28.22 10.76
N ARG B 45 -6.48 -28.62 12.02
CA ARG B 45 -6.96 -27.73 13.08
C ARG B 45 -5.83 -26.95 13.71
N GLU B 46 -6.03 -25.65 13.87
CA GLU B 46 -5.07 -24.79 14.57
C GLU B 46 -5.17 -24.99 16.08
N PHE B 47 -4.00 -25.09 16.72
CA PHE B 47 -3.80 -24.90 18.14
C PHE B 47 -2.79 -23.80 18.39
N ALA B 48 -3.08 -22.94 19.36
CA ALA B 48 -2.11 -22.01 19.91
C ALA B 48 -1.69 -22.44 21.32
N MET B 49 -0.40 -22.33 21.64
CA MET B 49 0.16 -22.64 22.95
C MET B 49 0.64 -21.35 23.62
N ALA B 50 0.17 -21.11 24.84
CA ALA B 50 0.60 -20.00 25.68
C ALA B 50 1.55 -20.52 26.77
N PHE B 51 2.74 -19.97 26.85
CA PHE B 51 3.79 -20.41 27.75
C PHE B 51 3.92 -19.48 28.96
N ARG B 52 4.48 -20.03 30.05
CA ARG B 52 4.76 -19.29 31.29
C ARG B 52 5.64 -18.06 31.10
N SER B 53 6.50 -18.07 30.08
CA SER B 53 7.36 -16.94 29.70
C SER B 53 6.59 -15.76 29.10
N GLY B 54 5.29 -15.90 28.83
CA GLY B 54 4.50 -14.96 28.03
C GLY B 54 4.60 -15.20 26.52
N ALA B 55 5.44 -16.13 26.07
CA ALA B 55 5.50 -16.54 24.68
C ALA B 55 4.16 -17.16 24.24
N TYR B 56 3.78 -16.92 22.97
CA TYR B 56 2.54 -17.42 22.40
C TYR B 56 2.79 -17.95 20.98
N LYS B 57 2.62 -19.25 20.79
CA LYS B 57 2.92 -19.94 19.53
C LYS B 57 1.64 -20.42 18.87
N ARG B 58 1.25 -19.76 17.78
CA ARG B 58 0.10 -20.12 16.92
C ARG B 58 0.45 -21.21 15.90
N TYR B 59 -0.58 -21.68 15.19
CA TYR B 59 -0.45 -22.56 14.03
C TYR B 59 0.21 -23.91 14.30
N ASN B 60 0.02 -24.49 15.49
CA ASN B 60 0.33 -25.90 15.72
C ASN B 60 -0.83 -26.76 15.20
N SER B 61 -0.54 -27.99 14.79
CA SER B 61 -1.57 -28.99 14.45
C SER B 61 -1.06 -30.41 14.69
N PHE B 62 -1.99 -31.34 14.93
CA PHE B 62 -1.69 -32.68 15.44
C PHE B 62 -2.38 -33.77 14.63
N ASN B 63 -1.68 -34.87 14.37
CA ASN B 63 -2.15 -35.92 13.47
C ASN B 63 -2.89 -37.07 14.15
N SER B 64 -2.65 -37.29 15.43
CA SER B 64 -3.21 -38.40 16.21
C SER B 64 -3.28 -38.04 17.70
N VAL B 65 -3.97 -38.88 18.49
CA VAL B 65 -3.99 -38.72 19.96
C VAL B 65 -2.56 -38.76 20.53
N GLN B 66 -1.71 -39.64 19.99
CA GLN B 66 -0.32 -39.80 20.42
C GLN B 66 0.51 -38.56 20.08
N ASP B 67 0.38 -38.02 18.86
CA ASP B 67 1.07 -36.81 18.43
C ASP B 67 0.62 -35.59 19.26
N PHE B 68 -0.68 -35.44 19.48
CA PHE B 68 -1.25 -34.38 20.30
C PHE B 68 -0.71 -34.43 21.73
N LYS B 69 -0.75 -35.60 22.37
CA LYS B 69 -0.21 -35.79 23.72
C LYS B 69 1.28 -35.48 23.78
N ALA B 70 2.08 -36.08 22.90
CA ALA B 70 3.54 -35.94 22.92
C ALA B 70 3.98 -34.49 22.70
N GLN B 71 3.33 -33.75 21.81
CA GLN B 71 3.67 -32.34 21.56
C GLN B 71 3.29 -31.43 22.73
N ILE B 72 2.13 -31.65 23.37
CA ILE B 72 1.73 -30.86 24.54
C ILE B 72 2.60 -31.19 25.75
N GLU B 73 2.92 -32.46 26.02
CA GLU B 73 3.85 -32.85 27.08
C GLU B 73 5.24 -32.22 26.88
N LYS B 74 5.77 -32.27 25.64
CA LYS B 74 7.08 -31.68 25.32
C LYS B 74 7.09 -30.16 25.47
N ALA B 75 6.01 -29.48 25.07
CA ALA B 75 5.92 -28.03 25.12
C ALA B 75 5.60 -27.50 26.52
N ASN B 76 4.87 -28.28 27.32
CA ASN B 76 4.39 -27.93 28.66
C ASN B 76 3.80 -26.50 28.76
N PRO B 77 2.80 -26.15 27.93
CA PRO B 77 2.23 -24.80 27.96
C PRO B 77 1.39 -24.58 29.23
N ASP B 78 1.25 -23.34 29.69
CA ASP B 78 0.31 -23.03 30.80
C ASP B 78 -1.15 -23.24 30.36
N ARG B 79 -1.44 -23.05 29.07
CA ARG B 79 -2.69 -23.43 28.40
C ARG B 79 -2.49 -23.56 26.90
N PHE B 80 -3.45 -24.19 26.23
CA PHE B 80 -3.57 -24.09 24.79
C PHE B 80 -5.01 -23.74 24.37
N GLU B 81 -5.12 -23.21 23.17
CA GLU B 81 -6.35 -22.64 22.62
C GLU B 81 -6.66 -23.33 21.28
N ILE B 82 -7.94 -23.60 21.05
CA ILE B 82 -8.44 -24.33 19.89
C ILE B 82 -8.93 -23.33 18.85
N GLY B 83 -8.47 -23.50 17.61
CA GLY B 83 -8.81 -22.66 16.47
C GLY B 83 -9.62 -23.41 15.40
N ALA B 84 -9.65 -22.81 14.21
CA ALA B 84 -10.39 -23.32 13.06
C ALA B 84 -9.74 -24.56 12.45
N ILE B 85 -10.55 -25.33 11.72
CA ILE B 85 -10.13 -26.30 10.72
C ILE B 85 -9.81 -25.54 9.43
N TYR B 86 -8.60 -25.73 8.91
CA TYR B 86 -8.11 -25.10 7.68
C TYR B 86 -8.15 -26.05 6.49
N ASN B 87 -7.98 -25.49 5.30
CA ASN B 87 -7.80 -26.26 4.06
C ASN B 87 -6.44 -26.99 3.98
N LYS B 88 -5.42 -26.55 4.74
CA LYS B 88 -4.09 -27.16 4.83
C LYS B 88 -3.64 -27.27 6.30
N PRO B 89 -2.67 -28.14 6.64
CA PRO B 89 -2.17 -28.27 8.02
C PRO B 89 -1.53 -26.95 8.54
N PRO B 90 -2.01 -26.37 9.64
CA PRO B 90 -1.45 -25.13 10.20
C PRO B 90 0.05 -25.19 10.49
N ARG B 91 0.56 -26.36 10.93
CA ARG B 91 1.99 -26.54 11.21
C ARG B 91 2.90 -26.40 9.98
N GLU B 92 2.33 -26.46 8.77
CA GLU B 92 3.05 -26.28 7.50
C GLU B 92 2.95 -24.84 6.98
N ARG B 93 2.38 -23.92 7.77
CA ARG B 93 2.18 -22.51 7.38
C ARG B 93 3.41 -21.82 6.79
N ASP B 94 4.59 -22.12 7.29
CA ASP B 94 5.82 -21.44 6.87
C ASP B 94 6.27 -21.83 5.45
N THR B 95 5.70 -22.90 4.87
CA THR B 95 5.90 -23.28 3.46
C THR B 95 4.80 -22.75 2.54
N LYS B 106 -15.25 -24.04 12.30
CA LYS B 106 -14.93 -24.03 13.74
C LYS B 106 -16.22 -24.10 14.52
N GLU B 107 -16.21 -24.76 15.66
CA GLU B 107 -17.31 -24.68 16.63
C GLU B 107 -17.73 -23.21 16.85
N LEU B 108 -19.04 -22.97 16.89
CA LEU B 108 -19.56 -21.67 17.31
C LEU B 108 -19.35 -21.56 18.82
N VAL B 109 -18.74 -20.47 19.27
CA VAL B 109 -18.34 -20.31 20.66
C VAL B 109 -18.92 -19.04 21.27
N PHE B 110 -19.24 -19.12 22.55
CA PHE B 110 -19.64 -17.97 23.36
C PHE B 110 -18.79 -17.95 24.63
N ASP B 111 -18.44 -16.76 25.08
CA ASP B 111 -17.75 -16.53 26.35
C ASP B 111 -18.59 -15.58 27.20
N ILE B 112 -18.71 -15.92 28.49
CA ILE B 112 -19.44 -15.16 29.50
C ILE B 112 -18.54 -15.07 30.72
N ASP B 113 -18.21 -13.84 31.12
CA ASP B 113 -17.46 -13.57 32.35
C ASP B 113 -18.32 -12.77 33.34
N MET B 114 -17.90 -12.76 34.60
CA MET B 114 -18.57 -12.07 35.70
C MET B 114 -18.38 -10.55 35.66
N ASP B 115 -17.35 -10.05 35.00
CA ASP B 115 -16.93 -8.64 35.02
C ASP B 115 -18.10 -7.68 34.77
N ASP B 116 -18.93 -7.96 33.75
CA ASP B 116 -20.06 -7.11 33.40
C ASP B 116 -21.25 -7.19 34.39
N TYR B 117 -21.18 -8.08 35.39
CA TYR B 117 -22.13 -8.20 36.49
C TYR B 117 -21.59 -7.60 37.80
N ASP B 118 -20.34 -7.12 37.83
CA ASP B 118 -19.69 -6.61 39.05
C ASP B 118 -20.46 -5.44 39.67
N ALA B 119 -21.10 -4.59 38.85
CA ALA B 119 -21.94 -3.49 39.32
C ALA B 119 -23.25 -3.93 40.01
N PHE B 120 -23.60 -5.22 40.01
CA PHE B 120 -24.87 -5.70 40.56
C PHE B 120 -24.70 -6.76 41.64
N ARG B 121 -23.45 -7.11 42.00
CA ARG B 121 -23.16 -8.07 43.05
C ARG B 121 -22.48 -7.42 44.25
N THR B 122 -22.78 -7.92 45.43
CA THR B 122 -22.18 -7.49 46.71
C THR B 122 -21.49 -8.63 47.45
N CYS B 123 -21.83 -9.88 47.09
CA CYS B 123 -21.30 -11.08 47.73
C CYS B 123 -19.80 -11.32 47.47
N CYS B 124 -19.23 -10.70 46.45
CA CYS B 124 -17.83 -10.85 46.03
C CYS B 124 -17.34 -9.51 45.47
N SER B 125 -16.03 -9.26 45.60
CA SER B 125 -15.39 -8.05 45.06
C SER B 125 -14.19 -8.42 44.19
N GLY B 126 -13.88 -7.54 43.23
CA GLY B 126 -12.82 -7.79 42.26
C GLY B 126 -12.96 -9.19 41.67
N ALA B 127 -11.88 -9.95 41.64
CA ALA B 127 -11.85 -11.21 40.91
C ALA B 127 -12.25 -12.46 41.73
N GLN B 128 -12.96 -12.27 42.84
CA GLN B 128 -13.62 -13.33 43.63
C GLN B 128 -14.90 -13.82 42.94
N VAL B 129 -15.31 -15.05 43.24
CA VAL B 129 -16.60 -15.63 42.83
C VAL B 129 -17.08 -16.59 43.92
N CYS B 130 -18.41 -16.72 44.08
CA CYS B 130 -19.04 -17.71 44.94
C CYS B 130 -20.35 -18.20 44.30
N SER B 131 -20.99 -19.22 44.87
CA SER B 131 -22.28 -19.74 44.40
C SER B 131 -23.39 -18.70 44.26
N LYS B 132 -23.35 -17.60 45.04
CA LYS B 132 -24.35 -16.52 44.95
C LYS B 132 -24.25 -15.76 43.63
N CYS B 133 -23.08 -15.20 43.31
CA CYS B 133 -22.89 -14.50 42.02
C CYS B 133 -22.78 -15.46 40.84
N TRP B 134 -22.41 -16.72 41.05
CA TRP B 134 -22.45 -17.72 39.96
C TRP B 134 -23.85 -17.87 39.34
N LYS B 135 -24.91 -17.55 40.08
CA LYS B 135 -26.28 -17.51 39.54
C LYS B 135 -26.44 -16.58 38.33
N PHE B 136 -25.65 -15.49 38.22
CA PHE B 136 -25.62 -14.66 37.02
C PHE B 136 -25.17 -15.47 35.80
N ILE B 137 -24.09 -16.24 35.92
CA ILE B 137 -23.58 -17.12 34.86
C ILE B 137 -24.56 -18.27 34.59
N SER B 138 -25.15 -18.87 35.63
CA SER B 138 -26.17 -19.93 35.47
C SER B 138 -27.38 -19.44 34.67
N LEU B 139 -27.89 -18.24 34.96
CA LEU B 139 -28.98 -17.64 34.20
C LEU B 139 -28.54 -17.29 32.77
N ALA B 140 -27.32 -16.78 32.60
CA ALA B 140 -26.79 -16.49 31.28
C ALA B 140 -26.72 -17.75 30.40
N MET B 141 -26.22 -18.87 30.94
CA MET B 141 -26.24 -20.17 30.27
C MET B 141 -27.67 -20.64 29.97
N LYS B 142 -28.62 -20.51 30.91
CA LYS B 142 -30.03 -20.91 30.70
C LYS B 142 -30.68 -20.15 29.53
N ILE B 143 -30.49 -18.82 29.48
CA ILE B 143 -31.09 -17.98 28.44
C ILE B 143 -30.43 -18.24 27.08
N THR B 144 -29.11 -18.32 27.03
CA THR B 144 -28.38 -18.66 25.80
C THR B 144 -28.76 -20.06 25.30
N ASN B 145 -28.86 -21.07 26.19
CA ASN B 145 -29.30 -22.42 25.83
C ASN B 145 -30.71 -22.46 25.25
N THR B 146 -31.62 -21.65 25.80
CA THR B 146 -32.98 -21.55 25.29
C THR B 146 -32.96 -21.05 23.84
N ALA B 147 -32.18 -20.01 23.54
CA ALA B 147 -32.05 -19.52 22.16
C ALA B 147 -31.38 -20.54 21.22
N LEU B 148 -30.26 -21.14 21.64
CA LEU B 148 -29.53 -22.12 20.83
C LEU B 148 -30.40 -23.33 20.47
N ARG B 149 -31.20 -23.82 21.42
CA ARG B 149 -32.06 -24.99 21.24
C ARG B 149 -33.33 -24.66 20.47
N GLU B 150 -34.09 -23.66 20.93
CA GLU B 150 -35.45 -23.40 20.44
C GLU B 150 -35.46 -22.54 19.17
N ASP B 151 -34.51 -21.61 19.02
CA ASP B 151 -34.53 -20.67 17.89
C ASP B 151 -33.57 -21.10 16.77
N PHE B 152 -32.41 -21.68 17.12
CA PHE B 152 -31.42 -22.13 16.14
C PHE B 152 -31.46 -23.64 15.86
N GLY B 153 -32.14 -24.41 16.70
CA GLY B 153 -32.26 -25.86 16.54
C GLY B 153 -30.98 -26.64 16.81
N TYR B 154 -30.01 -26.05 17.52
CA TYR B 154 -28.76 -26.72 17.88
C TYR B 154 -28.97 -27.77 18.97
N LYS B 155 -28.25 -28.88 18.84
CA LYS B 155 -28.40 -30.06 19.71
C LYS B 155 -27.12 -30.40 20.46
N ASP B 156 -25.97 -30.12 19.87
CA ASP B 156 -24.67 -30.62 20.32
C ASP B 156 -23.80 -29.48 20.84
N PHE B 157 -24.17 -28.93 22.01
CA PHE B 157 -23.37 -27.91 22.68
C PHE B 157 -23.06 -28.27 24.13
N ILE B 158 -21.91 -27.79 24.61
CA ILE B 158 -21.45 -27.99 25.98
C ILE B 158 -20.89 -26.69 26.56
N TRP B 159 -21.18 -26.44 27.84
CA TRP B 159 -20.59 -25.36 28.61
C TRP B 159 -19.38 -25.86 29.39
N VAL B 160 -18.36 -25.03 29.48
CA VAL B 160 -17.08 -25.34 30.11
C VAL B 160 -16.69 -24.19 31.02
N PHE B 161 -16.35 -24.49 32.27
CA PHE B 161 -15.88 -23.50 33.22
C PHE B 161 -14.58 -22.86 32.75
N SER B 162 -14.49 -21.54 32.78
CA SER B 162 -13.28 -20.81 32.34
C SER B 162 -12.13 -20.92 33.35
N GLY B 163 -12.32 -21.60 34.48
CA GLY B 163 -11.30 -21.82 35.51
C GLY B 163 -11.26 -20.76 36.61
N ARG B 164 -12.01 -19.66 36.46
CA ARG B 164 -12.15 -18.62 37.50
C ARG B 164 -13.60 -18.23 37.74
N ARG B 165 -14.18 -17.38 36.89
CA ARG B 165 -15.49 -16.75 37.14
C ARG B 165 -16.37 -16.61 35.89
N GLY B 166 -16.05 -17.34 34.83
CA GLY B 166 -16.82 -17.36 33.58
C GLY B 166 -17.05 -18.77 33.05
N ALA B 167 -17.73 -18.86 31.90
CA ALA B 167 -18.04 -20.10 31.21
C ALA B 167 -17.99 -19.92 29.69
N HIS B 168 -17.46 -20.92 28.99
CA HIS B 168 -17.38 -20.98 27.54
C HIS B 168 -18.39 -21.99 27.00
N CYS B 169 -19.21 -21.61 26.02
CA CYS B 169 -20.05 -22.53 25.27
C CYS B 169 -19.34 -22.96 23.99
N TRP B 170 -19.40 -24.25 23.67
CA TRP B 170 -18.93 -24.83 22.41
C TRP B 170 -20.09 -25.52 21.72
N VAL B 171 -20.57 -24.95 20.61
CA VAL B 171 -21.63 -25.51 19.76
C VAL B 171 -20.98 -26.26 18.60
N SER B 172 -21.13 -27.58 18.61
CA SER B 172 -20.45 -28.51 17.71
C SER B 172 -21.36 -29.07 16.63
N ASP B 173 -22.64 -28.68 16.53
CA ASP B 173 -23.50 -29.06 15.40
C ASP B 173 -22.82 -28.75 14.07
N LYS B 174 -22.87 -29.66 13.08
CA LYS B 174 -22.26 -29.45 11.75
C LYS B 174 -22.64 -28.10 11.13
N ARG B 175 -23.92 -27.72 11.23
CA ARG B 175 -24.45 -26.42 10.79
C ARG B 175 -23.82 -25.23 11.52
N ALA B 176 -23.52 -25.36 12.81
CA ALA B 176 -22.84 -24.33 13.59
C ALA B 176 -21.35 -24.23 13.23
N ARG B 177 -20.70 -25.37 12.99
CA ARG B 177 -19.28 -25.42 12.62
C ARG B 177 -19.00 -24.74 11.28
N ALA B 178 -19.92 -24.90 10.32
CA ALA B 178 -19.83 -24.36 8.97
C ALA B 178 -20.30 -22.90 8.82
N LEU B 179 -20.69 -22.21 9.90
CA LEU B 179 -21.12 -20.82 9.81
C LEU B 179 -19.98 -19.91 9.34
N THR B 180 -20.29 -19.06 8.37
CA THR B 180 -19.46 -17.92 7.97
C THR B 180 -19.44 -16.84 9.05
N ASP B 181 -18.45 -15.95 9.02
CA ASP B 181 -18.34 -14.84 9.98
C ASP B 181 -19.57 -13.93 9.97
N VAL B 182 -20.20 -13.72 8.81
CA VAL B 182 -21.46 -12.96 8.70
C VAL B 182 -22.58 -13.68 9.47
N GLN B 183 -22.71 -14.99 9.29
CA GLN B 183 -23.74 -15.76 10.00
C GLN B 183 -23.45 -15.83 11.51
N ARG B 184 -22.20 -16.00 11.92
CA ARG B 184 -21.79 -15.94 13.34
C ARG B 184 -22.14 -14.60 13.97
N ARG B 185 -21.87 -13.49 13.26
CA ARG B 185 -22.26 -12.16 13.70
C ARG B 185 -23.77 -12.03 13.86
N ASN B 186 -24.56 -12.58 12.93
CA ASN B 186 -26.02 -12.54 13.03
C ASN B 186 -26.55 -13.36 14.22
N VAL B 187 -25.96 -14.54 14.50
CA VAL B 187 -26.29 -15.33 15.70
C VAL B 187 -25.94 -14.54 16.95
N LEU B 188 -24.74 -13.94 17.01
CA LEU B 188 -24.32 -13.11 18.13
C LEU B 188 -25.26 -11.91 18.33
N ASP B 189 -25.61 -11.18 17.27
CA ASP B 189 -26.47 -9.99 17.36
C ASP B 189 -27.91 -10.34 17.78
N TYR B 190 -28.36 -11.57 17.51
CA TYR B 190 -29.64 -12.10 18.01
C TYR B 190 -29.60 -12.35 19.52
N VAL B 191 -28.52 -12.94 20.04
CA VAL B 191 -28.38 -13.30 21.46
C VAL B 191 -27.88 -12.12 22.31
N ASN B 192 -27.08 -11.22 21.76
CA ASN B 192 -26.50 -10.07 22.47
C ASN B 192 -27.48 -8.88 22.52
N VAL B 193 -28.52 -9.00 23.34
CA VAL B 193 -29.55 -7.97 23.53
C VAL B 193 -28.97 -6.71 24.21
N ILE B 194 -28.13 -6.90 25.23
CA ILE B 194 -27.54 -5.79 26.00
C ILE B 194 -26.24 -5.35 25.33
N ARG B 195 -26.33 -4.53 24.28
CA ARG B 195 -25.16 -4.06 23.52
C ARG B 195 -24.39 -2.97 24.25
N ASP B 196 -25.10 -2.05 24.88
CA ASP B 196 -24.56 -1.01 25.73
C ASP B 196 -24.54 -1.54 27.18
N ARG B 197 -23.33 -1.74 27.72
CA ARG B 197 -23.12 -2.30 29.06
C ARG B 197 -23.08 -1.21 30.15
N ASN B 198 -23.19 0.06 29.78
CA ASN B 198 -23.15 1.17 30.73
C ASN B 198 -24.40 1.19 31.62
N THR B 199 -24.19 1.13 32.94
CA THR B 199 -25.27 1.08 33.95
C THR B 199 -25.77 2.46 34.36
N ASP B 200 -25.08 3.53 33.95
CA ASP B 200 -25.43 4.93 34.21
C ASP B 200 -26.48 5.49 33.23
N LYS B 201 -27.04 4.61 32.37
CA LYS B 201 -28.00 4.98 31.34
C LYS B 201 -29.10 3.94 31.20
N ARG B 202 -30.32 4.43 30.94
CA ARG B 202 -31.47 3.59 30.57
C ARG B 202 -31.24 2.90 29.22
N LEU B 203 -31.44 1.58 29.17
CA LEU B 203 -31.33 0.80 27.93
C LEU B 203 -32.33 1.25 26.85
N ALA B 204 -33.56 1.58 27.26
CA ALA B 204 -34.63 2.01 26.35
C ALA B 204 -34.85 1.02 25.19
N LEU B 205 -34.98 -0.27 25.52
CA LEU B 205 -35.06 -1.35 24.55
C LEU B 205 -36.28 -1.17 23.62
N LYS B 206 -36.14 -1.62 22.37
CA LYS B 206 -37.18 -1.51 21.34
C LYS B 206 -38.47 -2.21 21.79
N ARG B 207 -39.60 -1.53 21.58
CA ARG B 207 -40.95 -2.05 21.87
C ARG B 207 -41.77 -2.22 20.58
N PRO B 208 -42.65 -3.24 20.47
CA PRO B 208 -42.77 -4.37 21.41
C PRO B 208 -41.48 -5.21 21.40
N TYR B 209 -41.25 -5.98 22.46
CA TYR B 209 -40.10 -6.87 22.54
C TYR B 209 -40.16 -7.94 21.45
N HIS B 210 -39.00 -8.27 20.87
CA HIS B 210 -38.86 -9.46 20.03
C HIS B 210 -39.23 -10.72 20.85
N PRO B 211 -39.83 -11.77 20.27
CA PRO B 211 -40.24 -12.98 21.00
C PRO B 211 -39.16 -13.58 21.91
N HIS B 212 -37.90 -13.66 21.44
CA HIS B 212 -36.76 -14.09 22.26
C HIS B 212 -36.59 -13.25 23.54
N LEU B 213 -36.69 -11.94 23.42
CA LEU B 213 -36.51 -11.01 24.54
C LEU B 213 -37.71 -11.09 25.51
N ALA B 214 -38.93 -11.20 25.00
CA ALA B 214 -40.13 -11.42 25.82
C ALA B 214 -40.04 -12.74 26.61
N ARG B 215 -39.66 -13.84 25.95
CA ARG B 215 -39.43 -15.16 26.59
C ARG B 215 -38.33 -15.07 27.64
N SER B 216 -37.22 -14.40 27.33
CA SER B 216 -36.10 -14.24 28.25
C SER B 216 -36.50 -13.46 29.51
N LEU B 217 -37.29 -12.39 29.35
CA LEU B 217 -37.84 -11.64 30.48
C LEU B 217 -38.67 -12.54 31.41
N GLU B 218 -39.59 -13.32 30.85
CA GLU B 218 -40.42 -14.23 31.66
C GLU B 218 -39.60 -15.32 32.37
N GLN B 219 -38.51 -15.80 31.75
CA GLN B 219 -37.59 -16.74 32.40
C GLN B 219 -36.76 -16.11 33.52
N LEU B 220 -36.42 -14.81 33.43
CA LEU B 220 -35.57 -14.11 34.40
C LEU B 220 -36.35 -13.49 35.56
N LYS B 221 -37.59 -13.04 35.32
CA LYS B 221 -38.46 -12.41 36.33
C LYS B 221 -38.54 -13.16 37.66
N PRO B 222 -38.74 -14.49 37.71
CA PRO B 222 -38.82 -15.24 38.96
C PRO B 222 -37.55 -15.18 39.82
N PHE B 223 -36.39 -14.91 39.20
CA PHE B 223 -35.10 -14.84 39.90
C PHE B 223 -34.74 -13.42 40.35
N PHE B 224 -35.42 -12.39 39.83
CA PHE B 224 -35.04 -11.01 40.11
C PHE B 224 -35.18 -10.64 41.58
N VAL B 225 -36.28 -11.02 42.24
CA VAL B 225 -36.47 -10.71 43.66
C VAL B 225 -35.41 -11.41 44.51
N SER B 226 -35.26 -12.72 44.35
CA SER B 226 -34.37 -13.54 45.19
C SER B 226 -32.88 -13.22 44.95
N ILE B 227 -32.46 -12.96 43.71
CA ILE B 227 -31.07 -12.63 43.39
C ILE B 227 -30.79 -11.14 43.63
N MET B 228 -31.51 -10.24 42.95
CA MET B 228 -31.16 -8.82 42.92
C MET B 228 -31.64 -8.07 44.16
N LEU B 229 -32.88 -8.30 44.60
CA LEU B 229 -33.46 -7.50 45.69
C LEU B 229 -33.10 -8.03 47.08
N GLU B 230 -32.82 -9.33 47.20
CA GLU B 230 -32.59 -10.00 48.49
C GLU B 230 -31.14 -10.49 48.66
N GLU B 231 -30.62 -11.36 47.78
CA GLU B 231 -29.30 -11.96 47.98
C GLU B 231 -28.13 -11.02 47.70
N GLN B 232 -28.20 -10.24 46.61
CA GLN B 232 -27.19 -9.23 46.29
C GLN B 232 -27.50 -7.89 46.95
N ASN B 233 -28.78 -7.49 47.00
CA ASN B 233 -29.22 -6.24 47.65
C ASN B 233 -28.31 -5.01 47.31
N PRO B 234 -27.94 -4.78 46.02
CA PRO B 234 -26.89 -3.81 45.69
C PRO B 234 -27.33 -2.36 45.92
N TRP B 235 -28.63 -2.10 45.94
CA TRP B 235 -29.21 -0.75 46.05
C TRP B 235 -29.58 -0.38 47.48
N GLU B 236 -29.26 -1.21 48.49
CA GLU B 236 -29.32 -0.73 49.88
C GLU B 236 -28.38 0.46 50.08
N ASP B 237 -27.21 0.43 49.47
CA ASP B 237 -26.33 1.58 49.39
C ASP B 237 -26.95 2.68 48.52
N ASP B 238 -27.20 3.85 49.13
CA ASP B 238 -27.92 4.94 48.48
C ASP B 238 -27.11 5.53 47.31
N GLN B 239 -25.78 5.59 47.40
CA GLN B 239 -24.94 6.07 46.29
C GLN B 239 -25.02 5.09 45.12
N HIS B 240 -24.97 3.80 45.40
CA HIS B 240 -25.09 2.79 44.37
C HIS B 240 -26.49 2.79 43.72
N ALA B 241 -27.55 2.97 44.50
CA ALA B 241 -28.91 3.15 43.97
C ALA B 241 -29.01 4.38 43.05
N ILE B 242 -28.37 5.50 43.43
CA ILE B 242 -28.31 6.70 42.58
C ILE B 242 -27.54 6.43 41.28
N GLN B 243 -26.50 5.59 41.31
CA GLN B 243 -25.63 5.30 40.17
C GLN B 243 -26.18 4.25 39.20
N THR B 244 -26.96 3.27 39.67
CA THR B 244 -27.36 2.12 38.82
C THR B 244 -28.86 1.81 38.82
N LEU B 245 -29.63 2.24 39.84
CA LEU B 245 -31.09 2.05 39.88
C LEU B 245 -31.83 3.25 39.27
N LEU B 246 -31.52 4.47 39.71
CA LEU B 246 -32.18 5.69 39.21
C LEU B 246 -31.99 5.91 37.71
N PRO B 247 -30.81 5.68 37.10
CA PRO B 247 -30.62 5.90 35.68
C PRO B 247 -31.43 4.97 34.77
N ALA B 248 -31.98 3.88 35.32
CA ALA B 248 -32.87 2.99 34.58
C ALA B 248 -34.29 3.56 34.40
N LEU B 249 -34.66 4.61 35.13
CA LEU B 249 -35.97 5.25 35.05
C LEU B 249 -36.01 6.28 33.92
N TYR B 250 -37.21 6.54 33.38
CA TYR B 250 -37.38 7.42 32.23
C TYR B 250 -37.68 8.88 32.58
N ASP B 251 -38.19 9.14 33.79
CA ASP B 251 -38.77 10.43 34.16
C ASP B 251 -37.91 11.16 35.20
N LYS B 252 -37.54 12.40 34.89
CA LYS B 252 -36.67 13.21 35.74
C LYS B 252 -37.34 13.59 37.06
N GLN B 253 -38.65 13.90 37.06
CA GLN B 253 -39.37 14.29 38.27
C GLN B 253 -39.47 13.13 39.26
N LEU B 254 -39.70 11.91 38.75
CA LEU B 254 -39.65 10.68 39.53
C LEU B 254 -38.25 10.44 40.12
N ILE B 255 -37.21 10.54 39.30
CA ILE B 255 -35.80 10.38 39.74
C ILE B 255 -35.46 11.37 40.85
N ASP B 256 -35.77 12.66 40.67
CA ASP B 256 -35.47 13.71 41.65
C ASP B 256 -36.27 13.49 42.96
N SER B 257 -37.52 13.03 42.86
CA SER B 257 -38.37 12.73 44.02
C SER B 257 -37.87 11.52 44.81
N LEU B 258 -37.47 10.44 44.13
CA LEU B 258 -36.87 9.25 44.75
C LEU B 258 -35.53 9.58 45.40
N LYS B 259 -34.68 10.34 44.70
CA LYS B 259 -33.38 10.78 45.22
C LYS B 259 -33.56 11.58 46.52
N LYS B 260 -34.50 12.53 46.54
CA LYS B 260 -34.83 13.27 47.76
C LYS B 260 -35.35 12.33 48.86
N TYR B 261 -36.31 11.47 48.52
CA TYR B 261 -36.91 10.55 49.49
C TYR B 261 -35.89 9.61 50.15
N TRP B 262 -34.92 9.09 49.38
CA TRP B 262 -33.86 8.23 49.89
C TRP B 262 -32.75 9.00 50.63
N LEU B 263 -32.52 10.28 50.30
CA LEU B 263 -31.68 11.15 51.13
C LEU B 263 -32.29 11.41 52.51
N ASP B 264 -33.62 11.59 52.55
CA ASP B 264 -34.38 11.79 53.80
C ASP B 264 -34.57 10.48 54.60
N ASN B 265 -34.56 9.32 53.90
CA ASN B 265 -34.75 7.99 54.47
C ASN B 265 -33.62 7.04 53.99
N PRO B 266 -32.40 7.17 54.54
CA PRO B 266 -31.24 6.45 54.05
C PRO B 266 -31.30 4.95 54.32
N ARG B 267 -30.52 4.17 53.56
CA ARG B 267 -30.31 2.71 53.71
C ARG B 267 -31.56 1.84 53.65
N ARG B 268 -32.61 2.31 52.96
CA ARG B 268 -33.73 1.44 52.58
C ARG B 268 -33.21 0.28 51.72
N SER B 269 -33.65 -0.94 51.98
CA SER B 269 -33.24 -2.12 51.22
C SER B 269 -33.59 -2.00 49.73
N SER B 270 -32.92 -2.78 48.87
CA SER B 270 -33.27 -2.86 47.44
C SER B 270 -34.76 -3.15 47.23
N LYS B 271 -35.36 -4.01 48.05
CA LYS B 271 -36.78 -4.38 47.97
C LYS B 271 -37.69 -3.21 48.33
N GLU B 272 -37.36 -2.45 49.37
CA GLU B 272 -38.08 -1.23 49.72
C GLU B 272 -37.95 -0.17 48.63
N LYS B 273 -36.73 0.12 48.17
CA LYS B 273 -36.49 1.06 47.06
C LYS B 273 -37.23 0.67 45.78
N TRP B 274 -37.32 -0.63 45.49
CA TRP B 274 -38.09 -1.15 44.35
C TRP B 274 -39.58 -0.82 44.46
N ASN B 275 -40.15 -0.88 45.67
CA ASN B 275 -41.55 -0.55 45.93
C ASN B 275 -41.77 0.98 45.99
N ASP B 276 -40.81 1.73 46.52
CA ASP B 276 -40.86 3.20 46.56
C ASP B 276 -41.04 3.80 45.18
N ILE B 277 -40.36 3.22 44.18
CA ILE B 277 -40.49 3.63 42.76
C ILE B 277 -41.96 3.64 42.32
N ASP B 278 -42.73 2.60 42.66
CA ASP B 278 -44.13 2.47 42.26
C ASP B 278 -45.04 3.40 43.07
N GLN B 279 -44.78 3.53 44.37
CA GLN B 279 -45.54 4.40 45.27
C GLN B 279 -45.39 5.88 44.89
N ILE B 280 -44.15 6.34 44.70
CA ILE B 280 -43.88 7.73 44.32
C ILE B 280 -44.42 7.99 42.91
N ALA B 281 -44.23 7.08 41.95
CA ALA B 281 -44.79 7.24 40.60
C ALA B 281 -46.32 7.37 40.62
N THR B 282 -47.02 6.57 41.43
CA THR B 282 -48.48 6.64 41.58
C THR B 282 -48.92 7.97 42.22
N SER B 283 -48.11 8.55 43.10
CA SER B 283 -48.39 9.87 43.69
C SER B 283 -48.17 11.04 42.70
N LEU B 284 -47.20 10.90 41.80
CA LEU B 284 -46.81 11.94 40.82
C LEU B 284 -47.70 11.94 39.57
N PHE B 285 -47.97 10.77 39.00
CA PHE B 285 -48.64 10.65 37.71
C PHE B 285 -50.14 10.43 37.89
N LYS B 286 -50.91 11.52 37.87
CA LYS B 286 -52.38 11.51 38.02
C LYS B 286 -53.09 11.93 36.74
N GLY B 287 -54.34 11.52 36.61
CA GLY B 287 -55.24 11.95 35.54
C GLY B 287 -55.15 11.09 34.26
N PRO B 288 -55.72 11.56 33.13
CA PRO B 288 -55.92 10.72 31.94
C PRO B 288 -54.64 10.16 31.30
N LYS B 289 -53.48 10.75 31.60
CA LYS B 289 -52.17 10.29 31.10
C LYS B 289 -51.49 9.26 32.00
N GLN B 290 -52.05 8.95 33.17
CA GLN B 290 -51.42 8.06 34.16
C GLN B 290 -51.10 6.67 33.57
N ASP B 291 -51.96 6.12 32.72
CA ASP B 291 -51.80 4.78 32.16
C ASP B 291 -50.54 4.70 31.27
N SER B 292 -50.24 5.78 30.53
CA SER B 292 -49.01 5.87 29.73
C SER B 292 -47.76 5.86 30.61
N HIS B 293 -47.79 6.57 31.74
CA HIS B 293 -46.69 6.58 32.72
C HIS B 293 -46.51 5.22 33.42
N ILE B 294 -47.62 4.54 33.76
CA ILE B 294 -47.61 3.19 34.36
C ILE B 294 -46.99 2.19 33.39
N ILE B 295 -47.42 2.19 32.12
CA ILE B 295 -46.83 1.33 31.07
C ILE B 295 -45.34 1.64 30.95
N LYS B 296 -44.96 2.92 30.90
CA LYS B 296 -43.55 3.29 30.71
C LYS B 296 -42.67 2.91 31.88
N LEU B 297 -43.19 3.01 33.11
CA LEU B 297 -42.47 2.59 34.30
C LEU B 297 -42.27 1.07 34.33
N ARG B 298 -43.31 0.30 33.99
CA ARG B 298 -43.20 -1.15 33.83
C ARG B 298 -42.13 -1.51 32.80
N GLU B 299 -42.13 -0.85 31.65
CA GLU B 299 -41.09 -1.06 30.63
C GLU B 299 -39.67 -0.78 31.16
N CYS B 300 -39.49 0.27 31.96
CA CYS B 300 -38.19 0.58 32.57
C CYS B 300 -37.75 -0.48 33.56
N LYS B 301 -38.67 -0.97 34.39
CA LYS B 301 -38.39 -2.07 35.32
C LYS B 301 -38.06 -3.36 34.60
N GLU B 302 -38.76 -3.68 33.51
CA GLU B 302 -38.46 -4.83 32.65
C GLU B 302 -37.07 -4.72 32.00
N ASP B 303 -36.73 -3.56 31.43
CA ASP B 303 -35.40 -3.29 30.88
C ASP B 303 -34.32 -3.46 31.96
N LEU B 304 -34.59 -3.09 33.22
CA LEU B 304 -33.65 -3.26 34.34
C LEU B 304 -33.51 -4.71 34.80
N VAL B 305 -34.58 -5.52 34.76
CA VAL B 305 -34.47 -6.99 34.96
C VAL B 305 -33.49 -7.58 33.93
N LEU B 306 -33.60 -7.16 32.67
CA LEU B 306 -32.69 -7.61 31.62
C LEU B 306 -31.28 -7.05 31.81
N MET B 307 -31.13 -5.77 32.15
CA MET B 307 -29.82 -5.17 32.41
C MET B 307 -29.04 -5.93 33.50
N THR B 308 -29.73 -6.41 34.53
CA THR B 308 -29.09 -7.03 35.69
C THR B 308 -28.84 -8.53 35.50
N LEU B 309 -29.72 -9.26 34.80
CA LEU B 309 -29.69 -10.73 34.75
C LEU B 309 -29.50 -11.34 33.35
N TYR B 310 -29.71 -10.59 32.28
CA TYR B 310 -29.58 -11.13 30.91
C TYR B 310 -28.10 -11.45 30.58
N PRO B 311 -27.82 -12.47 29.75
CA PRO B 311 -26.45 -12.79 29.30
C PRO B 311 -25.68 -11.58 28.74
N LYS B 312 -24.49 -11.36 29.30
CA LYS B 312 -23.53 -10.33 28.86
C LYS B 312 -22.33 -11.02 28.21
N LEU B 313 -22.49 -11.38 26.93
CA LEU B 313 -21.50 -12.13 26.16
C LEU B 313 -20.27 -11.28 25.84
N ASP B 314 -19.07 -11.87 25.85
CA ASP B 314 -17.91 -11.33 25.12
C ASP B 314 -18.17 -11.53 23.63
N VAL B 315 -18.24 -10.41 22.92
CA VAL B 315 -18.69 -10.36 21.53
C VAL B 315 -17.60 -10.75 20.54
N GLU B 316 -16.32 -10.62 20.88
CA GLU B 316 -15.25 -10.78 19.87
C GLU B 316 -15.04 -12.26 19.52
N VAL B 317 -15.01 -13.13 20.52
CA VAL B 317 -14.71 -14.57 20.33
C VAL B 317 -15.70 -15.28 19.42
N THR B 318 -16.96 -14.81 19.36
CA THR B 318 -18.02 -15.42 18.56
C THR B 318 -17.96 -15.03 17.08
N LYS B 319 -17.50 -13.82 16.75
CA LYS B 319 -17.72 -13.19 15.42
C LYS B 319 -17.00 -13.87 14.27
N GLN B 320 -15.77 -14.34 14.49
CA GLN B 320 -14.93 -14.88 13.42
C GLN B 320 -14.61 -16.35 13.64
N THR B 321 -14.60 -17.09 12.54
CA THR B 321 -14.26 -18.51 12.50
C THR B 321 -12.84 -18.76 13.00
N ILE B 322 -11.91 -17.79 12.84
CA ILE B 322 -10.50 -17.92 13.21
C ILE B 322 -10.18 -17.65 14.67
N HIS B 323 -11.14 -17.21 15.50
CA HIS B 323 -10.86 -16.89 16.90
C HIS B 323 -10.50 -18.14 17.71
N LEU B 324 -9.40 -18.02 18.44
CA LEU B 324 -8.89 -19.03 19.36
C LEU B 324 -9.61 -18.92 20.70
N LEU B 325 -9.94 -20.05 21.30
CA LEU B 325 -10.54 -20.11 22.64
C LEU B 325 -9.91 -21.24 23.46
N LYS B 326 -9.70 -20.99 24.75
CA LYS B 326 -9.05 -21.93 25.67
C LYS B 326 -9.72 -23.31 25.65
N ALA B 327 -8.90 -24.35 25.51
CA ALA B 327 -9.39 -25.72 25.46
C ALA B 327 -10.05 -26.14 26.78
N PRO B 328 -11.14 -26.95 26.73
CA PRO B 328 -11.65 -27.64 27.89
C PRO B 328 -10.54 -28.45 28.58
N PHE B 329 -10.64 -28.60 29.89
CA PHE B 329 -9.65 -29.23 30.77
C PHE B 329 -8.28 -28.52 30.85
N CYS B 330 -8.06 -27.33 30.26
CA CYS B 330 -6.87 -26.54 30.61
C CYS B 330 -6.86 -26.17 32.11
N ILE B 331 -5.68 -25.95 32.68
CA ILE B 331 -5.54 -25.44 34.04
C ILE B 331 -5.56 -23.92 34.02
N HIS B 332 -6.28 -23.30 34.95
CA HIS B 332 -6.21 -21.85 35.10
C HIS B 332 -4.96 -21.46 35.91
N PRO B 333 -4.05 -20.64 35.34
CA PRO B 333 -2.70 -20.46 35.90
C PRO B 333 -2.70 -19.78 37.28
N ALA B 334 -3.73 -18.99 37.62
CA ALA B 334 -3.79 -18.32 38.92
C ALA B 334 -4.59 -19.07 39.99
N THR B 335 -5.52 -19.95 39.62
CA THR B 335 -6.45 -20.61 40.57
C THR B 335 -6.12 -22.09 40.74
N GLY B 336 -5.41 -22.70 39.79
CA GLY B 336 -5.15 -24.13 39.74
C GLY B 336 -6.37 -24.96 39.35
N ASN B 337 -7.53 -24.34 39.13
CA ASN B 337 -8.75 -25.04 38.75
C ASN B 337 -8.64 -25.63 37.35
N VAL B 338 -9.16 -26.84 37.17
CA VAL B 338 -9.39 -27.44 35.86
C VAL B 338 -10.60 -26.79 35.19
N CYS B 339 -10.49 -26.44 33.90
CA CYS B 339 -11.57 -25.90 33.09
C CYS B 339 -12.56 -27.01 32.67
N VAL B 340 -13.34 -27.52 33.63
CA VAL B 340 -14.23 -28.69 33.46
C VAL B 340 -15.54 -28.37 32.73
N PRO B 341 -16.18 -29.36 32.07
CA PRO B 341 -17.56 -29.22 31.62
C PRO B 341 -18.53 -28.91 32.79
N ILE B 342 -19.60 -28.18 32.47
CA ILE B 342 -20.60 -27.68 33.41
C ILE B 342 -21.89 -28.48 33.25
N ASP B 343 -22.48 -28.92 34.35
CA ASP B 343 -23.87 -29.38 34.44
C ASP B 343 -24.75 -28.40 35.23
N GLU B 344 -26.04 -28.70 35.37
CA GLU B 344 -27.00 -27.85 36.09
C GLU B 344 -26.68 -27.65 37.57
N SER B 345 -25.88 -28.55 38.17
CA SER B 345 -25.50 -28.51 39.57
C SER B 345 -24.20 -27.74 39.82
N PHE B 346 -23.49 -27.33 38.77
CA PHE B 346 -22.14 -26.78 38.87
C PHE B 346 -22.10 -25.43 39.59
N ALA B 347 -21.11 -25.29 40.48
CA ALA B 347 -20.66 -24.03 41.05
C ALA B 347 -19.11 -24.01 41.05
N PRO B 348 -18.44 -22.85 41.01
CA PRO B 348 -16.98 -22.77 40.84
C PRO B 348 -16.19 -23.52 41.91
N GLU B 349 -16.71 -23.61 43.14
CA GLU B 349 -16.11 -24.38 44.24
C GLU B 349 -16.05 -25.90 44.00
N LYS B 350 -16.84 -26.42 43.04
CA LYS B 350 -16.82 -27.84 42.65
C LYS B 350 -15.73 -28.15 41.62
N ALA B 351 -15.10 -27.14 41.02
CA ALA B 351 -14.04 -27.38 40.04
C ALA B 351 -12.80 -27.94 40.76
N PRO B 352 -12.30 -29.12 40.37
CA PRO B 352 -11.13 -29.71 41.02
C PRO B 352 -9.89 -28.85 40.73
N LYS B 353 -9.03 -28.67 41.74
CA LYS B 353 -7.73 -28.04 41.59
C LYS B 353 -6.66 -29.07 41.30
N LEU B 354 -5.68 -28.70 40.48
CA LEU B 354 -4.57 -29.59 40.13
C LEU B 354 -3.84 -30.13 41.36
N ILE B 355 -3.58 -29.30 42.38
CA ILE B 355 -2.89 -29.74 43.61
C ILE B 355 -3.69 -30.81 44.39
N ASP B 356 -5.02 -30.68 44.40
CA ASP B 356 -5.89 -31.65 45.07
C ASP B 356 -5.90 -32.96 44.28
N LEU B 357 -5.97 -32.88 42.95
CA LEU B 357 -5.88 -34.05 42.06
C LEU B 357 -4.53 -34.77 42.20
N GLN B 358 -3.41 -34.05 42.32
CA GLN B 358 -2.10 -34.64 42.58
C GLN B 358 -2.09 -35.40 43.92
N GLU C 46 -35.69 -19.47 -35.38
CA GLU C 46 -35.21 -20.32 -34.27
C GLU C 46 -34.57 -19.47 -33.17
N GLU C 47 -33.79 -18.47 -33.58
CA GLU C 47 -33.20 -17.51 -32.66
C GLU C 47 -34.31 -16.73 -31.92
N LYS C 48 -35.33 -16.22 -32.63
CA LYS C 48 -36.49 -15.57 -32.00
C LYS C 48 -37.23 -16.49 -31.03
N LYS C 49 -37.45 -17.76 -31.36
CA LYS C 49 -38.10 -18.73 -30.47
C LYS C 49 -37.25 -19.02 -29.22
N LEU C 50 -35.94 -19.11 -29.37
CA LEU C 50 -35.02 -19.25 -28.24
C LEU C 50 -35.14 -18.04 -27.30
N TYR C 51 -35.07 -16.82 -27.85
CA TYR C 51 -35.21 -15.60 -27.04
C TYR C 51 -36.63 -15.43 -26.48
N ALA C 52 -37.68 -15.90 -27.16
CA ALA C 52 -39.02 -15.91 -26.58
C ALA C 52 -39.10 -16.84 -25.36
N ARG C 53 -38.44 -18.00 -25.41
CA ARG C 53 -38.39 -18.97 -24.29
C ARG C 53 -37.47 -18.53 -23.15
N LEU C 54 -36.31 -17.95 -23.47
CA LEU C 54 -35.35 -17.44 -22.49
C LEU C 54 -35.88 -16.22 -21.72
N TYR C 55 -36.88 -15.53 -22.28
CA TYR C 55 -37.44 -14.27 -21.77
C TYR C 55 -38.96 -14.31 -21.66
N GLU C 56 -39.50 -15.44 -21.24
CA GLU C 56 -40.92 -15.51 -20.89
C GLU C 56 -41.22 -14.52 -19.75
N SER C 57 -40.24 -14.33 -18.85
CA SER C 57 -40.18 -13.27 -17.86
C SER C 57 -39.30 -12.09 -18.31
N LYS C 58 -39.68 -10.88 -17.91
CA LYS C 58 -38.92 -9.63 -18.12
C LYS C 58 -37.57 -9.57 -17.39
N LEU C 59 -37.25 -10.61 -16.62
CA LEU C 59 -36.07 -10.80 -15.80
C LEU C 59 -35.48 -12.18 -16.10
N SER C 60 -34.16 -12.33 -16.01
CA SER C 60 -33.45 -13.58 -16.30
C SER C 60 -32.31 -13.81 -15.32
N PHE C 61 -32.00 -15.08 -15.04
CA PHE C 61 -30.78 -15.49 -14.32
C PHE C 61 -29.56 -15.67 -15.25
N TYR C 62 -29.74 -15.43 -16.57
CA TYR C 62 -28.68 -15.53 -17.57
C TYR C 62 -28.03 -16.93 -17.57
N ASP C 63 -28.89 -17.95 -17.66
CA ASP C 63 -28.51 -19.36 -17.51
C ASP C 63 -27.93 -19.98 -18.77
N LEU C 64 -28.43 -19.58 -19.93
CA LEU C 64 -28.00 -20.11 -21.22
C LEU C 64 -27.19 -19.05 -21.95
N PRO C 65 -26.12 -19.41 -22.69
CA PRO C 65 -25.38 -18.42 -23.45
C PRO C 65 -26.24 -17.88 -24.62
N PRO C 66 -26.07 -16.60 -25.00
CA PRO C 66 -26.70 -16.07 -26.20
C PRO C 66 -26.32 -16.90 -27.43
N GLN C 67 -27.30 -17.17 -28.27
CA GLN C 67 -27.10 -17.74 -29.60
C GLN C 67 -27.38 -16.64 -30.63
N GLU C 73 -19.35 -3.62 -33.29
CA GLU C 73 -19.93 -2.36 -32.82
C GLU C 73 -21.02 -2.61 -31.76
N GLN C 74 -21.95 -3.54 -32.02
CA GLN C 74 -22.95 -3.94 -31.04
C GLN C 74 -22.29 -4.53 -29.80
N PHE C 75 -21.30 -5.40 -29.97
CA PHE C 75 -20.56 -5.99 -28.86
C PHE C 75 -19.99 -4.93 -27.93
N GLU C 76 -19.30 -3.93 -28.49
CA GLU C 76 -18.70 -2.86 -27.70
C GLU C 76 -19.74 -1.91 -27.09
N ILE C 77 -20.66 -1.39 -27.89
CA ILE C 77 -21.68 -0.43 -27.42
C ILE C 77 -22.54 -1.05 -26.33
N TRP C 78 -23.01 -2.29 -26.51
CA TRP C 78 -23.87 -2.95 -25.53
C TRP C 78 -23.14 -3.20 -24.21
N ALA C 79 -21.86 -3.58 -24.28
CA ALA C 79 -21.02 -3.74 -23.10
C ALA C 79 -20.79 -2.40 -22.37
N ILE C 80 -20.45 -1.34 -23.10
CA ILE C 80 -20.25 0.01 -22.55
C ILE C 80 -21.53 0.52 -21.88
N ASP C 81 -22.69 0.33 -22.52
CA ASP C 81 -23.96 0.83 -22.00
C ASP C 81 -24.36 0.14 -20.69
N ARG C 82 -24.21 -1.19 -20.60
CA ARG C 82 -24.41 -1.90 -19.32
C ARG C 82 -23.38 -1.47 -18.29
N LEU C 83 -22.11 -1.34 -18.69
CA LEU C 83 -21.03 -0.96 -17.80
C LEU C 83 -21.27 0.42 -17.15
N LYS C 84 -21.76 1.40 -17.91
CA LYS C 84 -22.12 2.73 -17.39
C LYS C 84 -23.17 2.63 -16.28
N ILE C 85 -24.21 1.80 -16.47
CA ILE C 85 -25.25 1.59 -15.45
C ILE C 85 -24.64 0.96 -14.19
N LEU C 86 -23.78 -0.05 -14.35
CA LEU C 86 -23.14 -0.72 -13.22
C LEU C 86 -22.19 0.20 -12.44
N LEU C 87 -21.46 1.07 -13.14
CA LEU C 87 -20.60 2.08 -12.51
C LEU C 87 -21.43 3.14 -11.77
N GLU C 88 -22.58 3.55 -12.32
CA GLU C 88 -23.48 4.48 -11.63
C GLU C 88 -24.07 3.85 -10.36
N ILE C 89 -24.43 2.56 -10.41
CA ILE C 89 -24.86 1.79 -9.22
C ILE C 89 -23.76 1.78 -8.17
N GLU C 90 -22.53 1.45 -8.55
CA GLU C 90 -21.40 1.38 -7.61
C GLU C 90 -21.07 2.77 -7.02
N SER C 91 -21.11 3.82 -7.84
CA SER C 91 -20.97 5.21 -7.41
C SER C 91 -22.04 5.59 -6.39
N CYS C 92 -23.30 5.19 -6.59
CA CYS C 92 -24.36 5.49 -5.63
C CYS C 92 -24.24 4.66 -4.33
N LEU C 93 -23.81 3.39 -4.44
CA LEU C 93 -23.55 2.53 -3.27
C LEU C 93 -22.41 3.07 -2.42
N SER C 94 -21.31 3.52 -3.04
CA SER C 94 -20.18 4.12 -2.31
C SER C 94 -20.54 5.43 -1.61
N ARG C 95 -21.57 6.14 -2.08
CA ARG C 95 -22.13 7.35 -1.46
C ARG C 95 -23.22 7.06 -0.42
N ASN C 96 -23.45 5.80 -0.07
CA ASN C 96 -24.45 5.36 0.90
C ASN C 96 -25.88 5.87 0.60
N LYS C 97 -26.24 6.01 -0.67
CA LYS C 97 -27.61 6.39 -1.06
C LYS C 97 -28.59 5.26 -0.74
N SER C 98 -29.81 5.63 -0.38
CA SER C 98 -30.90 4.68 -0.15
C SER C 98 -31.33 3.99 -1.46
N ILE C 99 -31.91 2.80 -1.36
CA ILE C 99 -32.39 2.03 -2.53
C ILE C 99 -33.34 2.88 -3.40
N LYS C 100 -34.24 3.65 -2.78
CA LYS C 100 -35.21 4.50 -3.50
C LYS C 100 -34.54 5.65 -4.26
N GLU C 101 -33.50 6.25 -3.70
CA GLU C 101 -32.72 7.30 -4.40
C GLU C 101 -31.96 6.71 -5.58
N ILE C 102 -31.37 5.53 -5.39
CA ILE C 102 -30.66 4.81 -6.46
C ILE C 102 -31.63 4.47 -7.61
N GLU C 103 -32.81 3.95 -7.28
CA GLU C 103 -33.87 3.66 -8.25
C GLU C 103 -34.25 4.91 -9.05
N THR C 104 -34.38 6.06 -8.40
CA THR C 104 -34.75 7.34 -9.04
C THR C 104 -33.66 7.82 -10.01
N ILE C 105 -32.39 7.66 -9.66
CA ILE C 105 -31.24 8.06 -10.49
C ILE C 105 -31.08 7.15 -11.71
N ILE C 106 -31.29 5.84 -11.54
CA ILE C 106 -31.03 4.86 -12.60
C ILE C 106 -32.18 4.76 -13.59
N LYS C 107 -33.43 5.00 -13.16
CA LYS C 107 -34.61 4.95 -14.03
C LYS C 107 -34.46 5.68 -15.38
N PRO C 108 -33.97 6.95 -15.43
CA PRO C 108 -33.72 7.62 -16.70
C PRO C 108 -32.55 6.99 -17.49
N GLN C 109 -31.53 6.45 -16.82
CA GLN C 109 -30.44 5.77 -17.51
C GLN C 109 -30.89 4.46 -18.18
N PHE C 110 -31.82 3.73 -17.56
CA PHE C 110 -32.41 2.57 -18.21
C PHE C 110 -33.11 2.92 -19.52
N GLN C 111 -33.95 3.95 -19.53
CA GLN C 111 -34.65 4.36 -20.75
C GLN C 111 -33.67 4.74 -21.88
N LYS C 112 -32.51 5.31 -21.55
CA LYS C 112 -31.52 5.75 -22.52
C LYS C 112 -30.57 4.65 -22.98
N LEU C 113 -30.01 3.89 -22.05
CA LEU C 113 -28.88 3.00 -22.32
C LEU C 113 -29.30 1.54 -22.39
N LEU C 114 -30.25 1.12 -21.58
CA LEU C 114 -30.63 -0.28 -21.49
C LEU C 114 -32.10 -0.43 -21.10
N PRO C 115 -33.02 -0.22 -22.07
CA PRO C 115 -34.44 -0.24 -21.81
C PRO C 115 -34.84 -1.58 -21.20
N PHE C 116 -35.46 -1.54 -20.02
CA PHE C 116 -36.08 -2.72 -19.42
C PHE C 116 -37.59 -2.62 -19.60
N ASN C 117 -38.28 -3.77 -19.57
CA ASN C 117 -39.73 -3.85 -19.70
C ASN C 117 -40.28 -3.50 -21.10
N THR C 118 -39.47 -3.64 -22.16
CA THR C 118 -39.92 -3.51 -23.54
C THR C 118 -40.23 -4.87 -24.16
N GLU C 119 -41.17 -4.89 -25.10
CA GLU C 119 -41.47 -6.06 -25.94
C GLU C 119 -40.49 -6.19 -27.12
N SER C 120 -39.60 -5.21 -27.29
CA SER C 120 -38.56 -5.22 -28.33
C SER C 120 -37.58 -6.37 -28.10
N LEU C 121 -37.46 -7.24 -29.11
CA LEU C 121 -36.47 -8.33 -29.13
C LEU C 121 -35.04 -7.77 -29.05
N GLU C 122 -34.79 -6.61 -29.65
CA GLU C 122 -33.45 -6.02 -29.70
C GLU C 122 -32.99 -5.51 -28.34
N ASP C 123 -33.88 -4.89 -27.55
CA ASP C 123 -33.57 -4.46 -26.19
C ASP C 123 -33.30 -5.66 -25.28
N ARG C 124 -34.08 -6.73 -25.42
CA ARG C 124 -33.86 -7.99 -24.69
C ARG C 124 -32.52 -8.62 -25.07
N LYS C 125 -32.19 -8.67 -26.36
CA LYS C 125 -30.87 -9.10 -26.85
C LYS C 125 -29.77 -8.25 -26.24
N LYS C 126 -29.88 -6.92 -26.30
CA LYS C 126 -28.91 -5.99 -25.72
C LYS C 126 -28.65 -6.29 -24.23
N ASP C 127 -29.71 -6.55 -23.44
CA ASP C 127 -29.56 -6.94 -22.03
C ASP C 127 -28.80 -8.26 -21.85
N TYR C 128 -29.13 -9.31 -22.60
CA TYR C 128 -28.40 -10.59 -22.51
C TYR C 128 -26.94 -10.43 -22.88
N TYR C 129 -26.71 -9.92 -24.09
CA TYR C 129 -25.39 -9.95 -24.69
C TYR C 129 -24.48 -9.07 -23.86
N SER C 130 -24.94 -7.88 -23.44
CA SER C 130 -24.16 -7.04 -22.54
C SER C 130 -23.76 -7.76 -21.25
N HIS C 131 -24.66 -8.51 -20.61
CA HIS C 131 -24.32 -9.30 -19.41
C HIS C 131 -23.20 -10.31 -19.69
N PHE C 132 -23.34 -11.12 -20.74
CA PHE C 132 -22.35 -12.16 -21.10
C PHE C 132 -21.02 -11.56 -21.58
N ILE C 133 -21.05 -10.42 -22.27
CA ILE C 133 -19.84 -9.70 -22.67
C ILE C 133 -19.09 -9.20 -21.45
N LEU C 134 -19.81 -8.67 -20.44
CA LEU C 134 -19.18 -8.25 -19.19
C LEU C 134 -18.65 -9.45 -18.38
N ARG C 135 -19.26 -10.64 -18.45
CA ARG C 135 -18.65 -11.87 -17.87
C ARG C 135 -17.24 -12.11 -18.43
N LEU C 136 -17.04 -11.95 -19.75
CA LEU C 136 -15.72 -12.08 -20.38
C LEU C 136 -14.73 -11.02 -19.86
N CYS C 137 -15.19 -9.80 -19.61
CA CYS C 137 -14.35 -8.71 -19.10
C CYS C 137 -13.93 -8.92 -17.65
N PHE C 138 -14.88 -9.27 -16.77
CA PHE C 138 -14.69 -9.25 -15.32
C PHE C 138 -14.30 -10.61 -14.71
N CYS C 139 -14.24 -11.70 -15.50
CA CYS C 139 -13.85 -13.01 -14.99
C CYS C 139 -12.37 -13.13 -14.57
N ARG C 140 -11.51 -12.20 -14.98
CA ARG C 140 -10.03 -12.33 -14.96
C ARG C 140 -9.37 -12.30 -13.58
N SER C 141 -9.86 -11.46 -12.67
CA SER C 141 -9.35 -11.36 -11.30
C SER C 141 -10.46 -11.54 -10.28
N LYS C 142 -10.10 -11.95 -9.06
CA LYS C 142 -11.06 -12.12 -7.97
C LYS C 142 -11.76 -10.79 -7.65
N GLU C 143 -11.01 -9.70 -7.59
CA GLU C 143 -11.56 -8.36 -7.29
C GLU C 143 -12.56 -7.91 -8.36
N LEU C 144 -12.25 -8.12 -9.64
CA LEU C 144 -13.16 -7.80 -10.74
C LEU C 144 -14.44 -8.63 -10.67
N ARG C 145 -14.33 -9.93 -10.36
CA ARG C 145 -15.51 -10.80 -10.18
C ARG C 145 -16.39 -10.33 -9.03
N GLU C 146 -15.81 -10.05 -7.87
CA GLU C 146 -16.56 -9.61 -6.69
C GLU C 146 -17.29 -8.28 -6.93
N LYS C 147 -16.62 -7.31 -7.60
CA LYS C 147 -17.24 -6.04 -7.98
C LYS C 147 -18.39 -6.24 -8.96
N PHE C 148 -18.18 -7.05 -10.00
CA PHE C 148 -19.21 -7.33 -10.99
C PHE C 148 -20.40 -8.06 -10.37
N VAL C 149 -20.19 -9.12 -9.59
CA VAL C 149 -21.27 -9.85 -8.90
C VAL C 149 -22.06 -8.91 -8.00
N ARG C 150 -21.41 -8.03 -7.24
CA ARG C 150 -22.09 -7.07 -6.36
C ARG C 150 -22.98 -6.09 -7.14
N ALA C 151 -22.42 -5.44 -8.16
CA ALA C 151 -23.15 -4.47 -8.97
C ALA C 151 -24.29 -5.12 -9.75
N GLU C 152 -24.05 -6.29 -10.33
CA GLU C 152 -25.03 -7.04 -11.12
C GLU C 152 -26.17 -7.60 -10.26
N THR C 153 -25.86 -8.06 -9.04
CA THR C 153 -26.90 -8.50 -8.08
C THR C 153 -27.75 -7.33 -7.62
N PHE C 154 -27.15 -6.15 -7.42
CA PHE C 154 -27.91 -4.96 -7.09
C PHE C 154 -28.81 -4.50 -8.25
N LEU C 155 -28.29 -4.58 -9.48
CA LEU C 155 -29.08 -4.34 -10.69
C LEU C 155 -30.29 -5.29 -10.77
N PHE C 156 -30.09 -6.56 -10.47
CA PHE C 156 -31.18 -7.55 -10.38
C PHE C 156 -32.23 -7.12 -9.34
N LYS C 157 -31.83 -6.71 -8.14
CA LYS C 157 -32.74 -6.23 -7.09
C LYS C 157 -33.60 -5.06 -7.54
N ILE C 158 -32.98 -4.03 -8.14
CA ILE C 158 -33.69 -2.86 -8.67
C ILE C 158 -34.73 -3.28 -9.70
N ARG C 159 -34.33 -4.11 -10.66
CA ARG C 159 -35.23 -4.54 -11.73
C ARG C 159 -36.40 -5.36 -11.20
N PHE C 160 -36.15 -6.27 -10.26
CA PHE C 160 -37.21 -7.03 -9.62
C PHE C 160 -38.22 -6.12 -8.91
N ASN C 161 -37.76 -5.11 -8.16
CA ASN C 161 -38.64 -4.14 -7.51
C ASN C 161 -39.45 -3.29 -8.50
N MET C 162 -38.93 -3.04 -9.69
CA MET C 162 -39.62 -2.28 -10.75
C MET C 162 -40.66 -3.12 -11.52
N LEU C 163 -40.71 -4.44 -11.31
CA LEU C 163 -41.73 -5.31 -11.91
C LEU C 163 -43.07 -5.20 -11.19
N THR C 164 -44.14 -5.51 -11.91
CA THR C 164 -45.47 -5.68 -11.30
C THR C 164 -45.51 -6.95 -10.45
N SER C 165 -46.38 -7.01 -9.44
CA SER C 165 -46.53 -8.21 -8.58
C SER C 165 -46.87 -9.47 -9.40
N THR C 166 -47.61 -9.32 -10.50
CA THR C 166 -47.92 -10.40 -11.43
C THR C 166 -46.66 -10.91 -12.15
N ASP C 167 -45.83 -10.00 -12.65
CA ASP C 167 -44.58 -10.33 -13.34
C ASP C 167 -43.55 -10.95 -12.39
N GLN C 168 -43.47 -10.47 -11.14
CA GLN C 168 -42.65 -11.07 -10.09
C GLN C 168 -43.06 -12.52 -9.82
N THR C 169 -44.37 -12.77 -9.69
CA THR C 169 -44.89 -14.12 -9.44
C THR C 169 -44.59 -15.06 -10.61
N LYS C 170 -44.79 -14.60 -11.85
CA LYS C 170 -44.44 -15.37 -13.05
C LYS C 170 -42.95 -15.69 -13.12
N PHE C 171 -42.09 -14.73 -12.78
CA PHE C 171 -40.65 -14.93 -12.77
C PHE C 171 -40.22 -15.96 -11.71
N VAL C 172 -40.80 -15.89 -10.51
CA VAL C 172 -40.51 -16.88 -9.46
C VAL C 172 -40.94 -18.28 -9.89
N GLN C 173 -42.09 -18.40 -10.54
CA GLN C 173 -42.58 -19.68 -11.07
C GLN C 173 -41.68 -20.22 -12.18
N SER C 174 -41.14 -19.36 -13.06
CA SER C 174 -40.30 -19.79 -14.17
C SER C 174 -38.90 -20.26 -13.76
N LEU C 180 -38.82 -21.82 -0.23
CA LEU C 180 -40.00 -20.94 -0.16
C LEU C 180 -41.31 -21.73 0.09
N GLN C 181 -41.35 -22.54 1.14
CA GLN C 181 -42.56 -23.25 1.54
C GLN C 181 -43.41 -22.41 2.48
N PHE C 182 -44.68 -22.22 2.13
CA PHE C 182 -45.65 -21.61 3.02
C PHE C 182 -46.04 -22.57 4.15
N ILE C 183 -46.13 -22.07 5.37
CA ILE C 183 -46.56 -22.87 6.54
C ILE C 183 -48.05 -23.20 6.46
N SER C 184 -48.46 -24.30 7.10
CA SER C 184 -49.89 -24.64 7.20
C SER C 184 -50.63 -23.65 8.11
N ASN C 185 -51.96 -23.60 7.96
CA ASN C 185 -52.80 -22.80 8.85
C ASN C 185 -52.72 -23.29 10.31
N GLU C 186 -52.46 -24.58 10.53
CA GLU C 186 -52.28 -25.12 11.89
C GLU C 186 -50.96 -24.63 12.51
N GLU C 187 -49.85 -24.72 11.77
CA GLU C 187 -48.53 -24.23 12.25
C GLU C 187 -48.59 -22.71 12.50
N LYS C 188 -49.31 -21.96 11.66
CA LYS C 188 -49.56 -20.53 11.88
C LYS C 188 -50.37 -20.27 13.17
N ALA C 189 -51.37 -21.10 13.47
CA ALA C 189 -52.19 -20.95 14.67
C ALA C 189 -51.38 -21.22 15.94
N GLU C 190 -50.56 -22.28 15.93
CA GLU C 190 -49.68 -22.65 17.04
C GLU C 190 -48.68 -21.53 17.37
N LEU C 191 -48.04 -20.95 16.35
CA LEU C 191 -47.02 -19.91 16.50
C LEU C 191 -47.58 -18.49 16.47
N SER C 192 -48.90 -18.32 16.46
CA SER C 192 -49.57 -17.05 16.14
C SER C 192 -49.12 -15.88 17.01
N HIS C 193 -49.00 -16.09 18.32
CA HIS C 193 -48.57 -15.06 19.27
C HIS C 193 -47.15 -14.58 18.98
N GLN C 194 -46.22 -15.50 18.75
CA GLN C 194 -44.81 -15.22 18.51
C GLN C 194 -44.58 -14.56 17.14
N LEU C 195 -45.31 -15.04 16.11
CA LEU C 195 -45.29 -14.45 14.78
C LEU C 195 -45.84 -13.01 14.82
N TYR C 196 -46.96 -12.78 15.50
CA TYR C 196 -47.55 -11.44 15.61
C TYR C 196 -46.64 -10.47 16.37
N GLN C 197 -46.05 -10.88 17.49
CA GLN C 197 -45.11 -10.04 18.24
C GLN C 197 -43.93 -9.60 17.37
N THR C 198 -43.38 -10.51 16.56
CA THR C 198 -42.24 -10.20 15.69
C THR C 198 -42.62 -9.24 14.56
N VAL C 199 -43.78 -9.46 13.94
CA VAL C 199 -44.19 -8.73 12.73
C VAL C 199 -44.91 -7.42 13.05
N SER C 200 -45.48 -7.28 14.25
CA SER C 200 -46.26 -6.10 14.69
C SER C 200 -45.55 -4.77 14.41
N ALA C 201 -44.27 -4.65 14.76
CA ALA C 201 -43.51 -3.42 14.54
C ALA C 201 -43.34 -3.13 13.04
N SER C 202 -43.07 -4.16 12.25
CA SER C 202 -42.94 -4.05 10.79
C SER C 202 -44.27 -3.61 10.15
N LEU C 203 -45.41 -4.14 10.59
CA LEU C 203 -46.73 -3.70 10.10
C LEU C 203 -47.01 -2.23 10.43
N GLN C 204 -46.60 -1.77 11.62
CA GLN C 204 -46.77 -0.38 12.01
C GLN C 204 -45.88 0.55 11.17
N PHE C 205 -44.59 0.26 11.05
CA PHE C 205 -43.64 1.18 10.41
C PHE C 205 -43.58 1.07 8.88
N GLN C 206 -43.78 -0.11 8.30
CA GLN C 206 -43.68 -0.31 6.84
C GLN C 206 -45.02 -0.17 6.13
N LEU C 207 -46.13 -0.55 6.77
CA LEU C 207 -47.47 -0.46 6.19
C LEU C 207 -48.33 0.67 6.78
N ASN C 208 -47.78 1.48 7.69
CA ASN C 208 -48.47 2.59 8.35
C ASN C 208 -49.78 2.18 9.07
N LEU C 209 -49.84 0.94 9.59
CA LEU C 209 -50.99 0.41 10.33
C LEU C 209 -50.87 0.79 11.82
N ASN C 210 -51.32 2.01 12.15
CA ASN C 210 -51.20 2.58 13.50
C ASN C 210 -52.16 1.93 14.51
N GLU C 211 -53.34 1.50 14.08
CA GLU C 211 -54.34 0.87 14.95
C GLU C 211 -54.09 -0.63 15.12
N GLU C 212 -54.15 -1.12 16.36
CA GLU C 212 -53.89 -2.54 16.67
C GLU C 212 -54.89 -3.49 16.00
N HIS C 213 -56.17 -3.08 15.93
CA HIS C 213 -57.20 -3.87 15.26
C HIS C 213 -56.89 -4.10 13.78
N GLN C 214 -56.42 -3.06 13.07
CA GLN C 214 -56.04 -3.17 11.66
C GLN C 214 -54.82 -4.09 11.49
N ARG C 215 -53.82 -3.99 12.38
CA ARG C 215 -52.66 -4.89 12.37
C ARG C 215 -53.07 -6.35 12.57
N LYS C 216 -53.97 -6.63 13.51
CA LYS C 216 -54.48 -7.99 13.77
C LYS C 216 -55.25 -8.55 12.58
N GLN C 217 -56.08 -7.73 11.94
CA GLN C 217 -56.85 -8.15 10.76
C GLN C 217 -55.92 -8.47 9.57
N TYR C 218 -54.91 -7.64 9.34
CA TYR C 218 -53.89 -7.90 8.31
C TYR C 218 -53.12 -9.20 8.60
N PHE C 219 -52.65 -9.38 9.84
CA PHE C 219 -51.92 -10.57 10.25
C PHE C 219 -52.72 -11.87 10.05
N GLN C 220 -54.04 -11.85 10.25
CA GLN C 220 -54.87 -13.03 10.01
C GLN C 220 -54.83 -13.49 8.54
N GLN C 221 -54.78 -12.54 7.59
CA GLN C 221 -54.72 -12.83 6.16
C GLN C 221 -53.30 -13.12 5.66
N GLU C 222 -52.29 -12.62 6.38
CA GLU C 222 -50.88 -12.72 5.99
C GLU C 222 -50.35 -14.16 6.00
N LYS C 223 -49.65 -14.57 4.95
CA LYS C 223 -49.01 -15.89 4.90
C LYS C 223 -47.56 -15.81 5.36
N PHE C 224 -47.04 -16.91 5.88
CA PHE C 224 -45.65 -17.02 6.33
C PHE C 224 -44.92 -18.11 5.56
N ILE C 225 -43.66 -17.82 5.24
CA ILE C 225 -42.74 -18.70 4.55
C ILE C 225 -41.74 -19.20 5.58
N LYS C 226 -41.49 -20.52 5.60
CA LYS C 226 -40.51 -21.16 6.46
C LYS C 226 -39.27 -21.49 5.65
N LEU C 227 -38.13 -20.96 6.07
CA LEU C 227 -36.84 -21.17 5.43
C LEU C 227 -35.72 -21.30 6.48
N PRO C 228 -34.59 -21.96 6.17
CA PRO C 228 -33.40 -21.90 6.99
C PRO C 228 -32.99 -20.45 7.27
N PHE C 229 -32.65 -20.14 8.53
CA PHE C 229 -32.36 -18.76 8.93
C PHE C 229 -31.14 -18.15 8.21
N GLU C 230 -30.22 -18.99 7.74
CA GLU C 230 -29.01 -18.62 6.99
C GLU C 230 -29.31 -17.86 5.69
N ASN C 231 -30.52 -18.04 5.13
CA ASN C 231 -30.94 -17.35 3.93
C ASN C 231 -31.47 -15.92 4.20
N VAL C 232 -31.74 -15.56 5.45
CA VAL C 232 -32.28 -14.24 5.85
C VAL C 232 -31.50 -13.62 7.01
N ILE C 233 -30.18 -13.79 7.01
CA ILE C 233 -29.29 -13.28 8.07
C ILE C 233 -29.51 -11.78 8.34
N GLU C 234 -29.71 -10.97 7.30
CA GLU C 234 -29.96 -9.53 7.45
C GLU C 234 -31.25 -9.21 8.23
N LEU C 235 -32.29 -10.03 8.07
CA LEU C 235 -33.56 -9.86 8.79
C LEU C 235 -33.46 -10.40 10.21
N VAL C 236 -32.66 -11.45 10.41
CA VAL C 236 -32.35 -12.00 11.73
C VAL C 236 -31.62 -10.98 12.60
N GLY C 237 -30.59 -10.32 12.05
CA GLY C 237 -29.82 -9.31 12.79
C GLY C 237 -30.67 -8.15 13.29
N ASN C 238 -31.71 -7.78 12.54
CA ASN C 238 -32.66 -6.72 12.90
C ASN C 238 -33.89 -7.21 13.68
N ARG C 239 -33.98 -8.52 14.00
CA ARG C 239 -35.13 -9.16 14.67
C ARG C 239 -36.46 -8.92 13.94
N LEU C 240 -36.41 -8.93 12.61
CA LEU C 240 -37.59 -8.73 11.75
C LEU C 240 -38.29 -10.03 11.37
N VAL C 241 -37.69 -11.18 11.70
CA VAL C 241 -38.22 -12.52 11.43
C VAL C 241 -38.22 -13.35 12.72
N PHE C 242 -39.22 -14.22 12.86
CA PHE C 242 -39.32 -15.13 13.99
C PHE C 242 -38.44 -16.36 13.74
N LEU C 243 -37.74 -16.83 14.77
CA LEU C 243 -36.84 -17.98 14.70
C LEU C 243 -37.32 -19.10 15.61
N LYS C 244 -37.38 -20.32 15.07
CA LYS C 244 -37.65 -21.56 15.81
C LYS C 244 -36.91 -22.73 15.16
N ASP C 245 -36.17 -23.50 15.96
CA ASP C 245 -35.50 -24.74 15.54
C ASP C 245 -34.62 -24.62 14.28
N GLY C 246 -33.90 -23.49 14.12
CA GLY C 246 -33.05 -23.23 12.95
C GLY C 246 -33.79 -22.71 11.70
N TYR C 247 -35.10 -22.49 11.80
CA TYR C 247 -35.91 -21.92 10.73
C TYR C 247 -36.32 -20.48 11.05
N ALA C 248 -36.32 -19.64 10.03
CA ALA C 248 -36.89 -18.31 10.01
C ALA C 248 -38.28 -18.32 9.36
N TYR C 249 -39.20 -17.60 9.99
CA TYR C 249 -40.57 -17.43 9.53
C TYR C 249 -40.73 -16.01 8.98
N LEU C 250 -40.74 -15.91 7.65
CA LEU C 250 -40.80 -14.65 6.89
C LEU C 250 -42.24 -14.35 6.48
N GLN C 254 -39.07 -11.08 2.18
CA GLN C 254 -37.68 -11.54 2.19
C GLN C 254 -37.30 -12.40 0.98
N GLN C 255 -38.26 -12.78 0.13
CA GLN C 255 -38.04 -13.60 -1.05
C GLN C 255 -36.98 -13.01 -1.98
N LEU C 256 -36.97 -11.68 -2.15
CA LEU C 256 -35.99 -11.00 -3.00
C LEU C 256 -34.54 -11.24 -2.54
N ASN C 257 -34.29 -11.30 -1.24
CA ASN C 257 -32.94 -11.54 -0.72
C ASN C 257 -32.48 -12.97 -1.03
N LEU C 258 -33.37 -13.95 -0.90
CA LEU C 258 -33.09 -15.34 -1.30
C LEU C 258 -32.72 -15.42 -2.79
N LEU C 259 -33.56 -14.85 -3.66
CA LEU C 259 -33.32 -14.85 -5.10
C LEU C 259 -32.01 -14.13 -5.47
N SER C 260 -31.70 -13.03 -4.79
CA SER C 260 -30.48 -12.27 -5.03
C SER C 260 -29.23 -13.04 -4.62
N ASN C 261 -29.28 -13.79 -3.53
CA ASN C 261 -28.17 -14.61 -3.06
C ASN C 261 -27.93 -15.80 -4.01
N GLU C 262 -29.00 -16.47 -4.45
CA GLU C 262 -28.92 -17.52 -5.47
C GLU C 262 -28.33 -16.98 -6.79
N PHE C 263 -28.81 -15.83 -7.25
CA PHE C 263 -28.28 -15.16 -8.43
C PHE C 263 -26.78 -14.85 -8.29
N ALA C 264 -26.37 -14.28 -7.16
CA ALA C 264 -24.97 -13.93 -6.89
C ALA C 264 -24.07 -15.18 -6.87
N SER C 265 -24.51 -16.25 -6.21
CA SER C 265 -23.79 -17.52 -6.13
C SER C 265 -23.61 -18.14 -7.51
N LYS C 266 -24.70 -18.26 -8.28
CA LYS C 266 -24.69 -18.79 -9.64
C LYS C 266 -23.79 -17.97 -10.56
N LEU C 267 -23.92 -16.64 -10.53
CA LEU C 267 -23.10 -15.74 -11.34
C LEU C 267 -21.61 -15.90 -11.01
N ASN C 268 -21.26 -15.99 -9.73
CA ASN C 268 -19.87 -16.17 -9.32
C ASN C 268 -19.28 -17.50 -9.83
N GLN C 269 -20.06 -18.60 -9.76
CA GLN C 269 -19.65 -19.89 -10.32
C GLN C 269 -19.44 -19.81 -11.84
N GLU C 270 -20.36 -19.17 -12.55
CA GLU C 270 -20.26 -19.00 -14.00
C GLU C 270 -19.07 -18.12 -14.42
N LEU C 271 -18.72 -17.09 -13.64
CA LEU C 271 -17.51 -16.29 -13.90
C LEU C 271 -16.23 -17.13 -13.75
N ILE C 272 -16.17 -18.04 -12.77
CA ILE C 272 -15.03 -18.95 -12.61
C ILE C 272 -14.93 -19.89 -13.80
N LYS C 273 -16.04 -20.48 -14.24
CA LYS C 273 -16.07 -21.33 -15.45
C LYS C 273 -15.64 -20.54 -16.68
N THR C 274 -16.15 -19.32 -16.85
CA THR C 274 -15.79 -18.44 -17.97
C THR C 274 -14.29 -18.18 -18.01
N TYR C 275 -13.67 -17.92 -16.85
CA TYR C 275 -12.23 -17.72 -16.75
C TYR C 275 -11.42 -18.96 -17.18
N GLN C 276 -11.88 -20.17 -16.82
CA GLN C 276 -11.21 -21.41 -17.22
C GLN C 276 -11.20 -21.63 -18.73
N TYR C 277 -12.24 -21.17 -19.44
CA TYR C 277 -12.32 -21.28 -20.90
C TYR C 277 -11.73 -20.08 -21.65
N LEU C 278 -11.48 -18.95 -20.98
CA LEU C 278 -10.96 -17.73 -21.57
C LEU C 278 -9.67 -17.92 -22.41
N PRO C 279 -8.70 -18.78 -22.02
CA PRO C 279 -7.48 -18.98 -22.82
C PRO C 279 -7.75 -19.48 -24.25
N ARG C 280 -8.86 -20.19 -24.49
CA ARG C 280 -9.25 -20.62 -25.84
C ARG C 280 -9.72 -19.45 -26.71
N LEU C 281 -10.23 -18.40 -26.07
CA LEU C 281 -10.72 -17.20 -26.74
C LEU C 281 -9.60 -16.20 -27.06
N ASN C 282 -8.43 -16.34 -26.42
CA ASN C 282 -7.25 -15.52 -26.70
C ASN C 282 -6.72 -15.64 -28.14
N GLU C 283 -7.27 -16.57 -28.94
CA GLU C 283 -6.99 -16.68 -30.37
C GLU C 283 -7.77 -15.66 -31.22
N ASP C 284 -8.88 -15.08 -30.70
CA ASP C 284 -9.67 -14.09 -31.43
C ASP C 284 -9.15 -12.66 -31.18
N ARG C 286 -9.90 -9.91 -32.36
CA ARG C 286 -10.88 -8.82 -32.41
C ARG C 286 -11.40 -8.41 -31.03
N LEU C 287 -11.51 -9.36 -30.10
CA LEU C 287 -12.20 -9.16 -28.82
C LEU C 287 -11.25 -8.73 -27.70
N LEU C 288 -10.01 -9.21 -27.70
CA LEU C 288 -9.03 -8.92 -26.65
C LEU C 288 -8.82 -7.42 -26.34
N PRO C 289 -8.72 -6.53 -27.34
CA PRO C 289 -8.51 -5.11 -27.07
C PRO C 289 -9.71 -4.48 -26.35
N ILE C 290 -10.92 -4.86 -26.78
CA ILE C 290 -12.18 -4.39 -26.21
C ILE C 290 -12.32 -4.91 -24.78
N LEU C 291 -12.06 -6.20 -24.54
CA LEU C 291 -12.11 -6.81 -23.20
C LEU C 291 -11.09 -6.16 -22.24
N ASN C 292 -9.86 -5.93 -22.72
CA ASN C 292 -8.83 -5.24 -21.94
C ASN C 292 -9.28 -3.81 -21.58
N HIS C 293 -9.72 -3.05 -22.59
CA HIS C 293 -10.18 -1.68 -22.41
C HIS C 293 -11.37 -1.57 -21.44
N LEU C 294 -12.39 -2.42 -21.59
CA LEU C 294 -13.56 -2.44 -20.70
C LEU C 294 -13.17 -2.83 -19.27
N SER C 295 -12.28 -3.81 -19.10
CA SER C 295 -11.79 -4.17 -17.76
C SER C 295 -10.98 -3.05 -17.10
N SER C 296 -10.22 -2.27 -17.89
CA SER C 296 -9.51 -1.08 -17.41
C SER C 296 -10.41 0.15 -17.21
N GLY C 297 -11.56 0.23 -17.90
CA GLY C 297 -12.53 1.31 -17.73
C GLY C 297 -13.09 1.37 -16.30
N TYR C 298 -13.13 0.24 -15.60
CA TYR C 298 -13.47 0.20 -14.16
C TYR C 298 -12.43 0.89 -13.26
N THR C 299 -11.20 1.04 -13.76
CA THR C 299 -10.11 1.74 -13.06
C THR C 299 -9.86 3.16 -13.57
N ASP C 317 -3.39 45.11 21.42
CA ASP C 317 -4.03 44.43 20.30
C ASP C 317 -5.54 44.43 20.46
N GLU C 318 -6.30 44.79 19.38
CA GLU C 318 -7.77 44.81 19.37
C GLU C 318 -8.29 43.38 19.55
N ILE C 319 -7.67 42.46 18.83
CA ILE C 319 -7.95 41.02 18.91
C ILE C 319 -6.99 40.52 19.97
N ASN C 320 -7.53 40.08 21.12
CA ASN C 320 -6.69 39.64 22.22
C ASN C 320 -7.40 38.51 22.98
N ALA C 321 -6.74 37.96 24.00
CA ALA C 321 -7.27 36.81 24.74
C ALA C 321 -8.66 37.04 25.36
N GLN C 322 -9.00 38.31 25.67
CA GLN C 322 -10.31 38.64 26.24
C GLN C 322 -11.32 38.97 25.13
N SER C 323 -10.92 39.82 24.18
CA SER C 323 -11.87 40.29 23.16
C SER C 323 -12.44 39.19 22.26
N VAL C 324 -11.72 38.09 22.09
CA VAL C 324 -12.23 37.00 21.23
C VAL C 324 -13.50 36.36 21.82
N TRP C 325 -13.77 36.59 23.14
CA TRP C 325 -14.99 36.09 23.78
C TRP C 325 -16.12 37.11 23.73
N SER C 326 -15.83 38.35 23.29
CA SER C 326 -16.82 39.41 23.29
C SER C 326 -17.73 39.36 22.08
N GLU C 327 -18.98 39.85 22.24
CA GLU C 327 -19.96 39.90 21.14
C GLU C 327 -19.44 40.70 19.94
N GLU C 328 -18.74 41.82 20.20
CA GLU C 328 -18.23 42.65 19.10
C GLU C 328 -17.36 41.84 18.15
N ILE C 329 -16.51 40.96 18.69
CA ILE C 329 -15.65 40.15 17.83
C ILE C 329 -16.38 38.91 17.36
N SER C 330 -17.02 38.19 18.31
CA SER C 330 -17.65 36.91 18.01
CA SER C 330 -17.70 36.92 18.05
C SER C 330 -18.82 36.98 17.05
N SER C 331 -19.48 38.17 16.92
CA SER C 331 -20.58 38.30 15.96
C SER C 331 -20.09 38.08 14.51
N ASN C 332 -18.76 38.12 14.28
CA ASN C 332 -18.18 37.92 12.96
C ASN C 332 -17.80 36.45 12.66
N TYR C 333 -17.97 35.56 13.66
CA TYR C 333 -17.57 34.18 13.47
C TYR C 333 -18.56 33.37 12.69
N PRO C 334 -18.05 32.42 11.86
CA PRO C 334 -18.97 31.47 11.21
C PRO C 334 -19.42 30.43 12.24
N LEU C 335 -20.38 29.59 11.85
CA LEU C 335 -20.98 28.65 12.79
C LEU C 335 -19.99 27.65 13.37
N CYS C 336 -19.00 27.15 12.58
CA CYS C 336 -18.02 26.20 13.13
C CYS C 336 -17.26 26.82 14.30
N ILE C 337 -16.80 28.07 14.14
CA ILE C 337 -16.04 28.74 15.19
C ILE C 337 -16.95 29.01 16.38
N LYS C 338 -18.21 29.47 16.15
CA LYS C 338 -19.12 29.63 17.28
C LYS C 338 -19.29 28.29 18.05
N ASN C 339 -19.39 27.17 17.31
CA ASN C 339 -19.55 25.85 17.93
C ASN C 339 -18.31 25.48 18.75
N LEU C 340 -17.11 25.75 18.20
CA LEU C 340 -15.88 25.44 18.93
C LEU C 340 -15.76 26.31 20.19
N MET C 341 -16.07 27.61 20.09
CA MET C 341 -16.03 28.46 21.27
C MET C 341 -17.04 28.00 22.33
N GLU C 342 -18.24 27.56 21.90
CA GLU C 342 -19.23 27.08 22.86
C GLU C 342 -18.73 25.79 23.55
N GLY C 343 -18.16 24.86 22.78
CA GLY C 343 -17.63 23.63 23.38
C GLY C 343 -16.52 23.93 24.37
N LEU C 344 -15.65 24.89 24.02
CA LEU C 344 -14.54 25.27 24.89
C LEU C 344 -15.06 25.92 26.18
N LYS C 345 -16.08 26.78 26.07
CA LYS C 345 -16.63 27.43 27.26
C LYS C 345 -17.35 26.40 28.14
N LYS C 346 -18.09 25.47 27.51
CA LYS C 346 -18.86 24.48 28.29
C LYS C 346 -17.95 23.44 28.97
N ASN C 347 -16.97 22.91 28.23
CA ASN C 347 -16.14 21.79 28.70
C ASN C 347 -14.79 22.14 29.26
N HIS C 348 -14.38 23.43 29.10
CA HIS C 348 -13.08 23.92 29.62
C HIS C 348 -11.95 23.16 28.97
N HIS C 349 -12.20 22.72 27.71
CA HIS C 349 -11.22 21.97 26.94
C HIS C 349 -11.79 21.76 25.54
N LEU C 350 -10.88 21.47 24.60
CA LEU C 350 -11.25 20.97 23.29
C LEU C 350 -10.30 19.85 22.97
N ARG C 351 -10.83 18.81 22.34
CA ARG C 351 -10.04 17.67 21.85
C ARG C 351 -9.20 18.13 20.65
N TYR C 352 -8.29 17.25 20.20
CA TYR C 352 -7.30 17.59 19.20
C TYR C 352 -7.78 18.36 17.97
N TYR C 353 -8.70 17.77 17.18
CA TYR C 353 -9.06 18.46 15.94
C TYR C 353 -9.70 19.80 16.16
N GLY C 354 -10.51 19.89 17.21
CA GLY C 354 -11.14 21.16 17.56
C GLY C 354 -10.14 22.20 18.01
N ARG C 355 -9.13 21.78 18.83
CA ARG C 355 -8.07 22.72 19.23
C ARG C 355 -7.32 23.25 18.04
N GLN C 356 -7.01 22.36 17.08
CA GLN C 356 -6.27 22.80 15.90
C GLN C 356 -7.11 23.72 15.04
N GLN C 357 -8.38 23.34 14.78
CA GLN C 357 -9.25 24.18 13.95
C GLN C 357 -9.38 25.59 14.55
N LEU C 358 -9.65 25.65 15.86
CA LEU C 358 -9.82 26.96 16.49
C LEU C 358 -8.49 27.72 16.62
N SER C 359 -7.41 27.04 17.05
CA SER C 359 -6.10 27.72 17.20
C SER C 359 -5.67 28.39 15.90
N LEU C 360 -5.76 27.65 14.80
CA LEU C 360 -5.30 28.19 13.52
C LEU C 360 -6.23 29.30 13.02
N PHE C 361 -7.54 29.16 13.27
CA PHE C 361 -8.46 30.26 12.91
C PHE C 361 -8.08 31.53 13.69
N LEU C 362 -7.87 31.40 15.02
CA LEU C 362 -7.55 32.60 15.82
C LEU C 362 -6.23 33.22 15.41
N LYS C 363 -5.24 32.38 15.02
CA LYS C 363 -4.00 32.92 14.48
C LYS C 363 -4.32 33.75 13.20
N GLY C 364 -5.18 33.19 12.34
CA GLY C 364 -5.56 33.85 11.09
C GLY C 364 -6.24 35.20 11.29
N ILE C 365 -7.02 35.37 12.38
CA ILE C 365 -7.67 36.67 12.65
C ILE C 365 -6.74 37.68 13.32
N GLY C 366 -5.53 37.25 13.68
CA GLY C 366 -4.54 38.15 14.26
C GLY C 366 -4.28 38.02 15.76
N LEU C 367 -4.71 36.91 16.37
CA LEU C 367 -4.42 36.70 17.79
C LEU C 367 -2.92 36.39 17.88
N SER C 368 -2.16 37.19 18.66
CA SER C 368 -0.71 36.94 18.73
C SER C 368 -0.40 35.62 19.44
N ALA C 369 0.83 35.10 19.30
CA ALA C 369 1.23 33.88 19.98
C ALA C 369 1.09 34.02 21.51
N ASP C 370 1.53 35.17 22.06
CA ASP C 370 1.45 35.39 23.51
C ASP C 370 0.00 35.47 23.96
N GLU C 371 -0.87 36.16 23.20
CA GLU C 371 -2.28 36.25 23.58
C GLU C 371 -2.98 34.89 23.42
N ALA C 372 -2.56 34.08 22.43
CA ALA C 372 -3.17 32.76 22.26
C ALA C 372 -2.84 31.85 23.43
N LEU C 373 -1.59 31.90 23.94
CA LEU C 373 -1.26 31.07 25.10
C LEU C 373 -2.07 31.49 26.33
N LYS C 374 -2.30 32.83 26.51
CA LYS C 374 -3.16 33.33 27.61
C LYS C 374 -4.58 32.82 27.40
N PHE C 375 -5.08 32.93 26.17
CA PHE C 375 -6.44 32.47 25.86
C PHE C 375 -6.65 30.99 26.25
N TRP C 376 -5.75 30.12 25.80
CA TRP C 376 -5.90 28.68 26.07
C TRP C 376 -5.73 28.36 27.55
N SER C 377 -4.71 28.95 28.19
CA SER C 377 -4.47 28.71 29.63
CA SER C 377 -4.51 28.64 29.60
C SER C 377 -5.71 29.11 30.44
N GLU C 378 -6.28 30.27 30.10
CA GLU C 378 -7.46 30.78 30.81
C GLU C 378 -8.69 29.93 30.53
N ALA C 379 -8.83 29.45 29.28
CA ALA C 379 -10.01 28.67 28.91
C ALA C 379 -9.99 27.23 29.50
N PHE C 380 -8.78 26.70 29.74
CA PHE C 380 -8.62 25.36 30.33
C PHE C 380 -8.63 25.56 31.86
N THR C 381 -9.80 25.92 32.39
CA THR C 381 -10.00 26.31 33.80
C THR C 381 -9.75 25.15 34.79
N LYS C 393 3.45 21.03 30.33
CA LYS C 393 4.03 19.76 29.85
C LYS C 393 3.45 19.33 28.53
N GLU C 394 2.13 19.39 28.41
CA GLU C 394 1.46 18.76 27.27
C GLU C 394 0.88 19.67 26.21
N TYR C 395 0.66 20.94 26.54
CA TYR C 395 -0.03 21.82 25.60
C TYR C 395 0.73 23.03 25.10
N ARG C 396 1.53 23.69 25.96
CA ARG C 396 2.25 24.92 25.58
CA ARG C 396 2.23 24.92 25.56
C ARG C 396 2.97 24.80 24.23
N TYR C 397 3.82 23.78 24.13
CA TYR C 397 4.59 23.55 22.91
C TYR C 397 3.68 23.48 21.68
N SER C 398 2.59 22.67 21.73
CA SER C 398 1.70 22.50 20.58
CA SER C 398 1.71 22.51 20.57
C SER C 398 1.10 23.83 20.11
N PHE C 399 0.72 24.70 21.06
CA PHE C 399 0.18 26.00 20.64
C PHE C 399 1.25 26.88 20.00
N ARG C 400 2.48 26.86 20.55
CA ARG C 400 3.58 27.65 19.92
C ARG C 400 3.94 27.06 18.55
N HIS C 401 3.88 25.73 18.42
CA HIS C 401 4.17 25.01 17.16
C HIS C 401 3.18 25.43 16.08
N ASN C 402 1.91 25.71 16.45
CA ASN C 402 0.92 26.17 15.48
C ASN C 402 1.31 27.54 14.89
N TYR C 403 2.14 28.31 15.62
CA TYR C 403 2.58 29.65 15.19
C TYR C 403 3.94 29.63 14.47
N GLY C 404 4.46 28.43 14.18
CA GLY C 404 5.74 28.29 13.50
C GLY C 404 6.93 28.65 14.38
N LEU C 405 6.76 28.49 15.70
CA LEU C 405 7.79 28.87 16.67
C LEU C 405 8.62 27.69 17.14
N GLU C 406 8.30 26.48 16.65
CA GLU C 406 8.96 25.26 17.14
C GLU C 406 9.38 24.32 16.01
N GLY C 407 10.28 23.39 16.31
CA GLY C 407 10.70 22.35 15.37
C GLY C 407 11.14 22.91 14.05
N ASN C 408 10.47 22.47 12.96
CA ASN C 408 10.78 22.95 11.59
C ASN C 408 10.34 24.40 11.32
N ARG C 409 9.63 25.02 12.29
CA ARG C 409 9.17 26.42 12.24
C ARG C 409 8.28 26.71 11.04
N ILE C 410 7.35 25.79 10.76
CA ILE C 410 6.41 25.97 9.63
C ILE C 410 5.26 26.84 10.15
N ASN C 411 4.98 27.97 9.47
CA ASN C 411 3.86 28.80 9.92
C ASN C 411 2.61 28.22 9.26
N TYR C 412 2.02 27.22 9.92
CA TYR C 412 0.88 26.48 9.40
C TYR C 412 -0.25 27.36 8.98
N LYS C 413 -0.78 27.11 7.79
CA LYS C 413 -1.87 27.96 7.30
C LYS C 413 -3.17 27.58 8.00
N PRO C 414 -4.04 28.56 8.33
CA PRO C 414 -5.37 28.22 8.88
C PRO C 414 -6.11 27.30 7.91
N TRP C 415 -6.97 26.43 8.43
CA TRP C 415 -7.71 25.50 7.57
C TRP C 415 -8.82 26.17 6.82
N ASP C 416 -8.99 25.78 5.54
CA ASP C 416 -10.14 26.21 4.78
C ASP C 416 -11.26 25.17 5.02
N CYS C 417 -12.46 25.43 4.46
CA CYS C 417 -13.59 24.51 4.69
C CYS C 417 -13.31 23.14 4.15
N HIS C 418 -12.68 23.05 2.97
CA HIS C 418 -12.31 21.76 2.39
C HIS C 418 -11.47 20.96 3.40
N THR C 419 -10.46 21.60 3.99
CA THR C 419 -9.60 20.95 4.98
C THR C 419 -10.38 20.52 6.23
N ILE C 420 -11.22 21.43 6.77
CA ILE C 420 -12.02 21.13 7.94
C ILE C 420 -12.93 19.92 7.67
N LEU C 421 -13.59 19.90 6.51
CA LEU C 421 -14.49 18.81 6.14
C LEU C 421 -13.75 17.47 5.96
N SER C 422 -12.45 17.53 5.59
CA SER C 422 -11.65 16.32 5.36
C SER C 422 -11.23 15.60 6.62
N LYS C 423 -11.33 16.26 7.78
CA LYS C 423 -10.92 15.64 9.03
C LYS C 423 -11.91 14.56 9.44
N PRO C 424 -11.51 13.61 10.30
CA PRO C 424 -12.47 12.57 10.74
C PRO C 424 -13.72 13.25 11.29
N ARG C 425 -14.90 12.71 10.95
CA ARG C 425 -16.18 13.28 11.39
C ARG C 425 -16.23 13.39 12.91
N PRO C 426 -16.80 14.49 13.44
CA PRO C 426 -16.88 14.63 14.89
C PRO C 426 -17.87 13.64 15.49
N GLY C 427 -17.51 13.12 16.65
CA GLY C 427 -18.37 12.25 17.43
C GLY C 427 -18.83 12.97 18.68
N ARG C 428 -19.44 12.25 19.61
CA ARG C 428 -19.86 12.84 20.87
C ARG C 428 -18.63 13.41 21.59
N GLY C 429 -18.74 14.64 22.05
CA GLY C 429 -17.65 15.30 22.75
C GLY C 429 -16.68 16.06 21.86
N ASP C 430 -16.90 16.01 20.51
CA ASP C 430 -16.07 16.71 19.54
C ASP C 430 -16.83 17.95 19.03
N TYR C 431 -16.10 19.04 18.72
CA TYR C 431 -16.71 20.28 18.23
C TYR C 431 -16.10 20.75 16.93
N HIS C 432 -15.12 19.98 16.39
CA HIS C 432 -14.53 20.32 15.10
C HIS C 432 -15.51 19.93 13.98
N GLY C 433 -15.16 20.29 12.75
CA GLY C 433 -16.01 20.00 11.61
C GLY C 433 -16.83 21.20 11.19
N CYS C 434 -17.91 20.91 10.46
CA CYS C 434 -18.79 21.94 9.91
C CYS C 434 -20.21 21.67 10.36
N PRO C 435 -20.81 22.59 11.15
CA PRO C 435 -22.21 22.37 11.59
C PRO C 435 -23.22 22.17 10.46
N PHE C 436 -22.97 22.75 9.27
CA PHE C 436 -23.93 22.57 8.17
C PHE C 436 -24.01 21.11 7.71
N ARG C 437 -22.93 20.35 7.93
CA ARG C 437 -22.89 18.92 7.64
C ARG C 437 -23.22 18.11 8.90
N ASP C 438 -22.62 18.51 10.04
CA ASP C 438 -22.65 17.73 11.27
C ASP C 438 -23.88 17.82 12.16
N TRP C 439 -24.62 18.92 12.08
CA TRP C 439 -25.81 19.08 12.90
C TRP C 439 -27.06 18.58 12.18
N SER C 440 -28.09 18.19 12.95
CA SER C 440 -29.37 17.79 12.38
C SER C 440 -30.07 19.05 11.84
N HIS C 441 -31.06 18.88 10.94
CA HIS C 441 -31.82 20.04 10.43
C HIS C 441 -32.56 20.73 11.57
N GLU C 442 -33.01 19.96 12.58
CA GLU C 442 -33.69 20.45 13.77
C GLU C 442 -32.78 21.44 14.54
N ARG C 443 -31.52 21.04 14.78
CA ARG C 443 -30.55 21.91 15.47
C ARG C 443 -30.19 23.14 14.65
N LEU C 444 -29.94 22.96 13.34
CA LEU C 444 -29.60 24.08 12.46
C LEU C 444 -30.73 25.09 12.39
N SER C 445 -31.98 24.61 12.25
CA SER C 445 -33.17 25.47 12.18
C SER C 445 -33.30 26.31 13.45
N ALA C 446 -33.09 25.69 14.64
CA ALA C 446 -33.17 26.43 15.89
C ALA C 446 -32.11 27.50 15.95
N GLU C 447 -30.87 27.20 15.51
CA GLU C 447 -29.79 28.17 15.48
C GLU C 447 -30.12 29.31 14.51
N LEU C 448 -30.64 28.97 13.32
CA LEU C 448 -30.95 29.99 12.33
C LEU C 448 -32.14 30.87 12.72
N ARG C 449 -33.12 30.29 13.45
CA ARG C 449 -34.25 31.06 13.97
C ARG C 449 -33.75 32.08 15.00
N ALA C 456 -38.50 30.89 4.93
CA ALA C 456 -38.05 30.78 3.55
C ALA C 456 -36.51 30.75 3.50
N GLN C 457 -35.85 31.62 4.29
CA GLN C 457 -34.38 31.68 4.34
C GLN C 457 -33.81 30.37 4.90
N ILE C 458 -34.41 29.85 5.99
CA ILE C 458 -33.97 28.60 6.59
C ILE C 458 -34.09 27.43 5.59
N ILE C 459 -35.21 27.35 4.88
CA ILE C 459 -35.43 26.30 3.87
C ILE C 459 -34.33 26.38 2.79
N SER C 460 -33.96 27.60 2.38
CA SER C 460 -32.92 27.77 1.37
C SER C 460 -31.57 27.24 1.88
N VAL C 461 -31.22 27.56 3.13
CA VAL C 461 -29.98 27.08 3.72
C VAL C 461 -30.03 25.55 3.83
N LEU C 462 -31.14 24.98 4.33
CA LEU C 462 -31.26 23.53 4.51
C LEU C 462 -31.24 22.78 3.18
N ASP C 463 -31.82 23.37 2.12
CA ASP C 463 -31.76 22.78 0.78
C ASP C 463 -30.28 22.62 0.35
N SER C 464 -29.43 23.66 0.59
CA SER C 464 -28.01 23.57 0.27
C SER C 464 -27.34 22.47 1.10
N CYS C 465 -27.67 22.38 2.42
CA CYS C 465 -27.12 21.34 3.30
C CYS C 465 -27.46 19.96 2.77
N GLN C 466 -28.73 19.74 2.38
CA GLN C 466 -29.22 18.43 1.89
C GLN C 466 -28.43 18.00 0.66
N LYS C 467 -28.05 18.97 -0.19
CA LYS C 467 -27.26 18.75 -1.41
C LYS C 467 -25.75 18.52 -1.13
N GLY C 468 -25.32 18.67 0.12
CA GLY C 468 -23.91 18.55 0.45
C GLY C 468 -23.10 19.80 0.11
N GLU C 469 -23.80 20.93 -0.13
CA GLU C 469 -23.14 22.19 -0.49
C GLU C 469 -23.02 23.04 0.75
N TYR C 470 -22.17 22.57 1.70
CA TYR C 470 -22.02 23.21 3.00
C TYR C 470 -21.51 24.63 2.92
N THR C 471 -20.52 24.91 2.05
CA THR C 471 -20.01 26.27 1.91
C THR C 471 -21.01 27.21 1.29
N ILE C 472 -21.92 26.69 0.44
CA ILE C 472 -23.00 27.50 -0.10
C ILE C 472 -24.00 27.82 1.03
N ALA C 473 -24.31 26.83 1.87
CA ALA C 473 -25.23 27.07 3.00
C ALA C 473 -24.63 28.14 3.91
N CYS C 474 -23.32 28.04 4.18
CA CYS C 474 -22.61 28.98 5.05
C CYS C 474 -22.59 30.38 4.40
N THR C 475 -22.36 30.45 3.07
CA THR C 475 -22.38 31.74 2.37
C THR C 475 -23.78 32.38 2.49
N LYS C 476 -24.84 31.55 2.35
CA LYS C 476 -26.21 32.05 2.50
C LYS C 476 -26.39 32.62 3.89
N VAL C 477 -25.95 31.90 4.94
CA VAL C 477 -26.05 32.45 6.30
C VAL C 477 -25.30 33.76 6.43
N PHE C 478 -24.09 33.86 5.83
CA PHE C 478 -23.34 35.12 5.89
C PHE C 478 -24.22 36.23 5.29
N GLU C 479 -24.73 36.00 4.06
CA GLU C 479 -25.46 37.05 3.37
C GLU C 479 -26.75 37.43 4.07
N MET C 480 -27.48 36.41 4.58
CA MET C 480 -28.74 36.66 5.21
C MET C 480 -28.61 37.31 6.59
N THR C 481 -27.47 37.11 7.30
CA THR C 481 -27.23 37.74 8.62
C THR C 481 -26.48 39.07 8.53
N HIS C 482 -26.02 39.47 7.34
CA HIS C 482 -25.35 40.76 7.19
C HIS C 482 -26.13 41.79 6.44
N HIS C 496 -19.13 33.57 -2.94
CA HIS C 496 -18.94 32.26 -2.29
C HIS C 496 -17.76 32.30 -1.33
N ILE C 497 -18.04 32.00 -0.05
CA ILE C 497 -17.01 31.93 1.01
C ILE C 497 -16.75 30.46 1.28
N ALA C 498 -15.48 30.04 1.34
CA ALA C 498 -15.11 28.65 1.62
C ALA C 498 -13.88 28.59 2.52
N HIS C 499 -13.83 29.52 3.48
CA HIS C 499 -12.73 29.56 4.45
C HIS C 499 -13.25 30.31 5.66
N PRO C 500 -13.19 29.75 6.87
CA PRO C 500 -13.69 30.50 8.05
C PRO C 500 -13.02 31.86 8.23
N ASN C 501 -11.72 31.97 7.90
CA ASN C 501 -11.03 33.25 8.05
C ASN C 501 -11.53 34.29 7.04
N LEU C 502 -11.98 33.83 5.85
CA LEU C 502 -12.55 34.77 4.86
C LEU C 502 -13.93 35.22 5.35
N TYR C 503 -14.69 34.33 5.99
CA TYR C 503 -16.00 34.69 6.53
C TYR C 503 -15.78 35.80 7.57
N PHE C 504 -14.81 35.59 8.50
CA PHE C 504 -14.56 36.59 9.53
C PHE C 504 -14.09 37.92 8.90
N GLU C 505 -13.11 37.85 7.98
CA GLU C 505 -12.57 39.06 7.34
C GLU C 505 -13.67 39.81 6.57
N ARG C 506 -14.52 39.11 5.82
CA ARG C 506 -15.60 39.79 5.09
C ARG C 506 -16.58 40.43 6.04
N SER C 507 -16.90 39.74 7.16
CA SER C 507 -17.81 40.30 8.14
C SER C 507 -17.22 41.59 8.73
N ARG C 508 -15.88 41.58 9.01
CA ARG C 508 -15.23 42.79 9.53
C ARG C 508 -15.19 43.90 8.49
N GLN C 509 -14.94 43.56 7.22
CA GLN C 509 -14.87 44.57 6.16
CA GLN C 509 -14.87 44.53 6.12
C GLN C 509 -16.19 45.33 6.01
N LEU C 510 -17.32 44.68 6.32
CA LEU C 510 -18.64 45.31 6.25
C LEU C 510 -18.87 46.41 7.30
N GLN C 511 -18.05 46.43 8.37
CA GLN C 511 -18.12 47.44 9.44
C GLN C 511 -17.02 48.51 9.36
N LYS C 512 -16.11 48.41 8.36
CA LYS C 512 -14.93 49.29 8.17
C LYS C 512 -15.00 50.13 6.90
N ARG D 248 -21.16 -13.85 -42.67
CA ARG D 248 -19.67 -13.84 -42.58
C ARG D 248 -19.03 -12.63 -43.30
N THR D 249 -18.04 -12.07 -42.61
CA THR D 249 -17.35 -10.83 -43.01
C THR D 249 -16.12 -11.12 -43.90
N MET D 250 -15.40 -10.07 -44.30
CA MET D 250 -14.06 -10.22 -44.90
C MET D 250 -12.99 -10.35 -43.82
N ARG D 251 -12.87 -11.55 -43.28
CA ARG D 251 -11.74 -11.88 -42.39
C ARG D 251 -10.99 -13.00 -43.08
N GLN D 252 -9.67 -12.93 -43.02
CA GLN D 252 -8.87 -14.07 -43.39
C GLN D 252 -8.03 -14.29 -42.17
N ASN D 253 -8.08 -15.54 -41.67
CA ASN D 253 -7.39 -16.04 -40.46
C ASN D 253 -6.55 -17.24 -40.88
N LEU D 254 -5.25 -17.12 -40.73
CA LEU D 254 -4.31 -18.14 -41.16
C LEU D 254 -4.48 -19.51 -40.44
N GLN D 255 -4.75 -19.49 -39.15
CA GLN D 255 -4.93 -20.71 -38.38
C GLN D 255 -6.13 -21.48 -38.91
N GLU D 256 -7.18 -20.73 -39.18
CA GLU D 256 -8.43 -21.31 -39.62
C GLU D 256 -8.32 -21.84 -41.03
N ALA D 257 -7.60 -21.12 -41.89
CA ALA D 257 -7.35 -21.57 -43.25
C ALA D 257 -6.53 -22.89 -43.21
N SER D 258 -5.50 -22.91 -42.37
CA SER D 258 -4.67 -24.06 -42.26
C SER D 258 -5.49 -25.24 -41.68
N ASP D 259 -6.36 -24.98 -40.71
CA ASP D 259 -7.26 -26.03 -40.21
C ASP D 259 -7.99 -26.72 -41.38
N VAL D 260 -8.55 -25.92 -42.29
CA VAL D 260 -9.33 -26.46 -43.39
C VAL D 260 -8.46 -27.30 -44.28
N LEU D 261 -7.22 -26.86 -44.54
CA LEU D 261 -6.35 -27.60 -45.42
C LEU D 261 -5.92 -28.89 -44.73
N ASP D 262 -5.71 -28.83 -43.42
CA ASP D 262 -5.38 -30.02 -42.68
C ASP D 262 -6.52 -31.02 -42.79
N ASP D 263 -7.75 -30.55 -42.57
N ASP D 263 -7.76 -30.56 -42.57
CA ASP D 263 -8.90 -31.44 -42.52
CA ASP D 263 -8.92 -31.47 -42.54
C ASP D 263 -9.18 -32.13 -43.86
C ASP D 263 -9.17 -32.15 -43.87
N GLN D 264 -8.82 -31.51 -44.97
CA GLN D 264 -8.99 -32.17 -46.24
C GLN D 264 -8.14 -33.49 -46.25
N ILE D 265 -6.92 -33.41 -45.76
CA ILE D 265 -6.03 -34.56 -45.81
C ILE D 265 -6.60 -35.62 -44.89
N GLU D 266 -7.01 -35.23 -43.69
CA GLU D 266 -7.53 -36.20 -42.74
C GLU D 266 -8.83 -36.85 -43.21
N SER D 267 -9.73 -36.11 -43.83
CA SER D 267 -10.99 -36.73 -44.18
C SER D 267 -10.75 -37.73 -45.33
N PHE D 268 -9.85 -37.42 -46.26
CA PHE D 268 -9.56 -38.38 -47.30
C PHE D 268 -8.83 -39.62 -46.77
N THR D 269 -8.06 -39.45 -45.69
CA THR D 269 -7.38 -40.55 -45.06
C THR D 269 -8.45 -41.53 -44.61
N LYS D 270 -9.52 -41.05 -43.98
CA LYS D 270 -10.64 -41.96 -43.59
C LYS D 270 -11.39 -42.53 -44.80
N ILE D 271 -11.62 -41.76 -45.86
CA ILE D 271 -12.28 -42.34 -47.04
C ILE D 271 -11.44 -43.48 -47.67
N ILE D 272 -10.12 -43.31 -47.73
CA ILE D 272 -9.26 -44.31 -48.30
C ILE D 272 -9.24 -45.58 -47.42
N GLN D 273 -9.15 -45.38 -46.12
CA GLN D 273 -9.12 -46.49 -45.19
C GLN D 273 -10.41 -47.32 -45.22
N ASN D 274 -11.57 -46.68 -45.24
CA ASN D 274 -12.83 -47.42 -45.40
C ASN D 274 -12.95 -48.08 -46.78
N HIS D 275 -12.64 -47.38 -47.85
CA HIS D 275 -12.86 -48.00 -49.15
C HIS D 275 -11.97 -49.24 -49.40
N TYR D 276 -10.68 -49.12 -49.09
CA TYR D 276 -9.75 -50.21 -49.32
C TYR D 276 -9.59 -51.15 -48.11
N LYS D 277 -10.32 -50.85 -47.03
CA LYS D 277 -10.31 -51.67 -45.84
C LYS D 277 -8.89 -51.84 -45.30
N LEU D 278 -8.21 -50.73 -45.07
CA LEU D 278 -6.86 -50.73 -44.52
C LEU D 278 -6.93 -50.26 -43.08
N SER D 279 -5.98 -50.68 -42.25
CA SER D 279 -5.94 -50.21 -40.88
C SER D 279 -5.02 -48.98 -40.81
N PRO D 280 -5.29 -48.04 -39.89
CA PRO D 280 -4.42 -46.87 -39.71
C PRO D 280 -2.94 -47.21 -39.46
N ASN D 281 -2.66 -48.36 -38.86
CA ASN D 281 -1.30 -48.85 -38.68
C ASN D 281 -0.57 -49.10 -39.99
N ASP D 282 -1.31 -49.21 -41.09
CA ASP D 282 -0.69 -49.33 -42.41
C ASP D 282 -0.22 -47.96 -42.94
N PHE D 283 -0.67 -46.87 -42.32
CA PHE D 283 -0.26 -45.52 -42.74
C PHE D 283 0.85 -45.02 -41.84
N ALA D 284 1.86 -44.41 -42.46
CA ALA D 284 2.98 -43.88 -41.71
C ALA D 284 3.47 -42.61 -42.39
N ASP D 285 4.46 -42.00 -41.77
CA ASP D 285 4.97 -40.73 -42.15
C ASP D 285 5.94 -40.91 -43.32
N PRO D 286 5.58 -40.41 -44.51
CA PRO D 286 6.43 -40.58 -45.67
C PRO D 286 7.61 -39.62 -45.70
N THR D 287 7.67 -38.68 -44.78
CA THR D 287 8.70 -37.64 -44.81
C THR D 287 9.97 -38.17 -44.16
N ILE D 288 9.91 -39.30 -43.47
CA ILE D 288 11.09 -39.89 -42.85
C ILE D 288 11.43 -41.30 -43.42
N GLN D 289 12.69 -41.65 -43.25
CA GLN D 289 13.18 -42.91 -43.74
C GLN D 289 12.53 -44.11 -43.07
N SER D 290 12.17 -45.10 -43.87
CA SER D 290 11.78 -46.40 -43.35
C SER D 290 12.38 -47.51 -44.22
N GLN D 291 12.41 -48.72 -43.67
CA GLN D 291 12.87 -49.88 -44.43
C GLN D 291 11.67 -50.47 -45.18
N SER D 292 10.48 -50.17 -44.67
CA SER D 292 9.25 -50.81 -45.11
C SER D 292 8.41 -49.89 -46.02
N GLU D 293 7.70 -50.51 -46.96
CA GLU D 293 6.70 -49.84 -47.79
C GLU D 293 5.54 -49.43 -46.90
N ILE D 294 5.00 -48.25 -47.15
CA ILE D 294 3.93 -47.69 -46.35
C ILE D 294 2.85 -47.10 -47.25
N TYR D 295 1.65 -46.92 -46.69
CA TYR D 295 0.64 -46.10 -47.37
C TYR D 295 0.72 -44.70 -46.80
N ALA D 296 0.53 -43.71 -47.68
CA ALA D 296 0.55 -42.31 -47.28
C ALA D 296 -0.47 -41.50 -48.07
N VAL D 297 -1.06 -40.49 -47.43
CA VAL D 297 -2.06 -39.60 -48.02
C VAL D 297 -1.57 -38.19 -47.79
N GLY D 298 -1.70 -37.34 -48.81
CA GLY D 298 -1.26 -35.96 -48.66
C GLY D 298 -1.73 -35.03 -49.76
N ARG D 299 -1.24 -33.83 -49.74
CA ARG D 299 -1.62 -32.85 -50.77
C ARG D 299 -0.44 -32.65 -51.72
N ILE D 300 -0.74 -32.66 -53.01
CA ILE D 300 0.26 -32.31 -53.99
C ILE D 300 0.60 -30.82 -53.92
N VAL D 301 1.87 -30.55 -53.64
CA VAL D 301 2.39 -29.19 -53.58
C VAL D 301 3.69 -29.10 -54.41
N PRO D 302 4.10 -27.90 -54.78
CA PRO D 302 5.38 -27.77 -55.49
C PRO D 302 6.50 -28.06 -54.55
N ASP D 303 7.65 -28.45 -55.07
CA ASP D 303 8.75 -28.74 -54.17
C ASP D 303 9.53 -27.49 -53.70
N SER D 304 9.30 -26.32 -54.27
CA SER D 304 9.72 -25.07 -53.63
C SER D 304 8.52 -24.11 -53.51
N PRO D 305 8.47 -23.32 -52.42
CA PRO D 305 7.33 -22.42 -52.18
C PRO D 305 7.32 -21.21 -53.11
N THR D 306 8.46 -20.88 -53.69
CA THR D 306 8.57 -19.88 -54.73
C THR D 306 8.94 -20.58 -56.04
N TYR D 307 7.94 -21.10 -56.74
CA TYR D 307 8.18 -22.05 -57.84
C TYR D 307 7.84 -21.44 -59.20
N ASP D 308 8.63 -21.89 -60.19
CA ASP D 308 8.35 -21.72 -61.64
C ASP D 308 6.88 -21.96 -62.04
N LYS D 309 6.40 -21.19 -63.03
CA LYS D 309 5.00 -21.35 -63.50
C LYS D 309 4.72 -22.81 -63.97
N PHE D 310 5.74 -23.44 -64.57
CA PHE D 310 5.61 -24.76 -65.25
C PHE D 310 6.30 -25.93 -64.51
N LEU D 311 5.43 -26.79 -63.97
CA LEU D 311 5.82 -27.91 -63.14
C LEU D 311 5.98 -29.17 -63.97
N ASN D 312 6.70 -30.14 -63.45
CA ASN D 312 6.84 -31.40 -64.13
C ASN D 312 6.88 -32.52 -63.10
N PRO D 313 6.95 -33.79 -63.53
CA PRO D 313 6.94 -34.90 -62.57
C PRO D 313 8.18 -34.99 -61.67
N GLU D 314 9.17 -34.15 -61.89
CA GLU D 314 10.36 -34.16 -61.05
C GLU D 314 10.38 -32.99 -60.06
N SER D 315 9.31 -32.21 -59.99
CA SER D 315 9.34 -30.99 -59.18
C SER D 315 8.09 -30.85 -58.28
N LEU D 316 7.62 -31.99 -57.77
CA LEU D 316 6.43 -32.06 -56.92
C LEU D 316 6.80 -32.66 -55.57
N SER D 317 6.05 -32.25 -54.54
CA SER D 317 6.17 -32.82 -53.21
C SER D 317 4.81 -33.19 -52.69
N LEU D 318 4.80 -33.96 -51.61
CA LEU D 318 3.59 -34.36 -50.92
C LEU D 318 3.62 -33.71 -49.56
N GLU D 319 2.54 -33.02 -49.23
CA GLU D 319 2.38 -32.44 -47.91
C GLU D 319 1.57 -33.38 -47.08
N THR D 320 2.05 -33.65 -45.86
CA THR D 320 1.33 -34.48 -44.90
C THR D 320 0.46 -33.63 -43.92
N SER D 321 -0.52 -34.29 -43.29
CA SER D 321 -1.35 -33.65 -42.28
C SER D 321 -0.52 -33.44 -41.04
N ARG D 322 -1.12 -32.73 -40.08
CA ARG D 322 -0.42 -32.41 -38.85
C ARG D 322 -0.14 -33.67 -38.04
N MET D 323 -1.08 -34.62 -38.02
CA MET D 323 -0.90 -35.87 -37.31
C MET D 323 -0.04 -36.87 -38.10
N GLY D 324 -0.18 -36.84 -39.42
CA GLY D 324 0.50 -37.79 -40.28
C GLY D 324 2.00 -37.62 -40.32
N GLY D 325 2.47 -36.39 -40.51
CA GLY D 325 3.92 -36.12 -40.57
C GLY D 325 4.33 -34.74 -40.05
N VAL D 326 3.63 -34.28 -39.02
CA VAL D 326 3.87 -32.97 -38.43
C VAL D 326 3.87 -31.92 -39.53
N GLY D 327 3.00 -32.11 -40.51
CA GLY D 327 2.87 -31.19 -41.60
C GLY D 327 4.03 -31.06 -42.54
N ARG D 328 5.05 -31.90 -42.37
CA ARG D 328 6.22 -31.83 -43.27
C ARG D 328 5.87 -32.17 -44.71
N ARG D 329 6.67 -31.62 -45.63
CA ARG D 329 6.51 -31.87 -47.06
C ARG D 329 7.69 -32.67 -47.55
N VAL D 330 7.48 -33.67 -48.39
CA VAL D 330 8.58 -34.50 -48.89
C VAL D 330 8.54 -34.60 -50.42
N ARG D 331 9.69 -34.41 -51.05
CA ARG D 331 9.80 -34.57 -52.51
C ARG D 331 9.34 -35.93 -52.98
N LEU D 332 8.64 -35.93 -54.12
CA LEU D 332 8.12 -37.15 -54.70
C LEU D 332 9.05 -37.67 -55.78
N ASP D 333 9.39 -38.95 -55.68
CA ASP D 333 10.10 -39.66 -56.75
C ASP D 333 9.05 -40.45 -57.49
N LEU D 334 8.72 -40.01 -58.71
CA LEU D 334 7.66 -40.63 -59.51
C LEU D 334 8.24 -41.50 -60.67
N SER D 335 9.51 -41.87 -60.56
CA SER D 335 10.16 -42.59 -61.66
C SER D 335 9.65 -44.03 -61.86
N GLN D 336 9.09 -44.64 -60.84
CA GLN D 336 8.58 -46.02 -60.94
C GLN D 336 7.11 -46.06 -61.32
N VAL D 337 6.54 -44.91 -61.67
CA VAL D 337 5.14 -44.82 -62.01
C VAL D 337 4.98 -44.23 -63.40
N ASN D 338 4.46 -45.01 -64.34
CA ASN D 338 4.41 -44.63 -65.74
C ASN D 338 3.21 -43.77 -66.17
N GLU D 339 2.13 -43.84 -65.41
CA GLU D 339 0.88 -43.17 -65.78
C GLU D 339 0.33 -42.37 -64.63
N LEU D 340 0.21 -41.05 -64.82
CA LEU D 340 -0.33 -40.19 -63.77
C LEU D 340 -0.81 -38.86 -64.26
N SER D 341 -1.73 -38.28 -63.51
CA SER D 341 -2.15 -36.91 -63.69
C SER D 341 -2.30 -36.23 -62.33
N PHE D 342 -1.42 -35.28 -62.02
CA PHE D 342 -1.51 -34.54 -60.76
C PHE D 342 -1.70 -33.04 -60.99
N PHE D 343 -2.21 -32.38 -59.97
CA PHE D 343 -2.34 -30.91 -59.96
C PHE D 343 -2.18 -30.34 -58.56
N LEU D 344 -1.77 -29.08 -58.49
CA LEU D 344 -1.56 -28.43 -57.19
C LEU D 344 -2.86 -28.30 -56.38
N GLY D 345 -2.85 -28.87 -55.18
CA GLY D 345 -4.02 -28.92 -54.29
C GLY D 345 -4.74 -30.26 -54.23
N GLN D 346 -4.40 -31.15 -55.15
CA GLN D 346 -4.95 -32.47 -55.17
C GLN D 346 -4.58 -33.25 -53.93
N ILE D 347 -5.58 -33.90 -53.34
CA ILE D 347 -5.32 -34.86 -52.26
C ILE D 347 -5.12 -36.21 -52.92
N VAL D 348 -4.06 -36.92 -52.53
CA VAL D 348 -3.73 -38.22 -53.15
C VAL D 348 -3.32 -39.23 -52.14
N ALA D 349 -3.42 -40.50 -52.53
CA ALA D 349 -3.04 -41.64 -51.67
C ALA D 349 -2.01 -42.48 -52.42
N PHE D 350 -0.91 -42.80 -51.74
CA PHE D 350 0.17 -43.61 -52.33
C PHE D 350 0.55 -44.83 -51.50
N LYS D 351 1.10 -45.80 -52.20
CA LYS D 351 1.87 -46.89 -51.60
C LYS D 351 3.31 -46.69 -52.04
N GLY D 352 4.24 -46.61 -51.10
CA GLY D 352 5.61 -46.34 -51.46
C GLY D 352 6.57 -46.37 -50.28
N PHE D 360 10.34 -39.57 -51.39
CA PHE D 360 9.40 -40.67 -51.23
C PHE D 360 9.16 -41.25 -52.60
N THR D 361 9.52 -42.53 -52.77
CA THR D 361 9.33 -43.20 -54.06
C THR D 361 7.95 -43.79 -54.10
N VAL D 362 7.17 -43.38 -55.08
CA VAL D 362 5.82 -43.91 -55.27
C VAL D 362 5.90 -45.22 -56.07
N ASN D 363 5.40 -46.29 -55.43
CA ASN D 363 5.27 -47.58 -56.09
C ASN D 363 3.86 -47.76 -56.69
N SER D 364 2.81 -47.34 -56.03
CA SER D 364 1.50 -47.32 -56.68
C SER D 364 0.64 -46.18 -56.18
N ILE D 365 -0.30 -45.78 -57.01
CA ILE D 365 -1.25 -44.71 -56.69
C ILE D 365 -2.53 -45.42 -56.29
N LEU D 366 -3.03 -45.23 -55.09
CA LEU D 366 -4.35 -45.75 -54.75
C LEU D 366 -5.40 -44.72 -55.24
N PRO D 367 -6.15 -45.01 -56.32
CA PRO D 367 -7.14 -44.02 -56.79
C PRO D 367 -8.21 -43.76 -55.73
N LEU D 368 -8.54 -42.49 -55.54
CA LEU D 368 -9.65 -42.11 -54.68
C LEU D 368 -10.95 -42.64 -55.30
N PRO D 369 -11.85 -43.16 -54.48
CA PRO D 369 -13.07 -43.76 -55.02
C PRO D 369 -14.07 -42.69 -55.37
N TYR D 370 -14.87 -42.94 -56.40
CA TYR D 370 -15.90 -42.01 -56.82
C TYR D 370 -16.98 -41.96 -55.78
N PRO D 371 -17.50 -40.76 -55.48
CA PRO D 371 -18.60 -40.66 -54.50
C PRO D 371 -19.89 -41.34 -55.00
N ASN D 372 -20.72 -41.73 -54.05
CA ASN D 372 -21.99 -42.35 -54.36
C ASN D 372 -22.96 -41.42 -55.07
N SER D 373 -23.89 -42.00 -55.79
CA SER D 373 -24.92 -41.27 -56.45
C SER D 373 -26.16 -41.24 -55.61
N PRO D 374 -26.92 -40.14 -55.71
CA PRO D 374 -28.20 -40.08 -55.00
C PRO D 374 -29.21 -41.09 -55.51
N VAL D 375 -30.14 -41.45 -54.64
CA VAL D 375 -31.19 -42.40 -54.95
C VAL D 375 -32.55 -41.83 -54.54
N SER D 376 -33.62 -42.46 -55.03
CA SER D 376 -34.98 -42.02 -54.72
C SER D 376 -35.88 -43.22 -54.48
N THR D 377 -36.94 -42.99 -53.71
CA THR D 377 -37.91 -44.05 -53.46
C THR D 377 -38.88 -44.09 -54.63
N SER D 378 -39.58 -45.22 -54.75
CA SER D 378 -40.58 -45.39 -55.80
C SER D 378 -41.69 -44.34 -55.70
N GLN D 379 -42.19 -44.08 -54.50
CA GLN D 379 -43.18 -43.00 -54.29
C GLN D 379 -42.69 -41.65 -54.81
N GLU D 380 -41.46 -41.29 -54.50
CA GLU D 380 -40.97 -39.96 -54.92
C GLU D 380 -40.91 -39.90 -56.43
N LEU D 381 -40.48 -40.99 -57.07
CA LEU D 381 -40.32 -41.02 -58.52
C LEU D 381 -41.69 -40.98 -59.21
N GLN D 382 -42.69 -41.59 -58.60
CA GLN D 382 -44.06 -41.53 -59.12
C GLN D 382 -44.66 -40.12 -59.09
N GLU D 383 -44.40 -39.37 -58.00
CA GLU D 383 -44.84 -37.97 -57.92
C GLU D 383 -44.21 -37.14 -59.03
N PHE D 384 -42.89 -37.26 -59.16
CA PHE D 384 -42.16 -36.62 -60.23
C PHE D 384 -42.75 -36.98 -61.60
N GLN D 385 -43.11 -38.23 -61.77
CA GLN D 385 -43.78 -38.67 -63.00
C GLN D 385 -45.13 -37.94 -63.21
N ALA D 386 -45.92 -37.81 -62.15
CA ALA D 386 -47.16 -37.03 -62.20
C ALA D 386 -46.93 -35.52 -62.47
N ASN D 387 -45.92 -34.90 -61.83
CA ASN D 387 -45.62 -33.49 -62.07
C ASN D 387 -45.60 -33.16 -63.55
N LEU D 388 -44.92 -34.01 -64.31
CA LEU D 388 -44.58 -33.72 -65.69
C LEU D 388 -45.70 -34.11 -66.65
N GLU D 389 -46.69 -34.84 -66.16
CA GLU D 389 -47.85 -35.17 -66.99
C GLU D 389 -47.38 -35.89 -68.26
N GLY D 390 -46.62 -36.98 -68.10
CA GLY D 390 -46.01 -37.71 -69.22
C GLY D 390 -44.73 -37.05 -69.76
N SER D 391 -44.89 -35.87 -70.39
CA SER D 391 -43.79 -35.11 -71.05
C SER D 391 -42.42 -35.01 -70.32
N SER D 392 -41.42 -34.60 -71.07
CA SER D 392 -40.03 -34.58 -70.59
C SER D 392 -39.65 -33.30 -69.85
N LEU D 393 -38.62 -33.40 -69.01
CA LEU D 393 -38.17 -32.29 -68.24
C LEU D 393 -37.19 -31.46 -69.09
N LYS D 394 -37.39 -30.15 -69.11
CA LYS D 394 -36.56 -29.24 -69.89
C LYS D 394 -35.95 -28.20 -68.95
N VAL D 395 -34.63 -28.08 -69.01
CA VAL D 395 -33.89 -27.13 -68.23
C VAL D 395 -32.94 -26.41 -69.17
N ILE D 396 -32.98 -25.08 -69.14
CA ILE D 396 -32.09 -24.30 -69.98
C ILE D 396 -31.06 -23.68 -69.09
N VAL D 397 -29.81 -23.57 -69.57
CA VAL D 397 -28.72 -23.04 -68.77
C VAL D 397 -27.93 -22.02 -69.56
N THR D 398 -27.74 -20.84 -68.99
CA THR D 398 -26.97 -19.78 -69.64
C THR D 398 -25.91 -19.28 -68.72
N CYS D 399 -24.92 -18.63 -69.28
CA CYS D 399 -23.86 -18.10 -68.48
C CYS D 399 -23.34 -16.81 -69.08
N GLY D 400 -23.11 -15.83 -68.21
CA GLY D 400 -22.68 -14.56 -68.65
C GLY D 400 -21.27 -14.64 -69.16
N PRO D 401 -20.75 -13.55 -69.75
CA PRO D 401 -21.40 -12.22 -69.91
C PRO D 401 -22.59 -12.28 -70.86
N TYR D 402 -23.52 -11.35 -70.69
CA TYR D 402 -24.72 -11.26 -71.52
C TYR D 402 -24.70 -10.10 -72.50
N PHE D 403 -23.79 -9.16 -72.29
CA PHE D 403 -23.52 -8.15 -73.29
C PHE D 403 -22.06 -8.08 -73.70
N ALA D 404 -21.84 -7.60 -74.90
CA ALA D 404 -20.52 -7.51 -75.48
C ALA D 404 -19.63 -6.45 -74.78
N ASN D 405 -18.38 -6.39 -75.19
CA ASN D 405 -17.38 -5.52 -74.61
C ASN D 405 -17.46 -4.04 -75.05
N ASP D 406 -18.07 -3.80 -76.19
CA ASP D 406 -18.09 -2.48 -76.72
C ASP D 406 -19.50 -1.84 -76.76
N ASN D 407 -20.49 -2.40 -76.07
CA ASN D 407 -21.80 -1.81 -76.02
C ASN D 407 -22.61 -2.37 -74.86
N PHE D 408 -23.89 -1.99 -74.75
CA PHE D 408 -24.75 -2.44 -73.64
C PHE D 408 -26.01 -3.09 -74.17
N SER D 409 -25.89 -3.69 -75.34
CA SER D 409 -27.03 -4.34 -75.97
C SER D 409 -27.32 -5.68 -75.34
N LEU D 410 -28.62 -5.87 -75.03
CA LEU D 410 -29.19 -7.12 -74.55
C LEU D 410 -30.20 -7.58 -75.58
N GLU D 411 -30.05 -7.13 -76.81
CA GLU D 411 -30.92 -7.56 -77.90
C GLU D 411 -30.95 -9.09 -78.08
N LEU D 412 -29.77 -9.70 -77.97
CA LEU D 412 -29.64 -11.16 -78.09
C LEU D 412 -30.37 -11.88 -76.94
N LEU D 413 -30.19 -11.40 -75.72
CA LEU D 413 -30.95 -11.92 -74.59
C LEU D 413 -32.47 -11.78 -74.79
N GLN D 414 -32.92 -10.66 -75.39
CA GLN D 414 -34.36 -10.48 -75.65
C GLN D 414 -34.88 -11.51 -76.65
N GLU D 415 -34.13 -11.68 -77.72
CA GLU D 415 -34.42 -12.70 -78.72
C GLU D 415 -34.53 -14.10 -78.05
N PHE D 416 -33.56 -14.42 -77.20
CA PHE D 416 -33.51 -15.67 -76.44
C PHE D 416 -34.75 -15.81 -75.54
N ILE D 417 -35.05 -14.79 -74.74
CA ILE D 417 -36.24 -14.82 -73.85
C ILE D 417 -37.53 -15.08 -74.69
N ASP D 418 -37.60 -14.54 -75.89
CA ASP D 418 -38.82 -14.67 -76.67
C ASP D 418 -38.96 -16.13 -77.09
N SER D 419 -37.81 -16.69 -77.42
CA SER D 419 -37.72 -18.06 -77.82
C SER D 419 -38.09 -19.06 -76.74
N ILE D 420 -37.58 -18.85 -75.53
CA ILE D 420 -37.94 -19.75 -74.45
C ILE D 420 -39.39 -19.58 -73.97
N ASN D 421 -39.89 -18.34 -73.93
CA ASN D 421 -41.27 -18.10 -73.58
C ASN D 421 -42.24 -18.76 -74.56
N ASN D 422 -41.99 -18.62 -75.85
CA ASN D 422 -43.01 -18.95 -76.85
C ASN D 422 -42.70 -20.20 -77.69
N GLU D 423 -41.52 -20.77 -77.58
CA GLU D 423 -41.22 -21.99 -78.36
C GLU D 423 -40.68 -23.13 -77.52
N VAL D 424 -39.59 -22.90 -76.80
CA VAL D 424 -38.93 -23.95 -76.07
C VAL D 424 -39.72 -24.34 -74.80
N LYS D 425 -40.16 -23.36 -74.03
CA LYS D 425 -41.06 -23.57 -72.89
C LYS D 425 -40.47 -24.53 -71.87
N PRO D 426 -39.29 -24.22 -71.34
CA PRO D 426 -38.67 -25.15 -70.41
C PRO D 426 -39.31 -25.01 -69.07
N HIS D 427 -39.07 -25.96 -68.18
CA HIS D 427 -39.52 -25.88 -66.79
C HIS D 427 -38.66 -24.97 -65.91
N VAL D 428 -37.37 -24.92 -66.16
CA VAL D 428 -36.46 -24.17 -65.30
C VAL D 428 -35.38 -23.54 -66.17
N LEU D 429 -34.99 -22.33 -65.81
CA LEU D 429 -33.86 -21.68 -66.47
C LEU D 429 -32.81 -21.33 -65.42
N ILE D 430 -31.58 -21.72 -65.67
CA ILE D 430 -30.51 -21.46 -64.73
C ILE D 430 -29.59 -20.49 -65.39
N MET D 431 -29.39 -19.34 -64.75
CA MET D 431 -28.56 -18.31 -65.33
C MET D 431 -27.39 -18.02 -64.40
N PHE D 432 -26.17 -18.19 -64.92
CA PHE D 432 -24.97 -17.88 -64.16
C PHE D 432 -24.47 -16.51 -64.52
N GLY D 433 -24.00 -15.77 -63.53
CA GLY D 433 -23.29 -14.54 -63.77
C GLY D 433 -21.94 -14.78 -64.43
N PRO D 434 -21.20 -13.71 -64.75
CA PRO D 434 -21.51 -12.30 -64.38
C PRO D 434 -22.62 -11.68 -65.19
N PHE D 435 -23.45 -10.85 -64.53
CA PHE D 435 -24.48 -10.05 -65.19
C PHE D 435 -23.87 -8.71 -65.57
N ILE D 436 -23.48 -7.91 -64.58
CA ILE D 436 -22.61 -6.77 -64.81
C ILE D 436 -21.24 -7.18 -64.34
N ASP D 437 -20.36 -7.47 -65.27
CA ASP D 437 -19.00 -7.92 -64.97
C ASP D 437 -18.15 -6.74 -64.65
N ILE D 438 -17.63 -6.71 -63.44
CA ILE D 438 -16.78 -5.61 -62.96
C ILE D 438 -15.50 -5.41 -63.77
N THR D 439 -15.12 -6.42 -64.57
CA THR D 439 -13.92 -6.35 -65.39
C THR D 439 -14.28 -6.07 -66.84
N HIS D 440 -15.56 -5.91 -67.15
CA HIS D 440 -15.93 -5.40 -68.47
C HIS D 440 -15.12 -4.10 -68.73
N PRO D 441 -14.50 -3.98 -69.89
CA PRO D 441 -13.57 -2.88 -70.09
C PRO D 441 -14.15 -1.47 -70.05
N LEU D 442 -15.41 -1.29 -70.40
CA LEU D 442 -16.03 0.03 -70.27
C LEU D 442 -16.36 0.31 -68.80
N ILE D 443 -16.80 -0.73 -68.08
CA ILE D 443 -17.08 -0.61 -66.64
C ILE D 443 -15.79 -0.33 -65.92
N ALA D 444 -14.76 -1.08 -66.26
CA ALA D 444 -13.45 -0.92 -65.63
C ALA D 444 -12.94 0.45 -65.85
N SER D 445 -13.01 0.98 -67.07
CA SER D 445 -12.42 2.29 -67.33
C SER D 445 -13.34 3.46 -66.93
N GLY D 446 -14.57 3.17 -66.53
CA GLY D 446 -15.54 4.25 -66.28
C GLY D 446 -16.09 4.95 -67.50
N LYS D 447 -15.87 4.36 -68.68
CA LYS D 447 -16.40 4.95 -69.93
C LYS D 447 -17.82 4.49 -70.05
N LEU D 448 -18.68 5.01 -69.21
CA LEU D 448 -20.08 4.66 -69.21
C LEU D 448 -20.91 5.84 -69.77
N PRO D 449 -21.73 5.53 -70.77
CA PRO D 449 -22.44 6.56 -71.48
C PRO D 449 -23.76 6.92 -70.81
N ASN D 450 -24.29 8.01 -71.30
CA ASN D 450 -25.65 8.38 -71.05
C ASN D 450 -26.58 7.44 -71.78
N PHE D 451 -27.59 6.94 -71.09
CA PHE D 451 -28.59 6.04 -71.71
C PHE D 451 -29.89 6.79 -72.02
N PRO D 452 -30.12 7.07 -73.30
CA PRO D 452 -31.32 7.85 -73.61
C PRO D 452 -32.63 7.11 -73.40
N GLN D 453 -32.59 5.81 -73.19
CA GLN D 453 -33.78 5.02 -73.02
C GLN D 453 -34.13 4.85 -71.54
N PHE D 454 -33.40 5.55 -70.66
CA PHE D 454 -33.73 5.60 -69.25
C PHE D 454 -34.12 7.03 -68.89
N LYS D 455 -35.25 7.20 -68.20
CA LYS D 455 -35.66 8.50 -67.81
C LYS D 455 -34.66 9.11 -66.82
N THR D 456 -34.24 8.36 -65.81
CA THR D 456 -33.26 8.79 -64.85
C THR D 456 -32.08 7.85 -64.97
N GLN D 457 -30.91 8.43 -65.17
CA GLN D 457 -29.68 7.75 -65.34
C GLN D 457 -29.31 7.07 -64.04
N PRO D 458 -28.74 5.87 -64.14
CA PRO D 458 -28.20 5.22 -62.96
C PRO D 458 -26.98 5.95 -62.43
N LYS D 459 -26.80 5.94 -61.11
CA LYS D 459 -25.65 6.61 -60.50
C LYS D 459 -24.59 5.61 -60.03
N THR D 460 -24.94 4.32 -60.02
CA THR D 460 -24.05 3.25 -59.50
C THR D 460 -24.21 2.02 -60.33
N LEU D 461 -23.30 1.07 -60.22
CA LEU D 461 -23.48 -0.17 -60.99
C LEU D 461 -24.71 -0.97 -60.54
N ASP D 462 -25.05 -0.92 -59.24
CA ASP D 462 -26.30 -1.57 -58.76
C ASP D 462 -27.48 -0.97 -59.45
N GLU D 463 -27.53 0.35 -59.57
CA GLU D 463 -28.65 0.99 -60.34
C GLU D 463 -28.59 0.66 -61.82
N LEU D 464 -27.39 0.49 -62.38
CA LEU D 464 -27.32 0.09 -63.76
C LEU D 464 -27.97 -1.28 -63.95
N PHE D 465 -27.77 -2.21 -63.02
CA PHE D 465 -28.48 -3.50 -63.12
C PHE D 465 -30.00 -3.29 -63.09
N LEU D 466 -30.50 -2.50 -62.14
CA LEU D 466 -31.95 -2.34 -62.04
C LEU D 466 -32.55 -1.74 -63.30
N LYS D 467 -31.84 -0.88 -63.99
CA LYS D 467 -32.39 -0.25 -65.21
C LYS D 467 -32.14 -1.04 -66.46
N LEU D 468 -31.05 -1.80 -66.49
CA LEU D 468 -30.68 -2.56 -67.70
C LEU D 468 -31.17 -4.01 -67.69
N PHE D 469 -31.00 -4.74 -66.61
CA PHE D 469 -31.33 -6.17 -66.59
C PHE D 469 -32.72 -6.45 -66.08
N THR D 470 -33.09 -5.83 -64.98
CA THR D 470 -34.34 -6.16 -64.34
C THR D 470 -35.54 -6.12 -65.30
N PRO D 471 -35.65 -5.07 -66.11
CA PRO D 471 -36.84 -5.01 -66.96
C PRO D 471 -36.89 -6.08 -68.01
N ILE D 472 -35.73 -6.54 -68.45
CA ILE D 472 -35.68 -7.60 -69.43
C ILE D 472 -35.89 -8.99 -68.74
N LEU D 473 -35.24 -9.22 -67.61
CA LEU D 473 -35.45 -10.46 -66.88
C LEU D 473 -36.90 -10.61 -66.47
N LYS D 474 -37.54 -9.53 -66.05
CA LYS D 474 -38.97 -9.55 -65.68
C LYS D 474 -39.88 -10.13 -66.77
N THR D 475 -39.41 -10.14 -68.02
CA THR D 475 -40.24 -10.63 -69.10
C THR D 475 -40.16 -12.13 -69.28
N ILE D 476 -39.30 -12.81 -68.53
CA ILE D 476 -39.29 -14.27 -68.58
C ILE D 476 -40.61 -14.78 -68.03
N SER D 477 -41.21 -15.74 -68.72
CA SER D 477 -42.54 -16.24 -68.33
C SER D 477 -42.54 -16.71 -66.88
N PRO D 478 -43.60 -16.37 -66.14
CA PRO D 478 -43.74 -16.82 -64.76
C PRO D 478 -43.82 -18.33 -64.64
N HIS D 479 -44.14 -19.02 -65.73
CA HIS D 479 -44.18 -20.48 -65.72
C HIS D 479 -42.82 -21.13 -65.73
N ILE D 480 -41.79 -20.38 -66.10
CA ILE D 480 -40.43 -20.85 -66.13
C ILE D 480 -39.73 -20.41 -64.84
N GLN D 481 -39.42 -21.34 -63.95
CA GLN D 481 -38.70 -20.96 -62.76
C GLN D 481 -37.27 -20.61 -63.13
N THR D 482 -36.79 -19.49 -62.61
CA THR D 482 -35.51 -18.97 -63.01
C THR D 482 -34.59 -18.82 -61.83
N VAL D 483 -33.40 -19.43 -61.94
CA VAL D 483 -32.44 -19.46 -60.86
C VAL D 483 -31.24 -18.66 -61.25
N LEU D 484 -30.82 -17.75 -60.37
CA LEU D 484 -29.64 -16.94 -60.63
C LEU D 484 -28.50 -17.36 -59.69
N ILE D 485 -27.33 -17.59 -60.26
CA ILE D 485 -26.15 -17.93 -59.53
C ILE D 485 -25.07 -16.95 -59.90
N PRO D 486 -24.45 -16.31 -58.93
CA PRO D 486 -23.51 -15.27 -59.23
C PRO D 486 -22.14 -15.74 -59.57
N SER D 487 -21.31 -14.78 -60.01
CA SER D 487 -19.86 -14.90 -60.14
C SER D 487 -19.21 -13.93 -59.17
N THR D 488 -17.98 -14.20 -58.80
CA THR D 488 -17.27 -13.27 -57.94
C THR D 488 -16.89 -12.01 -58.74
N LYS D 489 -17.11 -12.02 -60.05
CA LYS D 489 -16.96 -10.82 -60.86
C LYS D 489 -18.26 -9.98 -60.98
N ASP D 490 -19.35 -10.43 -60.37
CA ASP D 490 -20.60 -9.68 -60.42
C ASP D 490 -20.52 -8.42 -59.58
N ALA D 491 -20.57 -7.26 -60.26
CA ALA D 491 -20.64 -5.97 -59.60
C ALA D 491 -21.80 -5.88 -58.63
N ILE D 492 -22.92 -6.54 -58.96
CA ILE D 492 -24.09 -6.55 -58.09
C ILE D 492 -23.92 -7.36 -56.79
N SER D 493 -22.95 -8.28 -56.71
CA SER D 493 -22.68 -8.95 -55.46
C SER D 493 -21.76 -8.11 -54.61
N ASN D 494 -22.01 -8.08 -53.31
CA ASN D 494 -21.04 -7.51 -52.37
C ASN D 494 -20.25 -8.54 -51.61
N HIS D 495 -20.14 -9.76 -52.15
N HIS D 495 -20.20 -9.76 -52.12
CA HIS D 495 -19.39 -10.87 -51.54
CA HIS D 495 -19.41 -10.84 -51.55
C HIS D 495 -18.54 -11.45 -52.63
C HIS D 495 -18.58 -11.40 -52.68
N ALA D 496 -17.35 -10.91 -52.81
CA ALA D 496 -16.51 -11.21 -53.96
C ALA D 496 -15.45 -12.26 -53.64
N ALA D 497 -15.84 -13.28 -52.91
CA ALA D 497 -14.99 -14.48 -52.68
C ALA D 497 -15.81 -15.76 -52.94
N TYR D 498 -15.16 -16.79 -53.47
CA TYR D 498 -15.74 -18.16 -53.54
C TYR D 498 -15.39 -18.95 -52.28
N PRO D 499 -16.36 -19.57 -51.61
CA PRO D 499 -17.78 -19.62 -51.94
C PRO D 499 -18.50 -18.30 -51.66
N GLN D 500 -19.50 -18.01 -52.48
CA GLN D 500 -20.10 -16.71 -52.58
C GLN D 500 -21.56 -16.87 -52.17
N ALA D 501 -22.01 -16.04 -51.20
CA ALA D 501 -23.41 -15.95 -50.79
C ALA D 501 -24.33 -15.61 -51.98
N SER D 502 -25.57 -16.06 -51.90
CA SER D 502 -26.50 -15.78 -52.99
C SER D 502 -26.85 -14.30 -53.07
N LEU D 503 -27.23 -13.86 -54.25
CA LEU D 503 -27.76 -12.51 -54.43
C LEU D 503 -29.10 -12.37 -53.67
N ILE D 504 -29.47 -11.13 -53.38
CA ILE D 504 -30.71 -10.86 -52.69
C ILE D 504 -31.75 -10.46 -53.72
N ARG D 505 -32.71 -11.32 -53.94
CA ARG D 505 -33.68 -11.12 -54.99
C ARG D 505 -34.46 -9.79 -54.90
N LYS D 506 -34.90 -9.42 -53.70
CA LYS D 506 -35.65 -8.18 -53.52
C LYS D 506 -34.82 -6.98 -53.96
N ALA D 507 -33.53 -7.00 -53.65
CA ALA D 507 -32.63 -5.93 -54.01
C ALA D 507 -32.54 -5.83 -55.52
N LEU D 508 -32.66 -6.95 -56.23
CA LEU D 508 -32.61 -6.91 -57.70
C LEU D 508 -33.99 -6.55 -58.29
N GLN D 509 -34.98 -6.42 -57.42
CA GLN D 509 -36.35 -6.05 -57.82
C GLN D 509 -36.91 -7.02 -58.80
N LEU D 510 -36.56 -8.30 -58.62
CA LEU D 510 -37.11 -9.38 -59.45
C LEU D 510 -38.28 -10.01 -58.69
N PRO D 511 -39.32 -10.41 -59.40
CA PRO D 511 -40.52 -10.98 -58.80
C PRO D 511 -40.37 -12.36 -58.18
N LYS D 512 -40.95 -12.50 -56.99
CA LYS D 512 -41.01 -13.74 -56.24
C LYS D 512 -41.68 -14.89 -57.02
N ARG D 513 -42.60 -14.56 -57.91
CA ARG D 513 -43.36 -15.55 -58.66
C ARG D 513 -42.48 -16.57 -59.37
N ASN D 514 -41.29 -16.19 -59.84
CA ASN D 514 -40.48 -17.13 -60.57
C ASN D 514 -38.98 -16.99 -60.49
N PHE D 515 -38.44 -16.16 -59.59
CA PHE D 515 -36.98 -16.01 -59.49
C PHE D 515 -36.49 -16.52 -58.15
N LYS D 516 -35.46 -17.38 -58.17
CA LYS D 516 -34.74 -17.78 -56.96
C LYS D 516 -33.28 -17.47 -57.12
N CYS D 517 -32.70 -16.88 -56.09
CA CYS D 517 -31.27 -16.62 -56.07
C CYS D 517 -30.55 -17.69 -55.30
N MET D 518 -29.56 -18.31 -55.90
CA MET D 518 -28.81 -19.35 -55.25
C MET D 518 -27.34 -18.94 -55.01
N ALA D 519 -26.72 -19.61 -54.04
CA ALA D 519 -25.29 -19.46 -53.74
C ALA D 519 -24.39 -20.02 -54.87
N ASN D 520 -23.13 -19.59 -54.84
CA ASN D 520 -22.10 -20.03 -55.76
C ASN D 520 -21.03 -20.66 -54.89
N PRO D 521 -21.01 -22.01 -54.81
CA PRO D 521 -21.78 -23.00 -55.53
C PRO D 521 -23.11 -23.29 -54.88
N SER D 522 -23.94 -24.01 -55.59
CA SER D 522 -25.14 -24.54 -55.00
C SER D 522 -25.53 -25.89 -55.63
N SER D 523 -26.27 -26.63 -54.84
CA SER D 523 -26.71 -27.97 -55.22
C SER D 523 -28.20 -28.06 -54.99
N PHE D 524 -28.92 -28.64 -55.92
CA PHE D 524 -30.35 -28.71 -55.73
C PHE D 524 -30.96 -29.77 -56.61
N GLN D 525 -32.17 -30.16 -56.29
CA GLN D 525 -32.90 -31.04 -57.18
C GLN D 525 -33.94 -30.35 -58.02
N ILE D 526 -34.04 -30.75 -59.29
CA ILE D 526 -35.20 -30.47 -60.12
C ILE D 526 -35.85 -31.82 -60.35
N ASN D 527 -37.03 -32.04 -59.79
CA ASN D 527 -37.57 -33.38 -59.66
C ASN D 527 -36.51 -34.27 -58.99
N GLU D 528 -36.17 -35.41 -59.56
CA GLU D 528 -35.20 -36.29 -58.93
C GLU D 528 -33.76 -35.88 -59.24
N ILE D 529 -33.56 -35.09 -60.28
CA ILE D 529 -32.22 -34.83 -60.75
C ILE D 529 -31.42 -33.87 -59.83
N TYR D 530 -30.31 -34.34 -59.29
CA TYR D 530 -29.38 -33.55 -58.49
C TYR D 530 -28.42 -32.73 -59.35
N PHE D 531 -28.46 -31.42 -59.20
CA PHE D 531 -27.58 -30.53 -59.91
C PHE D 531 -26.47 -30.09 -58.96
N GLY D 532 -25.25 -30.03 -59.45
CA GLY D 532 -24.18 -29.39 -58.73
C GLY D 532 -23.67 -28.28 -59.62
N CYS D 533 -23.82 -27.03 -59.17
CA CYS D 533 -23.46 -25.84 -59.95
C CYS D 533 -22.40 -25.01 -59.26
N SER D 534 -21.35 -24.68 -60.00
CA SER D 534 -20.27 -23.90 -59.44
C SER D 534 -19.72 -22.98 -60.50
N ASN D 535 -19.41 -21.75 -60.11
CA ASN D 535 -19.10 -20.69 -61.09
C ASN D 535 -17.69 -20.12 -60.93
N VAL D 536 -16.72 -21.00 -60.72
CA VAL D 536 -15.31 -20.71 -60.88
C VAL D 536 -14.79 -21.69 -61.95
N ASP D 537 -13.92 -21.24 -62.82
CA ASP D 537 -13.59 -21.97 -64.07
C ASP D 537 -12.52 -23.07 -63.83
N THR D 538 -12.95 -24.15 -63.19
CA THR D 538 -12.06 -25.27 -62.92
C THR D 538 -11.48 -25.84 -64.20
N PHE D 539 -12.31 -25.95 -65.22
CA PHE D 539 -11.89 -26.50 -66.49
C PHE D 539 -10.82 -25.73 -67.17
N LYS D 540 -10.81 -24.40 -67.00
CA LYS D 540 -9.72 -23.57 -67.54
C LYS D 540 -8.49 -23.62 -66.67
N ASP D 541 -8.71 -23.66 -65.37
CA ASP D 541 -7.65 -23.43 -64.41
C ASP D 541 -6.82 -24.64 -64.04
N LEU D 542 -7.37 -25.83 -64.09
CA LEU D 542 -6.65 -27.05 -63.57
C LEU D 542 -5.51 -27.47 -64.51
N LYS D 543 -4.27 -27.27 -64.07
CA LYS D 543 -3.11 -27.56 -64.86
C LYS D 543 -2.45 -28.85 -64.44
N GLU D 544 -2.65 -29.88 -65.25
CA GLU D 544 -2.20 -31.20 -64.84
C GLU D 544 -0.74 -31.35 -65.15
N VAL D 545 -0.03 -32.03 -64.27
CA VAL D 545 1.26 -32.57 -64.58
C VAL D 545 0.97 -34.04 -64.97
N ILE D 546 1.37 -34.43 -66.18
CA ILE D 546 1.00 -35.73 -66.78
C ILE D 546 2.20 -36.57 -67.19
N LYS D 547 2.12 -37.86 -66.91
CA LYS D 547 3.02 -38.90 -67.51
C LYS D 547 2.18 -40.00 -68.11
N GLY D 548 2.65 -40.53 -69.23
CA GLY D 548 2.13 -41.78 -69.79
C GLY D 548 1.33 -41.60 -71.05
N GLY D 549 1.52 -42.48 -72.02
CA GLY D 549 0.79 -42.42 -73.27
C GLY D 549 -0.71 -42.58 -73.10
N THR D 550 -1.13 -43.42 -72.16
CA THR D 550 -2.56 -43.71 -72.00
C THR D 550 -3.25 -42.54 -71.38
N THR D 551 -2.66 -41.96 -70.33
CA THR D 551 -3.18 -40.73 -69.74
C THR D 551 -3.24 -39.58 -70.75
N SER D 552 -2.13 -39.32 -71.47
CA SER D 552 -2.14 -38.22 -72.46
C SER D 552 -3.11 -38.42 -73.62
N SER D 553 -3.41 -39.65 -74.02
CA SER D 553 -4.32 -39.86 -75.17
C SER D 553 -5.78 -39.66 -74.78
N ARG D 554 -6.04 -39.62 -73.49
CA ARG D 554 -7.41 -39.29 -73.08
C ARG D 554 -7.76 -37.80 -73.31
N TYR D 555 -9.06 -37.49 -73.31
CA TYR D 555 -9.50 -36.10 -73.46
C TYR D 555 -9.30 -35.36 -72.13
N ARG D 556 -8.70 -34.19 -72.22
CA ARG D 556 -8.47 -33.36 -71.06
C ARG D 556 -9.70 -33.13 -70.21
N LEU D 557 -10.83 -32.94 -70.86
CA LEU D 557 -12.07 -32.64 -70.13
C LEU D 557 -12.60 -33.80 -69.30
N ASP D 558 -12.35 -35.02 -69.77
CA ASP D 558 -12.66 -36.25 -69.03
C ASP D 558 -11.73 -36.33 -67.83
N ARG D 559 -10.44 -36.17 -68.03
CA ARG D 559 -9.55 -36.25 -66.90
C ARG D 559 -9.90 -35.22 -65.84
N VAL D 560 -10.14 -33.99 -66.28
CA VAL D 560 -10.43 -32.94 -65.30
C VAL D 560 -11.74 -33.19 -64.56
N SER D 561 -12.76 -33.67 -65.25
CA SER D 561 -13.99 -34.00 -64.57
C SER D 561 -13.82 -35.10 -63.53
N GLU D 562 -12.98 -36.09 -63.83
CA GLU D 562 -12.71 -37.17 -62.86
C GLU D 562 -11.96 -36.63 -61.65
N HIS D 563 -11.01 -35.72 -61.88
CA HIS D 563 -10.34 -35.12 -60.72
C HIS D 563 -11.35 -34.42 -59.81
N ILE D 564 -12.28 -33.69 -60.41
CA ILE D 564 -13.26 -32.99 -59.58
C ILE D 564 -14.12 -33.99 -58.77
N LEU D 565 -14.61 -35.03 -59.46
CA LEU D 565 -15.44 -36.09 -58.79
C LEU D 565 -14.65 -36.77 -57.65
N GLN D 566 -13.40 -37.11 -57.93
CA GLN D 566 -12.56 -37.69 -56.88
C GLN D 566 -12.29 -36.77 -55.71
N GLN D 567 -12.06 -35.50 -56.03
CA GLN D 567 -11.73 -34.55 -54.96
C GLN D 567 -12.95 -34.11 -54.16
N ARG D 568 -14.14 -34.41 -54.68
CA ARG D 568 -15.41 -34.08 -54.03
C ARG D 568 -15.56 -32.58 -53.67
N ARG D 569 -14.99 -31.73 -54.53
CA ARG D 569 -15.17 -30.30 -54.38
C ARG D 569 -15.05 -29.62 -55.74
N TYR D 570 -15.83 -28.57 -55.94
CA TYR D 570 -16.05 -28.02 -57.32
C TYR D 570 -14.84 -27.26 -57.86
N TYR D 571 -13.98 -26.76 -56.96
CA TYR D 571 -12.72 -26.09 -57.38
C TYR D 571 -11.61 -26.59 -56.47
N PRO D 572 -11.02 -27.75 -56.80
CA PRO D 572 -10.02 -28.37 -55.95
C PRO D 572 -8.61 -27.84 -56.04
N ILE D 573 -8.37 -26.93 -57.01
CA ILE D 573 -7.04 -26.35 -57.22
C ILE D 573 -6.70 -25.44 -56.03
N PHE D 574 -5.51 -25.57 -55.46
CA PHE D 574 -5.03 -24.70 -54.40
C PHE D 574 -3.53 -24.60 -54.41
N PRO D 575 -2.97 -23.38 -54.34
CA PRO D 575 -3.66 -22.06 -54.33
C PRO D 575 -4.48 -21.85 -55.59
N GLY D 576 -5.57 -21.12 -55.49
CA GLY D 576 -6.44 -20.90 -56.64
C GLY D 576 -5.81 -19.99 -57.68
N SER D 577 -6.31 -20.01 -58.89
CA SER D 577 -5.62 -19.23 -59.95
C SER D 577 -5.80 -17.74 -59.79
N ILE D 578 -4.87 -17.01 -60.37
CA ILE D 578 -4.79 -15.56 -60.32
C ILE D 578 -4.70 -14.95 -61.75
N ARG D 579 -5.43 -13.86 -62.01
CA ARG D 579 -5.33 -13.07 -63.30
C ARG D 579 -4.62 -11.72 -63.13
N THR D 580 -3.47 -11.61 -63.78
CA THR D 580 -2.40 -10.70 -63.39
C THR D 580 -2.07 -9.57 -64.38
N HIS D 606 -2.87 -6.75 -60.69
CA HIS D 606 -3.98 -7.62 -60.32
C HIS D 606 -5.38 -7.16 -60.81
N ILE D 607 -6.16 -8.10 -61.31
CA ILE D 607 -7.40 -7.82 -62.02
C ILE D 607 -8.53 -8.64 -61.48
N SER D 608 -8.32 -9.95 -61.34
CA SER D 608 -9.32 -10.86 -60.86
C SER D 608 -8.73 -12.27 -60.50
N GLY D 609 -9.57 -13.21 -60.11
CA GLY D 609 -9.10 -14.58 -59.77
C GLY D 609 -10.18 -15.49 -59.22
N ALA D 610 -9.81 -16.73 -58.92
CA ALA D 610 -10.71 -17.62 -58.18
C ALA D 610 -11.21 -16.96 -56.85
N ASP D 611 -10.36 -16.17 -56.22
CA ASP D 611 -10.71 -15.49 -54.99
C ASP D 611 -11.23 -16.48 -53.97
N LEU D 612 -10.44 -17.50 -53.65
CA LEU D 612 -10.93 -18.51 -52.73
C LEU D 612 -10.91 -17.95 -51.34
N ASP D 613 -11.99 -18.18 -50.61
CA ASP D 613 -12.01 -17.84 -49.23
C ASP D 613 -11.75 -19.14 -48.47
N VAL D 614 -10.48 -19.37 -48.14
CA VAL D 614 -10.01 -20.72 -47.86
C VAL D 614 -10.74 -21.31 -46.65
N SER D 615 -11.03 -20.47 -45.67
CA SER D 615 -11.74 -20.87 -44.48
C SER D 615 -13.09 -21.49 -44.71
N TYR D 616 -13.69 -21.23 -45.86
CA TYR D 616 -15.01 -21.74 -46.16
C TYR D 616 -15.03 -22.72 -47.30
N LEU D 617 -13.88 -23.29 -47.64
CA LEU D 617 -13.85 -24.33 -48.68
C LEU D 617 -14.76 -25.52 -48.37
N GLY D 618 -15.00 -25.73 -47.10
CA GLY D 618 -16.00 -26.67 -46.65
C GLY D 618 -17.29 -26.63 -47.40
N LEU D 619 -17.78 -25.43 -47.68
CA LEU D 619 -19.09 -25.26 -48.35
C LEU D 619 -19.05 -25.62 -49.83
N THR D 620 -17.84 -25.79 -50.38
CA THR D 620 -17.65 -26.09 -51.79
C THR D 620 -17.51 -27.62 -52.00
N GLU D 621 -17.64 -28.39 -50.93
CA GLU D 621 -17.62 -29.83 -51.01
C GLU D 621 -18.98 -30.39 -51.42
N PHE D 622 -18.99 -31.60 -51.98
CA PHE D 622 -20.22 -32.19 -52.46
C PHE D 622 -21.18 -32.39 -51.30
N VAL D 623 -22.38 -31.82 -51.42
CA VAL D 623 -23.33 -31.80 -50.33
C VAL D 623 -23.75 -33.23 -50.09
N GLY D 624 -23.66 -33.67 -48.84
CA GLY D 624 -24.03 -35.02 -48.44
C GLY D 624 -23.02 -36.10 -48.85
N GLY D 625 -21.90 -35.72 -49.45
CA GLY D 625 -20.99 -36.67 -50.01
C GLY D 625 -21.47 -37.29 -51.31
N PHE D 626 -22.58 -36.78 -51.86
CA PHE D 626 -23.15 -37.34 -53.08
C PHE D 626 -22.54 -36.71 -54.31
N SER D 627 -22.28 -37.52 -55.31
CA SER D 627 -21.96 -37.01 -56.61
C SER D 627 -23.26 -36.45 -57.22
N PRO D 628 -23.18 -35.32 -57.93
CA PRO D 628 -24.38 -34.84 -58.61
C PRO D 628 -24.69 -35.71 -59.78
N ASP D 629 -25.96 -35.75 -60.19
CA ASP D 629 -26.38 -36.36 -61.45
C ASP D 629 -25.91 -35.51 -62.64
N ILE D 630 -26.01 -34.17 -62.50
CA ILE D 630 -25.57 -33.21 -63.52
C ILE D 630 -24.69 -32.19 -62.82
N MET D 631 -23.52 -31.92 -63.40
CA MET D 631 -22.58 -31.00 -62.85
C MET D 631 -22.32 -29.91 -63.88
N ILE D 632 -22.51 -28.65 -63.46
CA ILE D 632 -22.43 -27.51 -64.36
C ILE D 632 -21.43 -26.53 -63.83
N ILE D 633 -20.34 -26.35 -64.59
CA ILE D 633 -19.24 -25.53 -64.20
C ILE D 633 -18.82 -24.71 -65.42
N PRO D 634 -19.44 -23.55 -65.61
CA PRO D 634 -19.18 -22.75 -66.80
C PRO D 634 -17.73 -22.38 -66.94
N SER D 635 -17.27 -22.30 -68.18
CA SER D 635 -15.90 -22.04 -68.48
C SER D 635 -15.77 -21.10 -69.68
N GLU D 636 -14.65 -20.43 -69.77
CA GLU D 636 -14.34 -19.69 -70.97
C GLU D 636 -13.89 -20.58 -72.09
N LEU D 637 -13.66 -21.86 -71.83
CA LEU D 637 -13.39 -22.81 -72.93
C LEU D 637 -14.68 -23.04 -73.72
N GLN D 638 -14.55 -23.63 -74.89
CA GLN D 638 -15.68 -23.98 -75.72
C GLN D 638 -16.69 -24.80 -74.97
N HIS D 639 -17.95 -24.56 -75.27
CA HIS D 639 -19.05 -25.27 -74.65
C HIS D 639 -18.86 -26.77 -74.89
N PHE D 640 -19.39 -27.57 -73.98
CA PHE D 640 -19.30 -29.02 -74.04
C PHE D 640 -20.32 -29.66 -73.11
N ALA D 641 -20.74 -30.87 -73.48
CA ALA D 641 -21.51 -31.74 -72.60
C ALA D 641 -20.94 -33.15 -72.74
N ARG D 642 -20.59 -33.78 -71.62
CA ARG D 642 -19.92 -35.05 -71.59
C ARG D 642 -20.33 -35.88 -70.42
N VAL D 643 -20.47 -37.19 -70.65
CA VAL D 643 -20.69 -38.15 -69.57
C VAL D 643 -19.36 -38.73 -69.13
N VAL D 644 -19.11 -38.64 -67.84
CA VAL D 644 -17.87 -39.07 -67.22
C VAL D 644 -18.29 -39.70 -65.89
N GLN D 645 -17.95 -40.98 -65.71
CA GLN D 645 -18.26 -41.71 -64.49
C GLN D 645 -19.73 -41.63 -64.15
N ASN D 646 -20.58 -41.76 -65.15
CA ASN D 646 -22.03 -41.63 -64.98
C ASN D 646 -22.57 -40.25 -64.48
N VAL D 647 -21.78 -39.21 -64.66
CA VAL D 647 -22.21 -37.85 -64.34
C VAL D 647 -22.23 -37.04 -65.64
N VAL D 648 -23.35 -36.33 -65.85
CA VAL D 648 -23.44 -35.44 -67.02
C VAL D 648 -22.73 -34.14 -66.65
N VAL D 649 -21.65 -33.81 -67.38
CA VAL D 649 -20.89 -32.61 -67.10
C VAL D 649 -21.11 -31.58 -68.22
N ILE D 650 -21.55 -30.38 -67.85
CA ILE D 650 -21.98 -29.37 -68.83
C ILE D 650 -21.27 -28.04 -68.69
N ASN D 651 -20.68 -27.56 -69.77
CA ASN D 651 -20.24 -26.18 -69.90
C ASN D 651 -21.08 -25.53 -71.02
N PRO D 652 -21.95 -24.61 -70.64
CA PRO D 652 -22.84 -24.01 -71.65
C PRO D 652 -22.16 -22.98 -72.51
N GLY D 653 -21.00 -22.54 -72.10
CA GLY D 653 -20.31 -21.46 -72.82
C GLY D 653 -20.89 -20.09 -72.50
N ARG D 654 -20.17 -19.06 -72.88
CA ARG D 654 -20.65 -17.70 -72.66
C ARG D 654 -21.82 -17.33 -73.58
N PHE D 655 -22.82 -16.67 -73.02
CA PHE D 655 -24.05 -16.37 -73.74
C PHE D 655 -23.78 -15.48 -74.96
N ILE D 656 -22.91 -14.50 -74.80
CA ILE D 656 -22.48 -13.67 -75.92
C ILE D 656 -20.96 -13.59 -75.93
N ARG D 657 -20.39 -13.48 -77.10
CA ARG D 657 -18.96 -13.28 -77.20
C ARG D 657 -18.59 -11.80 -77.09
N ALA D 658 -17.35 -11.55 -76.68
CA ALA D 658 -16.84 -10.21 -76.43
C ALA D 658 -17.06 -9.30 -77.62
N THR D 659 -16.89 -9.85 -78.80
CA THR D 659 -17.07 -9.07 -80.05
C THR D 659 -18.53 -8.75 -80.35
N GLY D 660 -19.46 -9.43 -79.69
CA GLY D 660 -20.89 -9.24 -79.94
C GLY D 660 -21.55 -10.32 -80.80
N ASN D 661 -20.74 -11.21 -81.36
CA ASN D 661 -21.26 -12.40 -82.03
C ASN D 661 -21.97 -13.35 -81.07
N ARG D 662 -22.93 -14.09 -81.59
CA ARG D 662 -23.56 -15.20 -80.89
C ARG D 662 -22.61 -16.05 -80.09
N GLY D 663 -22.97 -16.27 -78.84
CA GLY D 663 -22.38 -17.29 -78.01
C GLY D 663 -23.24 -18.53 -78.04
N SER D 664 -23.50 -19.09 -76.86
CA SER D 664 -24.21 -20.38 -76.78
C SER D 664 -24.95 -20.50 -75.45
N TYR D 665 -25.78 -21.55 -75.38
CA TYR D 665 -26.40 -21.97 -74.14
C TYR D 665 -26.69 -23.47 -74.20
N ALA D 666 -27.07 -24.06 -73.09
CA ALA D 666 -27.29 -25.48 -73.03
C ALA D 666 -28.76 -25.75 -72.80
N GLN D 667 -29.29 -26.73 -73.53
CA GLN D 667 -30.60 -27.25 -73.31
C GLN D 667 -30.50 -28.71 -72.82
N ILE D 668 -31.14 -28.99 -71.68
CA ILE D 668 -31.17 -30.32 -71.09
C ILE D 668 -32.58 -30.82 -71.17
N THR D 669 -32.77 -31.94 -71.89
CA THR D 669 -34.07 -32.61 -71.99
C THR D 669 -33.94 -34.04 -71.40
N VAL D 670 -34.73 -34.32 -70.37
CA VAL D 670 -34.61 -35.58 -69.66
C VAL D 670 -35.92 -36.34 -69.73
N GLN D 671 -35.85 -37.58 -70.21
CA GLN D 671 -37.03 -38.44 -70.25
C GLN D 671 -37.61 -38.55 -68.87
N CYS D 672 -38.93 -38.55 -68.84
CA CYS D 672 -39.67 -38.67 -67.63
C CYS D 672 -39.40 -40.03 -66.96
N PRO D 673 -39.19 -40.04 -65.64
CA PRO D 673 -38.74 -41.25 -64.96
C PRO D 673 -39.83 -42.31 -64.98
N VAL D 689 -34.81 -48.54 -53.13
CA VAL D 689 -34.53 -47.21 -53.71
C VAL D 689 -33.91 -47.34 -55.10
N TYR D 690 -33.91 -46.26 -55.87
CA TYR D 690 -33.53 -46.33 -57.28
C TYR D 690 -32.46 -45.30 -57.65
N LEU D 691 -31.45 -45.73 -58.41
CA LEU D 691 -30.52 -44.80 -59.01
C LEU D 691 -31.20 -44.10 -60.17
N HIS D 692 -31.20 -42.78 -60.13
CA HIS D 692 -31.58 -41.98 -61.28
C HIS D 692 -30.50 -42.37 -62.24
N ASN D 693 -30.78 -42.49 -63.52
CA ASN D 693 -29.64 -42.81 -64.38
C ASN D 693 -29.69 -41.72 -65.37
N VAL D 694 -29.39 -40.52 -64.90
CA VAL D 694 -29.75 -39.34 -65.69
C VAL D 694 -29.03 -39.40 -67.01
N TRP D 695 -27.78 -39.86 -66.95
CA TRP D 695 -26.97 -40.01 -68.14
C TRP D 695 -27.61 -40.85 -69.21
N LYS D 696 -28.43 -41.83 -68.83
CA LYS D 696 -29.12 -42.67 -69.80
C LYS D 696 -30.39 -42.02 -70.34
N ARG D 697 -30.91 -41.02 -69.64
CA ARG D 697 -32.22 -40.43 -69.96
C ARG D 697 -32.14 -38.96 -70.44
N ALA D 698 -30.95 -38.36 -70.35
CA ALA D 698 -30.80 -36.95 -70.60
C ALA D 698 -30.19 -36.72 -71.95
N ARG D 699 -30.69 -35.73 -72.69
CA ARG D 699 -30.03 -35.25 -73.88
C ARG D 699 -29.65 -33.78 -73.67
N VAL D 700 -28.39 -33.45 -73.97
CA VAL D 700 -27.89 -32.08 -73.83
C VAL D 700 -27.52 -31.48 -75.19
N ASP D 701 -28.20 -30.40 -75.59
CA ASP D 701 -27.86 -29.71 -76.82
C ASP D 701 -27.18 -28.42 -76.48
N LEU D 702 -26.15 -28.09 -77.27
CA LEU D 702 -25.46 -26.83 -77.13
C LEU D 702 -25.84 -25.98 -78.31
N ILE D 703 -26.60 -24.93 -78.04
CA ILE D 703 -27.31 -24.21 -79.06
C ILE D 703 -26.74 -22.81 -79.20
N ALA D 704 -26.56 -22.36 -80.45
CA ALA D 704 -26.13 -20.99 -80.73
C ALA D 704 -27.21 -20.05 -80.21
#